data_5GWK
#
_entry.id   5GWK
#
_cell.length_a   105.113
_cell.length_b   126.155
_cell.length_c   198.856
_cell.angle_alpha   90.00
_cell.angle_beta   90.00
_cell.angle_gamma   90.00
#
_symmetry.space_group_name_H-M   'P 21 2 21'
#
loop_
_entity.id
_entity.type
_entity.pdbx_description
1 polymer 'DNA topoisomerase 2-alpha'
2 polymer "DNA (5'-D(P*AP*GP*CP*CP*GP*AP*GP*C)-3')"
3 polymer "DNA (5'-D(P*TP*GP*CP*AP*GP*CP*TP*CP*GP*GP*CP*T)-3')"
4 non-polymer 'MAGNESIUM ION'
5 non-polymer "(5S,5aR,8aR,9R)-9-(4-hydroxy-3,5-dimethoxyphenyl)-8-oxo-5,5a,6,8,8a,9-hexahydrofuro[3',4':6,7]naphtho[2,3-d][1,3]dioxol -5-yl 4,6-O-[(1R)-ethylidene]-beta-D-glucopyranoside"
#
loop_
_entity_poly.entity_id
_entity_poly.type
_entity_poly.pdbx_seq_one_letter_code
_entity_poly.pdbx_strand_id
1 'polypeptide(L)'
;MASWSHPQFEKGADDDDKVPDPTSVDAVKHNRIKGIPKLDDANDAGGRNSTECTLILTEGDSAKTLAVSGLGVVGRDKYG
VFPLRGKILNVREASHKQIMENAEINNIIKIVGLQYKKNYEDEDSLKTLRYGKIMIMTDQDQDGSHIKGLLINFIHHNWP
SLLRHRFLEEFITPIVKVSKNKQEMAFYSLPEFEEWKSSTPNHKKWKVKYYKGLGTSTSKEAKEYFADMKRHRIQFKYSG
PEDDAAISLAFSKKQIDDRKEWLTNFMEDRRQRKLLGLPEDYLYGQTTTYLTYNDFINKELILFSNSDNERSIPSMVDGL
KPGQRKVLFTCFKRNDKREVKVAQLAGSVAEMSSYHHGEMSLMMTIINLAQNFVGSNNLNLLQPIGQFGTRLHGGKDSAS
PRYIFTMLSSLARLLFPPKDDHTLKFLYDDNQRVEPEWYIPIIPMVLINGAEGIGTGWSCKIPNFDVREIVNNIRRLMDG
EEPLPMLPSYKNFKGTIEELAPNQYVISGEVAILNSTTIEISELPVRTWTQTYKEQVLEPMLNGTEKTPPLITDYREYHT
DTTVKFVVKMTEEKLAEAERVGLHKVFKLQTSLTCNSMVLFDHVGCLKKYDTVLDILRDFFELRLKYYGLRKEWLLGMLG
AESAKLNNQARFILEKIDGKIIIENKPKKELIKVLIQRGYDSDPVKAWKEAQQKVPDEEENEESDNEKETEKSDSVTDSG
PTFNYLLDMPLWYLTKEKKDELCRLRNEKEQELDTLKRKSPSDLWKEDLATFIEELEAVEAKEKQDGAPGFSSISAHHHH
HHHHHH
;
A,B
2 'polydeoxyribonucleotide' (DA)(DG)(DC)(DC)(DG)(DA)(DG)(DC) C,E
3 'polydeoxyribonucleotide' (DT)(DG)(DC)(DA)(DG)(DC)(DT)(DC)(DG)(DG)(DC)(DT) D,F
#
# COMPACT_ATOMS: atom_id res chain seq x y z
N LYS A 34 30.36 -8.94 -20.82
CA LYS A 34 31.49 -9.85 -20.66
C LYS A 34 31.51 -10.50 -19.26
N GLY A 35 30.38 -10.48 -18.59
CA GLY A 35 30.28 -11.08 -17.27
C GLY A 35 29.51 -10.27 -16.24
N ILE A 36 28.72 -9.29 -16.72
CA ILE A 36 27.93 -8.46 -15.82
C ILE A 36 26.44 -8.60 -16.08
N PRO A 37 25.67 -8.92 -15.03
CA PRO A 37 24.21 -9.04 -15.13
C PRO A 37 23.52 -7.70 -15.39
N LYS A 38 22.24 -7.74 -15.73
CA LYS A 38 21.45 -6.54 -16.02
C LYS A 38 22.04 -5.72 -17.17
N LEU A 39 22.86 -6.35 -18.00
CA LEU A 39 23.55 -5.64 -19.07
C LEU A 39 23.09 -6.07 -20.45
N ASP A 40 22.65 -5.10 -21.25
CA ASP A 40 22.33 -5.33 -22.65
C ASP A 40 23.42 -4.73 -23.51
N ASP A 41 24.62 -5.32 -23.44
CA ASP A 41 25.80 -4.81 -24.11
C ASP A 41 25.63 -4.77 -25.62
N ALA A 42 26.28 -3.80 -26.26
CA ALA A 42 26.23 -3.65 -27.71
C ALA A 42 26.98 -4.79 -28.40
N ASN A 43 26.65 -5.03 -29.65
CA ASN A 43 27.27 -6.11 -30.41
C ASN A 43 28.57 -5.66 -31.07
N ASP A 44 28.63 -4.38 -31.42
CA ASP A 44 29.81 -3.81 -32.07
C ASP A 44 30.79 -3.23 -31.06
N ALA A 45 30.71 -3.69 -29.82
CA ALA A 45 31.58 -3.19 -28.76
C ALA A 45 32.85 -4.02 -28.67
N GLY A 46 33.98 -3.37 -28.92
CA GLY A 46 35.28 -4.03 -28.86
C GLY A 46 35.77 -4.41 -30.25
N GLY A 47 35.40 -3.60 -31.24
CA GLY A 47 35.80 -3.84 -32.62
C GLY A 47 36.37 -2.61 -33.28
N ARG A 48 36.30 -2.56 -34.61
CA ARG A 48 36.79 -1.41 -35.36
C ARG A 48 35.90 -0.19 -35.14
N ASN A 49 34.59 -0.42 -35.08
CA ASN A 49 33.63 0.64 -34.84
C ASN A 49 33.29 0.76 -33.35
N SER A 50 34.31 0.68 -32.51
CA SER A 50 34.10 0.77 -31.07
C SER A 50 33.77 2.21 -30.68
N THR A 51 34.39 3.16 -31.36
CA THR A 51 34.16 4.57 -31.08
C THR A 51 32.84 5.05 -31.67
N GLU A 52 32.18 4.17 -32.45
CA GLU A 52 30.91 4.50 -33.05
C GLU A 52 29.74 3.94 -32.24
N CYS A 53 30.04 3.46 -31.04
CA CYS A 53 29.02 2.88 -30.18
C CYS A 53 28.63 3.84 -29.06
N THR A 54 27.42 3.65 -28.53
CA THR A 54 26.92 4.51 -27.47
C THR A 54 26.37 3.68 -26.31
N LEU A 55 26.74 4.04 -25.09
CA LEU A 55 26.26 3.36 -23.90
C LEU A 55 25.26 4.24 -23.14
N ILE A 56 24.07 3.69 -22.90
CA ILE A 56 23.03 4.43 -22.21
C ILE A 56 22.97 4.04 -20.74
N LEU A 57 23.43 4.94 -19.87
CA LEU A 57 23.31 4.73 -18.43
C LEU A 57 21.96 5.27 -17.96
N THR A 58 21.16 4.39 -17.36
CA THR A 58 19.79 4.74 -17.01
C THR A 58 19.57 4.84 -15.51
N GLU A 59 18.53 5.58 -15.12
CA GLU A 59 18.18 5.72 -13.72
C GLU A 59 17.31 4.54 -13.29
N GLY A 60 17.95 3.42 -12.98
CA GLY A 60 17.21 2.24 -12.53
C GLY A 60 16.92 1.25 -13.64
N ASP A 61 16.30 0.14 -13.27
CA ASP A 61 16.00 -0.93 -14.21
C ASP A 61 14.73 -0.63 -15.00
N SER A 62 13.82 0.12 -14.39
CA SER A 62 12.60 0.56 -15.06
C SER A 62 12.95 1.44 -16.25
N ALA A 63 13.96 2.29 -16.07
CA ALA A 63 14.47 3.16 -17.12
C ALA A 63 15.12 2.35 -18.25
N LYS A 64 15.76 1.25 -17.88
CA LYS A 64 16.38 0.35 -18.85
C LYS A 64 15.36 -0.20 -19.84
N THR A 65 14.21 -0.62 -19.32
CA THR A 65 13.13 -1.14 -20.15
C THR A 65 12.64 -0.12 -21.17
N LEU A 66 12.53 1.14 -20.75
CA LEU A 66 12.08 2.20 -21.63
C LEU A 66 13.08 2.42 -22.77
N ALA A 67 14.37 2.40 -22.44
CA ALA A 67 15.42 2.55 -23.44
C ALA A 67 15.40 1.39 -24.42
N VAL A 68 15.24 0.18 -23.89
CA VAL A 68 15.20 -1.03 -24.71
C VAL A 68 14.01 -0.98 -25.66
N SER A 69 12.86 -0.58 -25.13
CA SER A 69 11.64 -0.46 -25.92
C SER A 69 11.76 0.62 -26.99
N GLY A 70 12.47 1.69 -26.65
CA GLY A 70 12.64 2.80 -27.57
C GLY A 70 13.55 2.53 -28.75
N LEU A 71 14.60 1.73 -28.54
CA LEU A 71 15.56 1.47 -29.61
C LEU A 71 15.00 0.47 -30.62
N GLY A 72 13.94 -0.23 -30.22
CA GLY A 72 13.33 -1.25 -31.06
C GLY A 72 12.51 -0.64 -32.17
N VAL A 73 12.12 -1.45 -33.16
CA VAL A 73 12.51 -2.86 -33.22
C VAL A 73 13.81 -3.15 -33.99
N VAL A 74 14.16 -2.28 -34.94
CA VAL A 74 15.34 -2.50 -35.77
C VAL A 74 16.64 -1.88 -35.25
N GLY A 75 16.53 -0.88 -34.37
CA GLY A 75 17.72 -0.23 -33.84
C GLY A 75 18.37 -0.98 -32.69
N ARG A 76 19.56 -1.51 -32.93
CA ARG A 76 20.32 -2.20 -31.90
C ARG A 76 21.80 -2.20 -32.32
N ASP A 77 22.57 -3.16 -31.84
CA ASP A 77 23.99 -3.32 -32.17
C ASP A 77 24.86 -2.12 -31.78
N LYS A 78 24.42 -0.92 -32.13
CA LYS A 78 25.18 0.30 -31.89
C LYS A 78 24.91 0.89 -30.50
N TYR A 79 23.79 0.50 -29.90
CA TYR A 79 23.38 1.06 -28.62
C TYR A 79 23.28 0.02 -27.51
N GLY A 80 23.92 0.32 -26.39
CA GLY A 80 23.87 -0.53 -25.21
C GLY A 80 23.19 0.17 -24.04
N VAL A 81 22.60 -0.62 -23.14
CA VAL A 81 21.87 -0.08 -22.00
C VAL A 81 22.36 -0.71 -20.69
N PHE A 82 22.59 0.13 -19.68
CA PHE A 82 22.96 -0.36 -18.36
C PHE A 82 22.36 0.51 -17.25
N PRO A 83 21.64 -0.12 -16.31
CA PRO A 83 20.93 0.56 -15.23
C PRO A 83 21.82 0.89 -14.02
N LEU A 84 21.69 2.11 -13.52
CA LEU A 84 22.37 2.51 -12.29
C LEU A 84 21.40 2.40 -11.12
N ARG A 85 21.81 1.68 -10.08
CA ARG A 85 20.93 1.44 -8.94
C ARG A 85 20.90 2.67 -8.03
N GLY A 86 20.35 3.76 -8.54
CA GLY A 86 20.23 4.99 -7.78
C GLY A 86 21.42 5.92 -7.96
N LYS A 87 21.62 6.80 -6.98
CA LYS A 87 22.72 7.75 -7.02
C LYS A 87 24.05 7.07 -6.72
N ILE A 88 25.06 7.37 -7.52
CA ILE A 88 26.36 6.72 -7.42
C ILE A 88 27.31 7.42 -6.46
N LEU A 89 28.55 6.98 -6.46
CA LEU A 89 29.55 7.44 -5.51
C LEU A 89 30.30 8.70 -5.96
N ASN A 90 30.46 9.64 -5.04
CA ASN A 90 31.29 10.82 -5.25
C ASN A 90 32.75 10.46 -4.98
N VAL A 91 33.55 10.39 -6.05
CA VAL A 91 34.91 9.89 -5.94
C VAL A 91 35.97 10.98 -5.88
N ARG A 92 35.54 12.22 -5.62
CA ARG A 92 36.48 13.34 -5.59
C ARG A 92 37.32 13.35 -4.32
N GLU A 93 36.70 13.01 -3.19
CA GLU A 93 37.42 12.91 -1.92
C GLU A 93 37.22 11.56 -1.25
N ALA A 94 36.76 10.58 -2.01
CA ALA A 94 36.51 9.24 -1.48
C ALA A 94 37.83 8.50 -1.24
N SER A 95 37.84 7.64 -0.22
CA SER A 95 39.03 6.88 0.12
C SER A 95 39.36 5.83 -0.94
N HIS A 96 40.60 5.37 -0.95
CA HIS A 96 41.04 4.35 -1.90
C HIS A 96 40.28 3.05 -1.73
N LYS A 97 40.02 2.70 -0.47
CA LYS A 97 39.32 1.45 -0.15
C LYS A 97 37.89 1.43 -0.71
N GLN A 98 37.20 2.55 -0.56
CA GLN A 98 35.80 2.64 -0.97
C GLN A 98 35.61 2.65 -2.49
N ILE A 99 36.50 3.35 -3.19
CA ILE A 99 36.41 3.46 -4.64
C ILE A 99 36.61 2.11 -5.31
N MET A 100 37.62 1.37 -4.86
CA MET A 100 37.93 0.07 -5.44
C MET A 100 36.87 -0.97 -5.08
N GLU A 101 36.22 -0.78 -3.93
CA GLU A 101 35.20 -1.71 -3.47
C GLU A 101 33.79 -1.22 -3.80
N ASN A 102 33.68 -0.43 -4.87
CA ASN A 102 32.37 0.03 -5.33
C ASN A 102 31.92 -0.72 -6.58
N ALA A 103 30.80 -1.43 -6.46
CA ALA A 103 30.32 -2.27 -7.55
C ALA A 103 29.84 -1.45 -8.75
N GLU A 104 29.19 -0.33 -8.47
CA GLU A 104 28.62 0.51 -9.53
C GLU A 104 29.65 1.01 -10.53
N ILE A 105 30.69 1.68 -10.04
CA ILE A 105 31.70 2.28 -10.92
C ILE A 105 32.58 1.20 -11.58
N ASN A 106 32.76 0.07 -10.90
CA ASN A 106 33.54 -1.02 -11.46
C ASN A 106 32.87 -1.64 -12.68
N ASN A 107 31.55 -1.66 -12.69
CA ASN A 107 30.81 -2.17 -13.83
C ASN A 107 30.95 -1.26 -15.05
N ILE A 108 30.84 0.05 -14.82
CA ILE A 108 30.97 1.03 -15.90
C ILE A 108 32.38 0.96 -16.51
N ILE A 109 33.39 0.90 -15.66
CA ILE A 109 34.77 0.82 -16.09
C ILE A 109 35.02 -0.43 -16.94
N LYS A 110 34.46 -1.56 -16.50
CA LYS A 110 34.62 -2.81 -17.22
C LYS A 110 33.88 -2.81 -18.56
N ILE A 111 32.68 -2.26 -18.57
CA ILE A 111 31.85 -2.24 -19.77
C ILE A 111 32.41 -1.30 -20.85
N VAL A 112 32.74 -0.07 -20.45
CA VAL A 112 33.28 0.90 -21.40
C VAL A 112 34.71 0.53 -21.79
N GLY A 113 35.43 -0.08 -20.84
CA GLY A 113 36.81 -0.46 -21.08
C GLY A 113 37.76 0.63 -20.63
N LEU A 114 37.29 1.47 -19.72
CA LEU A 114 38.10 2.58 -19.21
C LEU A 114 39.28 2.07 -18.39
N GLN A 115 40.36 2.84 -18.38
CA GLN A 115 41.55 2.50 -17.61
C GLN A 115 41.90 3.61 -16.64
N TYR A 116 42.22 3.25 -15.40
CA TYR A 116 42.55 4.23 -14.37
C TYR A 116 43.82 4.99 -14.70
N LYS A 117 43.76 6.31 -14.54
CA LYS A 117 44.92 7.19 -14.71
C LYS A 117 45.52 7.07 -16.11
N LYS A 118 44.66 6.95 -17.11
CA LYS A 118 45.10 6.88 -18.50
C LYS A 118 44.75 8.17 -19.24
N ASN A 119 45.70 8.67 -20.03
CA ASN A 119 45.49 9.89 -20.80
C ASN A 119 44.84 9.58 -22.15
N TYR A 120 43.79 10.33 -22.48
CA TYR A 120 43.06 10.09 -23.72
C TYR A 120 43.09 11.30 -24.67
N GLU A 121 44.18 12.06 -24.62
CA GLU A 121 44.35 13.21 -25.50
C GLU A 121 44.52 12.80 -26.96
N ASP A 122 45.33 11.78 -27.20
CA ASP A 122 45.51 11.25 -28.55
C ASP A 122 44.27 10.50 -29.01
N GLU A 123 43.98 10.59 -30.30
CA GLU A 123 42.78 9.97 -30.86
C GLU A 123 42.91 8.46 -31.01
N ASP A 124 44.08 7.92 -30.70
CA ASP A 124 44.32 6.49 -30.83
C ASP A 124 43.94 5.74 -29.55
N SER A 125 44.07 6.41 -28.41
CA SER A 125 43.76 5.81 -27.13
C SER A 125 42.27 5.58 -26.96
N LEU A 126 41.47 6.37 -27.67
CA LEU A 126 40.02 6.24 -27.60
C LEU A 126 39.51 4.99 -28.31
N LYS A 127 40.36 4.41 -29.16
CA LYS A 127 39.99 3.20 -29.89
C LYS A 127 40.08 1.98 -28.99
N THR A 128 40.75 2.14 -27.85
CA THR A 128 40.93 1.06 -26.90
C THR A 128 39.63 0.72 -26.16
N LEU A 129 38.81 1.74 -25.96
CA LEU A 129 37.55 1.57 -25.24
C LEU A 129 36.56 0.76 -26.07
N ARG A 130 35.56 0.20 -25.41
CA ARG A 130 34.55 -0.61 -26.10
C ARG A 130 33.39 0.25 -26.60
N TYR A 131 33.15 1.35 -25.90
CA TYR A 131 32.10 2.29 -26.28
C TYR A 131 32.68 3.65 -26.66
N GLY A 132 32.00 4.36 -27.55
CA GLY A 132 32.47 5.64 -28.02
C GLY A 132 31.97 6.81 -27.19
N LYS A 133 30.67 6.79 -26.88
CA LYS A 133 30.05 7.85 -26.10
C LYS A 133 29.11 7.28 -25.04
N ILE A 134 29.01 7.97 -23.91
CA ILE A 134 28.08 7.57 -22.85
C ILE A 134 26.94 8.57 -22.73
N MET A 135 25.72 8.10 -22.95
CA MET A 135 24.54 8.95 -22.85
C MET A 135 23.78 8.67 -21.56
N ILE A 136 23.65 9.69 -20.72
CA ILE A 136 22.99 9.54 -19.42
C ILE A 136 21.50 9.83 -19.52
N MET A 137 20.68 8.81 -19.32
CA MET A 137 19.24 8.96 -19.41
C MET A 137 18.58 8.76 -18.05
N THR A 138 18.20 9.86 -17.41
CA THR A 138 17.56 9.81 -16.10
C THR A 138 16.17 10.42 -16.13
N ASP A 139 15.54 10.52 -14.97
CA ASP A 139 14.27 11.23 -14.85
C ASP A 139 14.44 12.70 -15.21
N GLN A 140 13.33 13.40 -15.42
CA GLN A 140 13.39 14.84 -15.68
C GLN A 140 13.18 15.62 -14.39
N ASP A 141 13.61 15.03 -13.27
CA ASP A 141 13.49 15.69 -11.97
C ASP A 141 14.86 16.15 -11.45
N GLN A 142 14.86 16.85 -10.32
CA GLN A 142 16.09 17.38 -9.74
C GLN A 142 17.08 16.29 -9.36
N ASP A 143 16.57 15.15 -8.90
CA ASP A 143 17.43 14.04 -8.51
C ASP A 143 18.16 13.45 -9.70
N GLY A 144 17.49 13.40 -10.84
CA GLY A 144 18.10 12.95 -12.07
C GLY A 144 19.27 13.83 -12.46
N SER A 145 19.11 15.13 -12.24
CA SER A 145 20.17 16.09 -12.50
C SER A 145 21.37 15.81 -11.63
N HIS A 146 21.13 15.43 -10.38
CA HIS A 146 22.21 15.12 -9.45
C HIS A 146 23.00 13.90 -9.93
N ILE A 147 22.29 12.93 -10.49
CA ILE A 147 22.91 11.73 -11.03
C ILE A 147 23.82 12.07 -12.20
N LYS A 148 23.31 12.89 -13.12
CA LYS A 148 24.11 13.38 -14.24
C LYS A 148 25.38 14.05 -13.72
N GLY A 149 25.21 14.88 -12.70
CA GLY A 149 26.33 15.59 -12.10
C GLY A 149 27.35 14.64 -11.51
N LEU A 150 26.87 13.56 -10.90
CA LEU A 150 27.76 12.58 -10.29
C LEU A 150 28.56 11.82 -11.35
N LEU A 151 27.93 11.51 -12.47
CA LEU A 151 28.62 10.88 -13.59
C LEU A 151 29.69 11.79 -14.16
N ILE A 152 29.34 13.05 -14.37
CA ILE A 152 30.28 14.04 -14.87
C ILE A 152 31.45 14.21 -13.91
N ASN A 153 31.15 14.28 -12.62
CA ASN A 153 32.18 14.39 -11.60
C ASN A 153 33.14 13.23 -11.62
N PHE A 154 32.60 12.03 -11.87
CA PHE A 154 33.40 10.81 -11.97
C PHE A 154 34.40 10.88 -13.11
N ILE A 155 33.91 11.26 -14.29
CA ILE A 155 34.74 11.36 -15.48
C ILE A 155 35.77 12.48 -15.37
N HIS A 156 35.31 13.66 -14.93
CA HIS A 156 36.17 14.84 -14.83
C HIS A 156 37.35 14.63 -13.89
N HIS A 157 37.09 13.96 -12.77
CA HIS A 157 38.13 13.76 -11.76
C HIS A 157 39.17 12.72 -12.20
N ASN A 158 38.70 11.60 -12.75
CA ASN A 158 39.58 10.52 -13.13
C ASN A 158 40.23 10.71 -14.50
N TRP A 159 39.49 11.28 -15.44
CA TRP A 159 40.01 11.49 -16.79
C TRP A 159 39.65 12.86 -17.35
N PRO A 160 40.38 13.90 -16.93
CA PRO A 160 40.13 15.26 -17.44
C PRO A 160 40.37 15.36 -18.94
N SER A 161 41.21 14.48 -19.47
CA SER A 161 41.54 14.48 -20.89
C SER A 161 40.36 13.98 -21.71
N LEU A 162 39.61 13.04 -21.14
CA LEU A 162 38.45 12.44 -21.80
C LEU A 162 37.32 13.45 -21.92
N LEU A 163 37.26 14.37 -20.97
CA LEU A 163 36.20 15.36 -20.91
C LEU A 163 36.32 16.40 -22.02
N ARG A 164 37.53 16.54 -22.55
CA ARG A 164 37.80 17.53 -23.60
C ARG A 164 37.75 16.90 -25.00
N HIS A 165 37.02 15.81 -25.13
CA HIS A 165 36.90 15.12 -26.41
C HIS A 165 35.44 14.85 -26.77
N ARG A 166 34.53 15.54 -26.09
CA ARG A 166 33.09 15.37 -26.29
C ARG A 166 32.68 13.90 -26.11
N PHE A 167 32.93 13.37 -24.92
CA PHE A 167 32.70 11.95 -24.65
C PHE A 167 31.35 11.70 -23.98
N LEU A 168 30.87 12.69 -23.22
CA LEU A 168 29.63 12.53 -22.48
C LEU A 168 28.46 13.29 -23.12
N GLU A 169 27.28 12.69 -23.03
CA GLU A 169 26.05 13.33 -23.50
C GLU A 169 24.87 12.87 -22.64
N GLU A 170 23.70 13.46 -22.86
CA GLU A 170 22.53 13.11 -22.06
C GLU A 170 21.27 12.97 -22.92
N PHE A 171 20.43 12.00 -22.55
CA PHE A 171 19.14 11.82 -23.21
C PHE A 171 18.04 12.41 -22.34
N ILE A 172 17.35 13.42 -22.88
CA ILE A 172 16.33 14.13 -22.11
C ILE A 172 14.94 13.63 -22.50
N THR A 173 14.05 13.58 -21.51
CA THR A 173 12.67 13.15 -21.72
C THR A 173 11.71 14.21 -21.21
N PRO A 174 10.53 14.33 -21.84
CA PRO A 174 9.56 15.35 -21.43
C PRO A 174 9.00 15.10 -20.03
N ILE A 175 8.44 16.14 -19.42
CA ILE A 175 7.87 16.02 -18.08
C ILE A 175 6.38 16.35 -18.09
N VAL A 176 5.95 17.13 -19.08
CA VAL A 176 4.53 17.45 -19.25
C VAL A 176 4.14 17.37 -20.72
N LYS A 177 2.98 16.78 -20.99
CA LYS A 177 2.46 16.70 -22.35
C LYS A 177 1.03 17.23 -22.43
N VAL A 178 0.72 17.90 -23.53
CA VAL A 178 -0.61 18.42 -23.76
C VAL A 178 -1.16 18.02 -25.13
N SER A 179 -2.47 17.83 -25.20
CA SER A 179 -3.13 17.48 -26.46
C SER A 179 -4.62 17.79 -26.40
N LYS A 180 -5.11 18.48 -27.43
CA LYS A 180 -6.51 18.87 -27.51
C LYS A 180 -7.31 17.98 -28.46
N ASN A 181 -6.80 17.82 -29.67
CA ASN A 181 -7.44 16.97 -30.67
C ASN A 181 -6.59 15.74 -30.94
N LYS A 182 -5.91 15.74 -32.09
CA LYS A 182 -4.99 14.67 -32.43
C LYS A 182 -3.57 15.24 -32.54
N GLN A 183 -3.41 16.48 -32.08
CA GLN A 183 -2.10 17.13 -32.04
C GLN A 183 -1.52 17.07 -30.64
N GLU A 184 -0.20 16.88 -30.56
CA GLU A 184 0.47 16.68 -29.27
C GLU A 184 1.69 17.59 -29.11
N MET A 185 1.88 18.10 -27.90
CA MET A 185 3.02 18.95 -27.58
C MET A 185 3.69 18.51 -26.28
N ALA A 186 5.01 18.58 -26.24
CA ALA A 186 5.77 18.12 -25.07
C ALA A 186 6.60 19.23 -24.46
N PHE A 187 6.71 19.21 -23.13
CA PHE A 187 7.53 20.17 -22.39
C PHE A 187 8.59 19.43 -21.58
N TYR A 188 9.76 20.05 -21.43
CA TYR A 188 10.89 19.38 -20.80
C TYR A 188 11.29 20.03 -19.49
N SER A 189 10.41 20.89 -18.98
CA SER A 189 10.59 21.51 -17.67
C SER A 189 9.28 22.13 -17.21
N LEU A 190 9.07 22.17 -15.90
CA LEU A 190 7.88 22.79 -15.32
C LEU A 190 7.74 24.30 -15.65
N PRO A 191 8.85 25.06 -15.60
CA PRO A 191 8.71 26.47 -16.02
C PRO A 191 8.26 26.64 -17.46
N GLU A 192 8.70 25.75 -18.34
CA GLU A 192 8.29 25.81 -19.75
C GLU A 192 6.79 25.59 -19.88
N PHE A 193 6.26 24.60 -19.16
CA PHE A 193 4.83 24.31 -19.18
C PHE A 193 4.01 25.46 -18.61
N GLU A 194 4.51 26.07 -17.54
CA GLU A 194 3.83 27.21 -16.92
C GLU A 194 3.84 28.41 -17.84
N GLU A 195 4.96 28.62 -18.53
CA GLU A 195 5.08 29.71 -19.49
C GLU A 195 4.12 29.49 -20.66
N TRP A 196 3.90 28.23 -21.02
CA TRP A 196 2.98 27.88 -22.09
C TRP A 196 1.54 28.18 -21.73
N LYS A 197 1.17 27.91 -20.48
CA LYS A 197 -0.19 28.19 -20.01
C LYS A 197 -0.47 29.69 -19.97
N SER A 198 0.61 30.47 -19.85
CA SER A 198 0.50 31.92 -19.87
C SER A 198 0.28 32.42 -21.29
N SER A 199 1.00 31.84 -22.24
CA SER A 199 0.92 32.24 -23.64
C SER A 199 -0.37 31.74 -24.31
N THR A 200 -0.79 30.53 -23.94
CA THR A 200 -1.98 29.94 -24.53
C THR A 200 -3.21 30.25 -23.67
N PRO A 201 -4.17 30.98 -24.23
CA PRO A 201 -5.40 31.36 -23.53
C PRO A 201 -6.22 30.15 -23.08
N ASN A 202 -6.57 29.30 -24.04
CA ASN A 202 -7.39 28.12 -23.77
C ASN A 202 -6.55 26.90 -23.38
N HIS A 203 -5.78 27.03 -22.32
CA HIS A 203 -4.92 25.94 -21.86
C HIS A 203 -5.70 24.85 -21.16
N LYS A 204 -6.95 25.13 -20.82
CA LYS A 204 -7.80 24.17 -20.12
C LYS A 204 -8.51 23.23 -21.08
N LYS A 205 -8.45 23.54 -22.38
CA LYS A 205 -9.09 22.72 -23.41
C LYS A 205 -8.16 21.59 -23.84
N TRP A 206 -7.01 21.49 -23.20
CA TRP A 206 -6.01 20.48 -23.54
C TRP A 206 -5.85 19.46 -22.40
N LYS A 207 -5.58 18.22 -22.77
CA LYS A 207 -5.26 17.20 -21.78
C LYS A 207 -3.92 17.52 -21.13
N VAL A 208 -3.79 17.24 -19.84
CA VAL A 208 -2.53 17.46 -19.13
C VAL A 208 -2.01 16.16 -18.52
N LYS A 209 -0.85 15.71 -18.99
CA LYS A 209 -0.26 14.47 -18.49
C LYS A 209 1.11 14.70 -17.85
N TYR A 210 1.18 14.55 -16.54
CA TYR A 210 2.43 14.68 -15.81
C TYR A 210 3.25 13.40 -15.88
N TYR A 211 4.57 13.56 -16.03
CA TYR A 211 5.47 12.41 -16.08
C TYR A 211 6.37 12.37 -14.85
N LYS A 212 5.98 11.56 -13.86
CA LYS A 212 6.73 11.44 -12.62
C LYS A 212 8.15 10.92 -12.86
N GLY A 213 8.29 10.09 -13.89
CA GLY A 213 9.57 9.51 -14.24
C GLY A 213 9.50 8.78 -15.57
N LEU A 214 10.57 8.06 -15.88
CA LEU A 214 10.65 7.32 -17.13
C LEU A 214 9.64 6.18 -17.19
N GLY A 215 9.22 5.72 -16.02
CA GLY A 215 8.23 4.65 -15.93
C GLY A 215 6.86 5.08 -16.44
N THR A 216 6.61 6.37 -16.42
CA THR A 216 5.33 6.92 -16.87
C THR A 216 5.15 6.74 -18.38
N SER A 217 6.24 6.88 -19.12
CA SER A 217 6.21 6.76 -20.57
C SER A 217 5.94 5.32 -21.00
N THR A 218 5.10 5.16 -22.03
CA THR A 218 4.73 3.85 -22.53
C THR A 218 5.76 3.34 -23.53
N SER A 219 5.57 2.11 -24.00
CA SER A 219 6.46 1.52 -24.99
C SER A 219 6.37 2.27 -26.31
N LYS A 220 5.15 2.66 -26.69
CA LYS A 220 4.93 3.41 -27.90
C LYS A 220 5.61 4.77 -27.85
N GLU A 221 5.47 5.46 -26.73
CA GLU A 221 6.10 6.76 -26.53
C GLU A 221 7.62 6.65 -26.47
N ALA A 222 8.11 5.51 -25.97
CA ALA A 222 9.54 5.26 -25.92
C ALA A 222 10.12 5.19 -27.32
N LYS A 223 9.40 4.50 -28.20
CA LYS A 223 9.78 4.37 -29.59
C LYS A 223 9.81 5.73 -30.29
N GLU A 224 8.83 6.58 -29.95
CA GLU A 224 8.73 7.91 -30.54
C GLU A 224 9.86 8.83 -30.07
N TYR A 225 10.39 8.58 -28.88
CA TYR A 225 11.49 9.39 -28.36
C TYR A 225 12.77 9.17 -29.16
N PHE A 226 13.13 7.90 -29.35
CA PHE A 226 14.36 7.56 -30.06
C PHE A 226 14.21 7.80 -31.56
N ALA A 227 12.97 7.87 -32.04
CA ALA A 227 12.71 8.16 -33.44
C ALA A 227 13.12 9.59 -33.75
N ASP A 228 12.91 10.48 -32.78
CA ASP A 228 13.33 11.87 -32.90
C ASP A 228 14.57 12.09 -32.05
N MET A 229 15.66 11.44 -32.42
CA MET A 229 16.90 11.47 -31.65
C MET A 229 17.49 12.87 -31.57
N LYS A 230 17.23 13.67 -32.59
CA LYS A 230 17.77 15.03 -32.68
C LYS A 230 17.34 15.91 -31.50
N ARG A 231 16.09 15.77 -31.09
CA ARG A 231 15.51 16.60 -30.03
C ARG A 231 15.94 16.17 -28.63
N HIS A 232 16.04 14.87 -28.44
CA HIS A 232 16.26 14.31 -27.11
C HIS A 232 17.74 14.06 -26.80
N ARG A 233 18.62 14.43 -27.73
CA ARG A 233 20.05 14.25 -27.51
C ARG A 233 20.75 15.57 -27.26
N ILE A 234 21.41 15.67 -26.11
CA ILE A 234 22.19 16.85 -25.77
C ILE A 234 23.62 16.43 -25.46
N GLN A 235 24.59 17.02 -26.16
CA GLN A 235 25.99 16.65 -25.98
C GLN A 235 26.68 17.59 -25.00
N PHE A 236 27.42 17.03 -24.05
CA PHE A 236 28.15 17.85 -23.09
C PHE A 236 29.41 18.42 -23.73
N LYS A 237 29.60 19.74 -23.58
CA LYS A 237 30.69 20.44 -24.24
C LYS A 237 31.61 21.16 -23.25
N TYR A 238 32.91 20.97 -23.43
CA TYR A 238 33.91 21.66 -22.62
C TYR A 238 34.22 23.01 -23.24
N SER A 239 34.11 24.07 -22.45
CA SER A 239 34.29 25.42 -22.97
C SER A 239 35.53 26.11 -22.40
N GLY A 240 36.05 25.58 -21.29
CA GLY A 240 37.24 26.14 -20.68
C GLY A 240 37.40 25.81 -19.21
N PRO A 241 38.26 26.56 -18.51
CA PRO A 241 38.55 26.35 -17.09
C PRO A 241 37.35 26.66 -16.17
N GLU A 242 36.42 27.48 -16.67
CA GLU A 242 35.23 27.84 -15.90
C GLU A 242 34.33 26.61 -15.69
N ASP A 243 34.42 25.65 -16.59
CA ASP A 243 33.69 24.39 -16.44
C ASP A 243 34.23 23.57 -15.28
N ASP A 244 35.56 23.43 -15.23
CA ASP A 244 36.22 22.73 -14.14
C ASP A 244 35.91 23.36 -12.79
N ALA A 245 35.83 24.70 -12.78
CA ALA A 245 35.48 25.44 -11.58
C ALA A 245 34.06 25.15 -11.13
N ALA A 246 33.15 24.99 -12.08
CA ALA A 246 31.76 24.69 -11.80
C ALA A 246 31.60 23.28 -11.23
N ILE A 247 32.26 22.32 -11.87
CA ILE A 247 32.23 20.94 -11.42
C ILE A 247 32.82 20.80 -10.02
N SER A 248 33.96 21.45 -9.80
CA SER A 248 34.61 21.44 -8.50
C SER A 248 33.75 22.11 -7.44
N LEU A 249 33.03 23.16 -7.83
CA LEU A 249 32.13 23.87 -6.93
C LEU A 249 31.08 22.93 -6.34
N ALA A 250 30.54 22.06 -7.19
CA ALA A 250 29.41 21.23 -6.81
C ALA A 250 29.78 19.99 -5.98
N PHE A 251 30.96 19.44 -6.21
CA PHE A 251 31.28 18.13 -5.64
C PHE A 251 32.59 18.07 -4.84
N SER A 252 33.08 19.22 -4.39
CA SER A 252 34.26 19.22 -3.53
C SER A 252 33.92 19.60 -2.09
N LYS A 253 34.33 18.75 -1.15
CA LYS A 253 34.13 19.03 0.27
C LYS A 253 34.95 20.24 0.71
N LYS A 254 35.94 20.60 -0.08
CA LYS A 254 36.80 21.74 0.24
C LYS A 254 36.11 23.06 -0.10
N GLN A 255 35.02 22.98 -0.86
CA GLN A 255 34.31 24.17 -1.29
C GLN A 255 32.87 24.17 -0.76
N ILE A 256 32.73 24.20 0.56
CA ILE A 256 31.41 24.23 1.18
C ILE A 256 30.92 25.67 1.29
N ASP A 257 31.78 26.55 1.79
CA ASP A 257 31.47 27.96 1.91
C ASP A 257 31.12 28.57 0.54
N ASP A 258 31.74 28.06 -0.50
CA ASP A 258 31.41 28.48 -1.86
C ASP A 258 29.96 28.15 -2.18
N ARG A 259 29.55 26.92 -1.87
CA ARG A 259 28.19 26.48 -2.14
C ARG A 259 27.15 27.23 -1.31
N LYS A 260 27.56 27.72 -0.14
CA LYS A 260 26.66 28.51 0.68
C LYS A 260 26.30 29.81 -0.03
N GLU A 261 27.32 30.53 -0.47
CA GLU A 261 27.11 31.76 -1.21
C GLU A 261 26.44 31.47 -2.55
N TRP A 262 26.85 30.37 -3.17
CA TRP A 262 26.28 29.92 -4.43
C TRP A 262 24.76 29.76 -4.33
N LEU A 263 24.32 29.08 -3.28
CA LEU A 263 22.89 28.86 -3.06
C LEU A 263 22.21 30.08 -2.47
N THR A 264 22.96 30.88 -1.70
CA THR A 264 22.42 32.11 -1.13
C THR A 264 21.98 33.06 -2.23
N ASN A 265 22.80 33.17 -3.27
CA ASN A 265 22.49 33.99 -4.43
C ASN A 265 21.25 33.49 -5.15
N PHE A 266 21.15 32.18 -5.31
CA PHE A 266 20.01 31.56 -5.99
C PHE A 266 18.69 31.84 -5.27
N MET A 267 18.70 31.64 -3.95
CA MET A 267 17.50 31.84 -3.15
C MET A 267 17.03 33.30 -3.19
N GLU A 268 17.97 34.23 -3.04
CA GLU A 268 17.63 35.64 -3.04
C GLU A 268 17.14 36.11 -4.40
N ASP A 269 17.81 35.65 -5.46
CA ASP A 269 17.44 36.04 -6.82
C ASP A 269 16.08 35.48 -7.22
N ARG A 270 15.84 34.22 -6.88
CA ARG A 270 14.56 33.57 -7.18
C ARG A 270 13.42 34.23 -6.40
N ARG A 271 13.72 34.60 -5.16
CA ARG A 271 12.74 35.30 -4.33
C ARG A 271 12.30 36.62 -4.95
N GLN A 272 13.27 37.37 -5.47
CA GLN A 272 12.99 38.65 -6.09
C GLN A 272 12.23 38.49 -7.39
N ARG A 273 12.57 37.45 -8.16
CA ARG A 273 11.86 37.15 -9.40
C ARG A 273 10.39 36.86 -9.10
N LYS A 274 10.14 36.13 -8.03
CA LYS A 274 8.77 35.85 -7.59
C LYS A 274 8.02 37.12 -7.22
N LEU A 275 8.69 38.01 -6.49
CA LEU A 275 8.07 39.26 -6.07
C LEU A 275 7.81 40.18 -7.24
N LEU A 276 8.60 40.05 -8.30
CA LEU A 276 8.46 40.89 -9.47
C LEU A 276 7.58 40.24 -10.54
N GLY A 277 7.04 39.07 -10.22
CA GLY A 277 6.21 38.32 -11.15
C GLY A 277 6.98 37.92 -12.39
N LEU A 278 8.18 37.37 -12.20
CA LEU A 278 9.03 36.97 -13.32
C LEU A 278 9.22 35.46 -13.35
N PRO A 279 9.14 34.87 -14.56
CA PRO A 279 9.29 33.42 -14.73
C PRO A 279 10.72 32.93 -14.53
N GLU A 280 10.85 31.71 -14.04
CA GLU A 280 12.15 31.06 -13.85
C GLU A 280 12.78 30.71 -15.20
N ASP A 281 14.10 30.83 -15.29
CA ASP A 281 14.80 30.43 -16.50
C ASP A 281 14.86 28.90 -16.58
N TYR A 282 14.93 28.37 -17.80
CA TYR A 282 14.96 26.93 -17.98
C TYR A 282 15.74 26.54 -19.23
N LEU A 283 16.05 25.24 -19.33
CA LEU A 283 16.74 24.70 -20.50
C LEU A 283 15.81 23.83 -21.34
N TYR A 284 16.32 23.37 -22.48
CA TYR A 284 15.63 22.42 -23.34
C TYR A 284 14.33 22.95 -23.92
N GLY A 285 14.23 24.27 -24.06
CA GLY A 285 13.08 24.89 -24.70
C GLY A 285 13.10 24.62 -26.20
N GLN A 286 14.26 24.81 -26.80
CA GLN A 286 14.47 24.47 -28.20
C GLN A 286 15.40 23.27 -28.33
N THR A 287 15.66 22.86 -29.57
CA THR A 287 16.61 21.78 -29.82
C THR A 287 18.03 22.29 -29.68
N THR A 288 18.79 21.68 -28.76
CA THR A 288 20.15 22.13 -28.51
C THR A 288 21.15 21.00 -28.78
N THR A 289 22.28 21.35 -29.38
CA THR A 289 23.30 20.36 -29.71
C THR A 289 24.27 20.17 -28.55
N TYR A 290 24.84 21.28 -28.08
CA TYR A 290 25.82 21.23 -27.01
C TYR A 290 25.30 21.84 -25.71
N LEU A 291 25.87 21.42 -24.59
CA LEU A 291 25.56 22.02 -23.30
C LEU A 291 26.81 22.11 -22.44
N THR A 292 27.21 23.34 -22.12
CA THR A 292 28.40 23.57 -21.32
C THR A 292 28.20 23.06 -19.90
N TYR A 293 29.28 22.58 -19.29
CA TYR A 293 29.24 22.10 -17.92
C TYR A 293 28.96 23.23 -16.93
N ASN A 294 29.44 24.42 -17.24
CA ASN A 294 29.19 25.59 -16.40
C ASN A 294 27.70 25.92 -16.33
N ASP A 295 27.02 25.92 -17.48
CA ASP A 295 25.59 26.20 -17.52
C ASP A 295 24.80 25.09 -16.84
N PHE A 296 25.25 23.86 -16.99
CA PHE A 296 24.58 22.70 -16.40
C PHE A 296 24.55 22.81 -14.87
N ILE A 297 25.70 23.16 -14.28
CA ILE A 297 25.81 23.28 -12.84
C ILE A 297 24.95 24.43 -12.30
N ASN A 298 25.02 25.58 -12.97
CA ASN A 298 24.39 26.80 -12.47
C ASN A 298 22.95 27.03 -12.94
N LYS A 299 22.39 26.09 -13.69
CA LYS A 299 21.02 26.23 -14.15
C LYS A 299 20.19 24.96 -13.97
N GLU A 300 20.86 23.84 -13.76
CA GLU A 300 20.14 22.57 -13.59
C GLU A 300 20.46 21.89 -12.27
N LEU A 301 21.74 21.71 -11.97
CA LEU A 301 22.15 21.05 -10.74
C LEU A 301 21.82 21.92 -9.52
N ILE A 302 21.85 23.23 -9.70
CA ILE A 302 21.53 24.15 -8.61
C ILE A 302 20.07 24.01 -8.20
N LEU A 303 19.23 23.58 -9.13
CA LEU A 303 17.83 23.31 -8.83
C LEU A 303 17.72 22.16 -7.83
N PHE A 304 18.57 21.15 -8.01
CA PHE A 304 18.60 20.01 -7.10
C PHE A 304 19.07 20.42 -5.71
N SER A 305 20.22 21.09 -5.66
CA SER A 305 20.83 21.49 -4.39
C SER A 305 19.88 22.33 -3.55
N ASN A 306 19.11 23.18 -4.21
CA ASN A 306 18.11 23.98 -3.51
C ASN A 306 16.95 23.12 -3.03
N SER A 307 16.46 22.25 -3.90
CA SER A 307 15.39 21.32 -3.54
C SER A 307 15.83 20.37 -2.43
N ASP A 308 17.11 20.02 -2.43
CA ASP A 308 17.68 19.18 -1.38
C ASP A 308 17.59 19.90 -0.03
N ASN A 309 17.94 21.19 -0.02
CA ASN A 309 17.85 22.00 1.19
C ASN A 309 16.41 22.19 1.64
N GLU A 310 15.49 22.24 0.68
CA GLU A 310 14.08 22.44 1.00
C GLU A 310 13.45 21.19 1.60
N ARG A 311 13.97 20.03 1.24
CA ARG A 311 13.40 18.76 1.71
C ARG A 311 14.16 18.15 2.89
N SER A 312 15.35 18.68 3.18
CA SER A 312 16.17 18.15 4.26
C SER A 312 16.20 19.06 5.47
N ILE A 313 16.06 20.37 5.24
CA ILE A 313 16.08 21.33 6.33
C ILE A 313 14.67 21.76 6.72
N PRO A 314 14.31 21.56 7.99
CA PRO A 314 12.96 21.83 8.51
C PRO A 314 12.67 23.32 8.62
N SER A 315 11.40 23.65 8.79
CA SER A 315 10.97 25.03 9.04
C SER A 315 10.87 25.30 10.53
N MET A 316 11.28 26.50 10.95
CA MET A 316 11.26 26.86 12.36
C MET A 316 9.85 26.83 12.95
N VAL A 317 8.85 27.08 12.10
CA VAL A 317 7.48 27.27 12.56
C VAL A 317 6.89 26.01 13.18
N ASP A 318 6.89 24.91 12.43
CA ASP A 318 6.32 23.66 12.92
C ASP A 318 7.38 22.57 13.11
N GLY A 319 8.63 22.90 12.83
CA GLY A 319 9.72 21.96 12.98
C GLY A 319 9.62 20.77 12.04
N LEU A 320 8.79 20.91 11.01
CA LEU A 320 8.55 19.84 10.06
C LEU A 320 9.26 20.09 8.73
N LYS A 321 9.59 19.00 8.04
CA LYS A 321 10.05 19.08 6.66
C LYS A 321 8.83 18.87 5.76
N PRO A 322 8.94 19.22 4.46
CA PRO A 322 7.82 19.00 3.53
C PRO A 322 7.27 17.59 3.56
N GLY A 323 8.14 16.59 3.59
CA GLY A 323 7.73 15.20 3.65
C GLY A 323 6.94 14.88 4.91
N GLN A 324 7.50 15.24 6.05
CA GLN A 324 6.84 15.05 7.35
C GLN A 324 5.50 15.75 7.42
N ARG A 325 5.46 16.99 6.93
CA ARG A 325 4.25 17.80 7.00
C ARG A 325 3.12 17.19 6.18
N LYS A 326 3.47 16.56 5.06
CA LYS A 326 2.49 15.89 4.22
C LYS A 326 1.84 14.72 4.97
N VAL A 327 2.67 13.99 5.71
CA VAL A 327 2.18 12.88 6.53
C VAL A 327 1.21 13.38 7.60
N LEU A 328 1.60 14.45 8.29
CA LEU A 328 0.76 15.01 9.34
C LEU A 328 -0.54 15.59 8.78
N PHE A 329 -0.43 16.29 7.66
CA PHE A 329 -1.60 16.86 6.99
C PHE A 329 -2.58 15.76 6.59
N THR A 330 -2.04 14.66 6.10
CA THR A 330 -2.87 13.52 5.67
C THR A 330 -3.57 12.89 6.87
N CYS A 331 -2.82 12.62 7.92
CA CYS A 331 -3.37 12.03 9.15
C CYS A 331 -4.44 12.92 9.74
N PHE A 332 -4.26 14.23 9.60
CA PHE A 332 -5.26 15.20 10.06
C PHE A 332 -6.53 15.12 9.21
N LYS A 333 -6.34 14.91 7.91
CA LYS A 333 -7.47 14.86 6.98
C LYS A 333 -8.24 13.56 7.10
N ARG A 334 -7.52 12.47 7.36
CA ARG A 334 -8.13 11.16 7.50
C ARG A 334 -8.86 11.01 8.83
N ASN A 335 -8.23 11.52 9.89
CA ASN A 335 -8.78 11.45 11.25
C ASN A 335 -9.11 10.03 11.66
N ASP A 336 -8.15 9.13 11.49
CA ASP A 336 -8.35 7.72 11.81
C ASP A 336 -8.55 7.51 13.31
N LYS A 337 -9.60 6.79 13.66
CA LYS A 337 -9.89 6.46 15.05
C LYS A 337 -9.28 5.12 15.40
N ARG A 338 -8.88 4.37 14.38
CA ARG A 338 -8.23 3.07 14.58
C ARG A 338 -6.86 3.04 13.91
N GLU A 339 -6.10 1.99 14.20
CA GLU A 339 -4.74 1.85 13.69
C GLU A 339 -4.69 1.72 12.17
N VAL A 340 -3.54 2.05 11.60
CA VAL A 340 -3.33 1.96 10.15
C VAL A 340 -1.92 1.42 9.89
N LYS A 341 -1.79 0.52 8.92
CA LYS A 341 -0.47 0.03 8.51
C LYS A 341 0.40 1.20 8.03
N VAL A 342 1.67 1.17 8.39
CA VAL A 342 2.60 2.21 7.98
C VAL A 342 2.71 2.23 6.45
N ALA A 343 2.81 1.04 5.87
CA ALA A 343 2.86 0.89 4.42
C ALA A 343 1.60 1.45 3.79
N GLN A 344 0.45 1.07 4.33
CA GLN A 344 -0.84 1.53 3.84
C GLN A 344 -0.97 3.04 3.96
N LEU A 345 -0.58 3.57 5.11
CA LEU A 345 -0.66 5.01 5.36
C LEU A 345 0.20 5.80 4.38
N ALA A 346 1.40 5.28 4.10
CA ALA A 346 2.33 5.94 3.19
C ALA A 346 1.70 6.16 1.82
N GLY A 347 1.07 5.10 1.29
CA GLY A 347 0.36 5.18 0.03
C GLY A 347 -0.76 6.20 0.07
N SER A 348 -1.45 6.26 1.21
CA SER A 348 -2.53 7.22 1.40
C SER A 348 -2.00 8.65 1.38
N VAL A 349 -0.88 8.86 2.06
CA VAL A 349 -0.24 10.18 2.11
C VAL A 349 0.17 10.62 0.71
N ALA A 350 0.75 9.68 -0.05
CA ALA A 350 1.24 9.97 -1.39
C ALA A 350 0.17 10.53 -2.31
N GLU A 351 -0.98 9.86 -2.37
CA GLU A 351 -2.04 10.26 -3.30
C GLU A 351 -2.79 11.50 -2.80
N MET A 352 -2.82 11.69 -1.49
CA MET A 352 -3.64 12.75 -0.91
C MET A 352 -2.87 14.06 -0.74
N SER A 353 -1.54 13.97 -0.74
CA SER A 353 -0.70 15.14 -0.53
C SER A 353 0.20 15.41 -1.74
N SER A 354 -0.10 14.74 -2.85
CA SER A 354 0.66 14.90 -4.08
C SER A 354 2.17 14.70 -3.87
N TYR A 355 2.52 13.59 -3.25
CA TYR A 355 3.91 13.26 -2.96
C TYR A 355 4.56 12.59 -4.16
N HIS A 356 5.64 13.19 -4.67
CA HIS A 356 6.22 12.73 -5.93
C HIS A 356 7.58 12.05 -5.75
N HIS A 357 7.69 11.22 -4.71
CA HIS A 357 8.92 10.45 -4.48
C HIS A 357 8.56 9.02 -4.11
N GLY A 358 9.57 8.19 -3.88
CA GLY A 358 9.34 6.81 -3.49
C GLY A 358 8.63 6.73 -2.16
N GLU A 359 7.60 5.90 -2.08
CA GLU A 359 6.80 5.78 -0.86
C GLU A 359 7.62 5.25 0.32
N MET A 360 8.73 4.58 0.01
CA MET A 360 9.62 4.03 1.02
C MET A 360 10.22 5.13 1.88
N SER A 361 10.47 6.28 1.28
CA SER A 361 10.96 7.44 2.01
C SER A 361 9.91 7.89 3.01
N LEU A 362 8.65 7.87 2.58
CA LEU A 362 7.52 8.21 3.44
C LEU A 362 7.38 7.22 4.59
N MET A 363 7.57 5.94 4.29
CA MET A 363 7.48 4.89 5.29
C MET A 363 8.53 5.07 6.39
N MET A 364 9.77 5.32 5.96
CA MET A 364 10.86 5.55 6.91
C MET A 364 10.61 6.81 7.72
N THR A 365 10.02 7.81 7.07
CA THR A 365 9.67 9.07 7.73
C THR A 365 8.59 8.85 8.79
N ILE A 366 7.58 8.07 8.45
CA ILE A 366 6.49 7.77 9.37
C ILE A 366 7.02 7.06 10.61
N ILE A 367 7.85 6.05 10.39
CA ILE A 367 8.51 5.33 11.48
C ILE A 367 9.32 6.27 12.36
N ASN A 368 10.08 7.15 11.73
CA ASN A 368 10.91 8.10 12.46
C ASN A 368 10.09 9.04 13.34
N LEU A 369 8.91 9.43 12.84
CA LEU A 369 8.02 10.33 13.57
C LEU A 369 7.36 9.64 14.75
N ALA A 370 7.31 8.31 14.72
CA ALA A 370 6.61 7.54 15.73
C ALA A 370 7.48 7.11 16.90
N GLN A 371 8.78 6.96 16.66
CA GLN A 371 9.71 6.46 17.67
C GLN A 371 9.66 7.27 18.96
N ASN A 372 9.73 6.57 20.09
CA ASN A 372 9.64 7.23 21.39
C ASN A 372 10.56 6.62 22.45
N PHE A 373 11.67 6.02 22.02
CA PHE A 373 12.65 5.52 22.96
C PHE A 373 13.58 6.64 23.40
N VAL A 374 14.42 6.38 24.39
CA VAL A 374 15.30 7.40 24.93
C VAL A 374 16.32 7.86 23.90
N GLY A 375 16.28 9.14 23.57
CA GLY A 375 17.21 9.71 22.61
C GLY A 375 16.59 10.07 21.27
N SER A 376 15.31 9.75 21.11
CA SER A 376 14.62 10.06 19.87
C SER A 376 13.72 11.29 20.01
N ASN A 377 12.43 11.06 20.21
CA ASN A 377 11.45 12.14 20.29
C ASN A 377 10.90 12.35 21.70
N ASN A 378 10.86 13.59 22.14
CA ASN A 378 10.26 13.93 23.42
C ASN A 378 8.74 13.88 23.34
N LEU A 379 8.20 14.15 22.16
CA LEU A 379 6.76 14.12 21.95
C LEU A 379 6.45 13.61 20.54
N ASN A 380 6.41 12.29 20.40
CA ASN A 380 6.09 11.67 19.12
C ASN A 380 4.67 11.98 18.66
N LEU A 381 4.55 12.52 17.45
CA LEU A 381 3.25 12.90 16.92
C LEU A 381 2.45 11.68 16.45
N LEU A 382 3.16 10.58 16.17
CA LEU A 382 2.51 9.35 15.76
C LEU A 382 2.77 8.22 16.75
N GLN A 383 1.74 7.43 17.04
CA GLN A 383 1.89 6.33 17.99
C GLN A 383 2.62 5.16 17.37
N PRO A 384 3.68 4.68 18.05
CA PRO A 384 4.45 3.53 17.60
C PRO A 384 3.79 2.22 18.02
N ILE A 385 2.82 1.77 17.23
CA ILE A 385 2.07 0.55 17.53
C ILE A 385 2.68 -0.64 16.81
N GLY A 386 3.61 -1.30 17.49
CA GLY A 386 4.39 -2.38 16.90
C GLY A 386 5.86 -2.16 17.17
N GLN A 387 6.72 -2.83 16.42
CA GLN A 387 8.16 -2.69 16.60
C GLN A 387 8.71 -1.56 15.75
N PHE A 388 8.83 -0.38 16.35
CA PHE A 388 9.35 0.79 15.64
C PHE A 388 10.80 1.06 16.02
N GLY A 389 11.40 0.11 16.74
CA GLY A 389 12.79 0.23 17.16
C GLY A 389 12.93 0.59 18.62
N THR A 390 14.08 0.25 19.20
CA THR A 390 14.34 0.54 20.61
C THR A 390 15.70 1.20 20.80
N ARG A 391 16.03 1.54 22.04
CA ARG A 391 17.32 2.14 22.35
C ARG A 391 18.45 1.11 22.28
N LEU A 392 18.08 -0.16 22.11
CA LEU A 392 19.06 -1.23 22.01
C LEU A 392 19.94 -1.05 20.78
N HIS A 393 19.31 -0.87 19.62
CA HIS A 393 20.05 -0.72 18.37
C HIS A 393 19.77 0.64 17.72
N GLY A 394 19.24 1.56 18.52
CA GLY A 394 19.00 2.92 18.08
C GLY A 394 17.98 3.06 16.97
N GLY A 395 16.93 2.26 17.01
CA GLY A 395 15.85 2.36 16.05
C GLY A 395 16.05 1.50 14.80
N LYS A 396 17.26 0.99 14.63
CA LYS A 396 17.57 0.16 13.46
C LYS A 396 16.89 -1.20 13.54
N ASP A 397 16.42 -1.56 14.73
CA ASP A 397 15.76 -2.83 14.95
C ASP A 397 14.27 -2.82 14.64
N SER A 398 13.81 -1.77 13.96
CA SER A 398 12.39 -1.63 13.62
C SER A 398 11.94 -2.73 12.67
N ALA A 399 10.67 -3.10 12.77
CA ALA A 399 10.11 -4.14 11.90
C ALA A 399 9.71 -3.56 10.54
N SER A 400 9.27 -4.44 9.64
CA SER A 400 8.83 -4.02 8.32
C SER A 400 7.63 -3.08 8.42
N PRO A 401 7.62 -2.02 7.58
CA PRO A 401 6.53 -1.04 7.59
C PRO A 401 5.17 -1.62 7.21
N ARG A 402 5.16 -2.81 6.60
CA ARG A 402 3.91 -3.44 6.20
C ARG A 402 3.30 -4.28 7.34
N TYR A 403 4.06 -4.44 8.42
CA TYR A 403 3.61 -5.26 9.54
C TYR A 403 3.51 -4.47 10.84
N ILE A 404 3.63 -3.15 10.75
CA ILE A 404 3.51 -2.30 11.93
C ILE A 404 2.46 -1.22 11.70
N PHE A 405 1.85 -0.75 12.79
CA PHE A 405 0.73 0.16 12.71
C PHE A 405 1.00 1.49 13.41
N THR A 406 0.21 2.51 13.06
CA THR A 406 0.35 3.81 13.67
C THR A 406 -0.92 4.65 13.53
N MET A 407 -0.98 5.72 14.30
CA MET A 407 -2.08 6.69 14.24
C MET A 407 -1.67 7.96 14.96
N LEU A 408 -2.52 8.98 14.92
CA LEU A 408 -2.22 10.24 15.57
C LEU A 408 -2.16 10.10 17.09
N SER A 409 -1.18 10.76 17.70
CA SER A 409 -1.14 10.90 19.14
C SER A 409 -2.28 11.80 19.59
N SER A 410 -2.78 11.58 20.79
CA SER A 410 -3.87 12.39 21.33
C SER A 410 -3.44 13.85 21.52
N LEU A 411 -2.13 14.08 21.44
CA LEU A 411 -1.57 15.41 21.62
C LEU A 411 -1.43 16.17 20.31
N ALA A 412 -1.57 15.46 19.19
CA ALA A 412 -1.35 16.03 17.87
C ALA A 412 -2.27 17.20 17.55
N ARG A 413 -3.57 16.99 17.68
CA ARG A 413 -4.53 18.04 17.37
C ARG A 413 -4.63 19.08 18.48
N LEU A 414 -3.88 18.88 19.55
CA LEU A 414 -3.76 19.88 20.60
C LEU A 414 -2.56 20.78 20.34
N LEU A 415 -1.49 20.17 19.86
CA LEU A 415 -0.30 20.91 19.43
C LEU A 415 -0.62 21.73 18.19
N PHE A 416 -1.35 21.11 17.26
CA PHE A 416 -1.79 21.77 16.03
C PHE A 416 -3.32 21.92 16.02
N PRO A 417 -3.83 22.97 16.69
CA PRO A 417 -5.28 23.15 16.85
C PRO A 417 -6.00 23.30 15.52
N PRO A 418 -7.14 22.61 15.37
CA PRO A 418 -7.96 22.64 14.16
C PRO A 418 -8.40 24.05 13.78
N LYS A 419 -8.59 24.89 14.79
CA LYS A 419 -9.03 26.27 14.58
C LYS A 419 -8.02 27.09 13.79
N ASP A 420 -6.76 26.68 13.84
CA ASP A 420 -5.69 27.41 13.17
C ASP A 420 -5.57 27.05 11.69
N ASP A 421 -6.24 25.99 11.29
CA ASP A 421 -6.19 25.54 9.90
C ASP A 421 -6.77 26.58 8.94
N HIS A 422 -7.67 27.41 9.44
CA HIS A 422 -8.35 28.40 8.61
C HIS A 422 -7.50 29.64 8.35
N THR A 423 -6.36 29.72 9.00
CA THR A 423 -5.47 30.87 8.82
C THR A 423 -4.20 30.49 8.07
N LEU A 424 -4.07 29.20 7.75
CA LEU A 424 -2.89 28.70 7.06
C LEU A 424 -2.99 28.88 5.55
N LYS A 425 -1.84 28.78 4.89
CA LYS A 425 -1.79 28.86 3.44
C LYS A 425 -1.50 27.48 2.85
N PHE A 426 -2.55 26.83 2.36
CA PHE A 426 -2.41 25.49 1.79
C PHE A 426 -1.88 25.56 0.36
N LEU A 427 -0.94 24.67 0.05
CA LEU A 427 -0.31 24.65 -1.27
C LEU A 427 -1.19 23.96 -2.30
N TYR A 428 -0.93 24.24 -3.57
CA TYR A 428 -1.66 23.61 -4.67
C TYR A 428 -0.73 22.79 -5.55
N ASP A 429 -1.08 21.53 -5.77
CA ASP A 429 -0.27 20.63 -6.57
C ASP A 429 -1.13 19.51 -7.14
N ASP A 430 -0.88 19.18 -8.40
CA ASP A 430 -1.59 18.10 -9.10
C ASP A 430 -3.10 18.34 -9.11
N ASN A 431 -3.49 19.61 -9.29
CA ASN A 431 -4.89 20.02 -9.38
C ASN A 431 -5.70 19.72 -8.12
N GLN A 432 -5.03 19.66 -6.97
CA GLN A 432 -5.71 19.50 -5.69
C GLN A 432 -4.99 20.24 -4.58
N ARG A 433 -5.70 20.52 -3.50
CA ARG A 433 -5.10 21.14 -2.32
C ARG A 433 -4.30 20.10 -1.54
N VAL A 434 -3.22 20.54 -0.91
CA VAL A 434 -2.33 19.66 -0.17
C VAL A 434 -1.91 20.31 1.15
N GLU A 435 -0.80 19.83 1.70
CA GLU A 435 -0.26 20.37 2.95
C GLU A 435 -0.02 21.89 2.84
N PRO A 436 -0.10 22.60 3.97
CA PRO A 436 0.22 24.03 3.97
C PRO A 436 1.72 24.27 3.86
N GLU A 437 2.13 25.53 3.70
CA GLU A 437 3.55 25.85 3.67
C GLU A 437 4.17 25.51 5.02
N TRP A 438 3.41 25.75 6.08
CA TRP A 438 3.76 25.28 7.42
C TRP A 438 2.53 25.33 8.33
N TYR A 439 2.51 24.45 9.32
CA TYR A 439 1.51 24.52 10.37
C TYR A 439 1.98 25.51 11.43
N ILE A 440 1.08 25.96 12.29
CA ILE A 440 1.45 26.92 13.33
C ILE A 440 1.05 26.35 14.71
N PRO A 441 1.95 25.55 15.30
CA PRO A 441 1.70 24.90 16.59
C PRO A 441 1.68 25.88 17.77
N ILE A 442 1.15 25.46 18.90
CA ILE A 442 1.05 26.34 20.07
C ILE A 442 2.39 26.52 20.77
N ILE A 443 3.32 25.59 20.55
CA ILE A 443 4.67 25.69 21.10
C ILE A 443 5.69 25.32 20.01
N PRO A 444 6.91 25.92 20.07
CA PRO A 444 7.90 25.66 19.02
C PRO A 444 8.28 24.19 18.95
N MET A 445 7.63 23.47 18.04
CA MET A 445 7.81 22.02 17.91
C MET A 445 9.25 21.68 17.50
N VAL A 446 9.90 22.60 16.81
CA VAL A 446 11.27 22.40 16.34
C VAL A 446 12.24 22.17 17.50
N LEU A 447 11.91 22.70 18.67
CA LEU A 447 12.76 22.58 19.84
C LEU A 447 12.44 21.33 20.67
N ILE A 448 11.29 20.72 20.41
CA ILE A 448 10.84 19.57 21.20
C ILE A 448 11.54 18.28 20.79
N ASN A 449 11.28 17.81 19.58
CA ASN A 449 11.88 16.57 19.09
C ASN A 449 13.21 16.83 18.39
N GLY A 450 13.74 18.03 18.56
CA GLY A 450 14.98 18.42 17.91
C GLY A 450 14.79 18.59 16.42
N ALA A 451 15.91 18.65 15.70
CA ALA A 451 15.87 18.82 14.25
C ALA A 451 17.18 18.33 13.62
N GLU A 452 17.08 17.32 12.75
CA GLU A 452 18.24 16.82 12.04
C GLU A 452 17.97 16.77 10.54
N GLY A 453 18.90 17.28 9.75
CA GLY A 453 18.76 17.29 8.31
C GLY A 453 20.08 17.58 7.61
N ILE A 454 20.25 17.00 6.43
CA ILE A 454 21.47 17.18 5.66
C ILE A 454 21.17 17.55 4.21
N GLY A 455 21.52 18.77 3.83
CA GLY A 455 21.33 19.22 2.47
C GLY A 455 22.63 19.62 1.81
N THR A 456 22.56 20.49 0.81
CA THR A 456 23.75 21.00 0.14
C THR A 456 24.08 22.40 0.67
N GLY A 457 25.33 22.60 1.06
CA GLY A 457 25.77 23.87 1.60
C GLY A 457 25.56 23.99 3.09
N TRP A 458 24.37 23.60 3.55
CA TRP A 458 24.05 23.65 4.97
C TRP A 458 23.63 22.30 5.51
N SER A 459 23.60 22.19 6.84
CA SER A 459 23.06 21.02 7.51
C SER A 459 22.51 21.46 8.86
N CYS A 460 21.46 20.79 9.32
CA CYS A 460 20.79 21.21 10.54
C CYS A 460 21.02 20.24 11.68
N LYS A 461 21.24 20.77 12.88
CA LYS A 461 21.40 19.96 14.07
C LYS A 461 20.92 20.72 15.30
N ILE A 462 19.75 20.32 15.80
CA ILE A 462 19.16 20.94 16.98
C ILE A 462 18.80 19.90 18.03
N PRO A 463 19.25 20.09 19.28
CA PRO A 463 18.99 19.12 20.35
C PRO A 463 17.55 19.17 20.81
N ASN A 464 17.13 18.18 21.59
CA ASN A 464 15.78 18.15 22.13
C ASN A 464 15.68 19.00 23.38
N PHE A 465 14.47 19.48 23.67
CA PHE A 465 14.25 20.30 24.86
C PHE A 465 12.99 19.88 25.59
N ASP A 466 12.95 20.12 26.89
CA ASP A 466 11.81 19.74 27.71
C ASP A 466 10.56 20.52 27.30
N VAL A 467 9.45 19.81 27.13
CA VAL A 467 8.21 20.42 26.69
C VAL A 467 7.70 21.43 27.71
N ARG A 468 7.58 21.00 28.95
CA ARG A 468 7.07 21.84 30.03
C ARG A 468 7.90 23.12 30.20
N GLU A 469 9.21 23.01 30.03
CA GLU A 469 10.08 24.17 30.12
C GLU A 469 9.79 25.14 28.98
N ILE A 470 9.52 24.59 27.80
CA ILE A 470 9.19 25.40 26.64
C ILE A 470 7.84 26.08 26.83
N VAL A 471 6.87 25.33 27.34
CA VAL A 471 5.56 25.88 27.65
C VAL A 471 5.68 27.03 28.65
N ASN A 472 6.59 26.85 29.62
CA ASN A 472 6.80 27.85 30.66
C ASN A 472 7.39 29.14 30.11
N ASN A 473 8.43 29.01 29.30
CA ASN A 473 9.08 30.17 28.69
C ASN A 473 8.12 30.94 27.79
N ILE A 474 7.20 30.21 27.16
CA ILE A 474 6.14 30.84 26.38
C ILE A 474 5.25 31.68 27.28
N ARG A 475 4.85 31.10 28.41
CA ARG A 475 4.02 31.80 29.37
C ARG A 475 4.73 33.03 29.94
N ARG A 476 6.04 32.90 30.15
CA ARG A 476 6.84 34.02 30.64
C ARG A 476 6.89 35.16 29.63
N LEU A 477 7.15 34.82 28.37
CA LEU A 477 7.17 35.81 27.29
C LEU A 477 5.81 36.48 27.14
N MET A 478 4.76 35.71 27.44
CA MET A 478 3.40 36.22 27.34
C MET A 478 3.10 37.14 28.52
N ASP A 479 3.80 36.92 29.62
CA ASP A 479 3.63 37.73 30.84
C ASP A 479 4.58 38.91 30.84
N GLY A 480 5.29 39.10 29.73
CA GLY A 480 6.23 40.20 29.59
C GLY A 480 7.53 40.02 30.35
N GLU A 481 7.82 38.77 30.72
CA GLU A 481 9.06 38.47 31.43
C GLU A 481 10.17 38.06 30.48
N GLU A 482 11.37 37.89 31.03
CA GLU A 482 12.53 37.47 30.25
C GLU A 482 12.56 35.94 30.21
N PRO A 483 12.77 35.37 29.02
CA PRO A 483 12.82 33.90 28.89
C PRO A 483 14.04 33.30 29.58
N LEU A 484 13.82 32.23 30.35
CA LEU A 484 14.90 31.55 31.05
C LEU A 484 15.74 30.74 30.08
N PRO A 485 17.05 30.64 30.34
CA PRO A 485 17.94 29.80 29.54
C PRO A 485 17.49 28.34 29.59
N MET A 486 17.60 27.63 28.47
CA MET A 486 17.14 26.25 28.39
C MET A 486 18.26 25.29 28.07
N LEU A 487 18.44 24.29 28.92
CA LEU A 487 19.38 23.21 28.66
C LEU A 487 18.69 22.11 27.88
N PRO A 488 19.42 21.46 26.96
CA PRO A 488 18.88 20.31 26.23
C PRO A 488 18.38 19.24 27.18
N SER A 489 17.14 18.82 26.99
CA SER A 489 16.52 17.82 27.84
C SER A 489 15.90 16.70 27.01
N TYR A 490 16.20 15.46 27.37
CA TYR A 490 15.64 14.31 26.67
C TYR A 490 14.72 13.51 27.58
N LYS A 491 13.60 13.06 27.04
CA LYS A 491 12.59 12.35 27.82
C LYS A 491 13.13 11.02 28.33
N ASN A 492 12.83 10.70 29.59
CA ASN A 492 13.25 9.45 30.21
C ASN A 492 14.76 9.27 30.26
N PHE A 493 15.48 10.38 30.29
CA PHE A 493 16.94 10.34 30.38
C PHE A 493 17.40 10.60 31.82
N LYS A 494 18.01 9.59 32.43
CA LYS A 494 18.39 9.66 33.83
C LYS A 494 19.70 10.40 34.04
N GLY A 495 20.41 10.66 32.95
CA GLY A 495 21.70 11.31 33.02
C GLY A 495 21.64 12.81 33.20
N THR A 496 22.78 13.47 33.01
CA THR A 496 22.87 14.92 33.16
C THR A 496 23.47 15.58 31.92
N ILE A 497 23.11 16.84 31.70
CA ILE A 497 23.64 17.60 30.57
C ILE A 497 24.10 18.98 31.02
N GLU A 498 25.41 19.18 31.03
CA GLU A 498 26.00 20.45 31.44
C GLU A 498 26.41 21.29 30.23
N GLU A 499 26.49 22.59 30.41
CA GLU A 499 26.93 23.48 29.34
C GLU A 499 28.31 24.06 29.64
N LEU A 500 29.21 23.95 28.67
CA LEU A 500 30.54 24.55 28.76
C LEU A 500 30.54 25.89 28.06
N ALA A 501 30.83 25.86 26.77
CA ALA A 501 30.72 27.04 25.92
C ALA A 501 29.30 27.13 25.38
N PRO A 502 28.87 28.34 24.96
CA PRO A 502 27.56 28.47 24.32
C PRO A 502 27.37 27.51 23.16
N ASN A 503 26.20 26.87 23.11
CA ASN A 503 25.89 25.89 22.07
C ASN A 503 26.85 24.70 22.06
N GLN A 504 27.49 24.45 23.20
CA GLN A 504 28.36 23.29 23.37
C GLN A 504 28.09 22.64 24.73
N TYR A 505 27.61 21.39 24.70
CA TYR A 505 27.15 20.73 25.91
C TYR A 505 27.87 19.41 26.17
N VAL A 506 27.81 18.95 27.42
CA VAL A 506 28.35 17.65 27.81
C VAL A 506 27.26 16.74 28.35
N ILE A 507 27.08 15.59 27.73
CA ILE A 507 26.07 14.63 28.15
C ILE A 507 26.72 13.45 28.87
N SER A 508 26.34 13.26 30.13
CA SER A 508 26.95 12.22 30.96
C SER A 508 25.94 11.17 31.42
N GLY A 509 26.37 9.91 31.40
CA GLY A 509 25.55 8.82 31.91
C GLY A 509 25.66 8.72 33.42
N GLU A 510 25.15 7.63 33.99
CA GLU A 510 25.20 7.41 35.43
C GLU A 510 26.00 6.18 35.83
N VAL A 511 26.86 6.34 36.84
CA VAL A 511 27.64 5.24 37.39
C VAL A 511 27.62 5.28 38.91
N ALA A 512 27.63 4.11 39.53
CA ALA A 512 27.64 4.02 40.98
C ALA A 512 28.58 2.91 41.47
N ILE A 513 29.19 3.13 42.63
CA ILE A 513 30.05 2.13 43.25
C ILE A 513 29.23 1.20 44.14
N LEU A 514 29.28 -0.09 43.85
CA LEU A 514 28.55 -1.07 44.65
C LEU A 514 29.44 -1.61 45.78
N ASN A 515 30.64 -2.05 45.43
CA ASN A 515 31.63 -2.45 46.42
C ASN A 515 33.05 -2.24 45.90
N SER A 516 34.00 -2.97 46.47
CA SER A 516 35.40 -2.82 46.10
C SER A 516 35.72 -3.46 44.74
N THR A 517 34.78 -4.24 44.23
CA THR A 517 35.00 -4.97 42.99
C THR A 517 33.87 -4.83 41.97
N THR A 518 32.80 -4.14 42.33
CA THR A 518 31.61 -4.10 41.49
C THR A 518 31.03 -2.69 41.30
N ILE A 519 30.68 -2.37 40.05
CA ILE A 519 30.03 -1.09 39.74
C ILE A 519 28.78 -1.28 38.90
N GLU A 520 27.90 -0.28 38.93
CA GLU A 520 26.63 -0.34 38.21
C GLU A 520 26.46 0.82 37.23
N ILE A 521 26.33 0.48 35.95
CA ILE A 521 26.04 1.49 34.93
C ILE A 521 24.53 1.54 34.66
N SER A 522 23.88 2.58 35.17
CA SER A 522 22.42 2.67 35.11
C SER A 522 21.91 3.46 33.91
N GLU A 523 22.79 4.24 33.28
CA GLU A 523 22.39 5.05 32.14
C GLU A 523 23.54 5.37 31.20
N LEU A 524 23.28 5.25 29.90
CA LEU A 524 24.23 5.65 28.87
C LEU A 524 23.86 7.05 28.38
N PRO A 525 24.87 7.82 27.92
CA PRO A 525 24.60 9.17 27.39
C PRO A 525 23.64 9.14 26.20
N VAL A 526 23.01 10.28 25.91
CA VAL A 526 21.98 10.35 24.87
C VAL A 526 22.53 9.92 23.51
N ARG A 527 21.72 9.12 22.80
CA ARG A 527 22.05 8.60 21.48
C ARG A 527 23.28 7.68 21.48
N THR A 528 23.68 7.24 22.67
CA THR A 528 24.68 6.20 22.81
C THR A 528 23.96 4.89 23.05
N TRP A 529 23.89 4.05 22.02
CA TRP A 529 23.02 2.89 22.07
C TRP A 529 23.62 1.73 22.87
N THR A 530 22.73 0.93 23.45
CA THR A 530 23.12 -0.12 24.39
C THR A 530 23.99 -1.19 23.74
N GLN A 531 23.54 -1.70 22.59
CA GLN A 531 24.27 -2.76 21.90
C GLN A 531 25.64 -2.27 21.44
N THR A 532 25.68 -1.05 20.90
CA THR A 532 26.93 -0.47 20.40
C THR A 532 27.91 -0.26 21.55
N TYR A 533 27.39 0.14 22.71
CA TYR A 533 28.24 0.37 23.87
C TYR A 533 28.87 -0.93 24.34
N LYS A 534 28.09 -1.99 24.32
CA LYS A 534 28.55 -3.31 24.73
C LYS A 534 29.69 -3.82 23.85
N GLU A 535 29.58 -3.58 22.55
CA GLU A 535 30.55 -4.08 21.59
C GLU A 535 31.82 -3.22 21.54
N GLN A 536 31.66 -1.92 21.68
CA GLN A 536 32.76 -0.99 21.48
C GLN A 536 33.50 -0.56 22.74
N VAL A 537 32.91 -0.83 23.91
CA VAL A 537 33.52 -0.37 25.16
C VAL A 537 33.81 -1.51 26.12
N LEU A 538 32.79 -2.30 26.46
CA LEU A 538 32.94 -3.34 27.47
C LEU A 538 33.74 -4.54 26.95
N GLU A 539 33.38 -5.03 25.76
CA GLU A 539 34.08 -6.16 25.15
C GLU A 539 35.58 -5.92 24.92
N PRO A 540 35.98 -4.70 24.49
CA PRO A 540 37.42 -4.46 24.46
C PRO A 540 38.07 -4.51 25.85
N MET A 541 37.35 -4.02 26.86
CA MET A 541 37.84 -4.02 28.23
C MET A 541 38.00 -5.44 28.78
N LEU A 542 37.26 -6.38 28.20
CA LEU A 542 37.31 -7.77 28.62
C LEU A 542 38.46 -8.51 27.94
N ASN A 543 38.83 -8.06 26.74
CA ASN A 543 39.88 -8.73 25.97
C ASN A 543 41.10 -7.83 25.75
N GLY A 544 41.53 -7.72 24.50
CA GLY A 544 42.70 -6.93 24.16
C GLY A 544 42.49 -6.01 22.97
N THR A 548 46.14 -3.56 24.01
CA THR A 548 46.00 -3.08 25.38
C THR A 548 45.57 -4.19 26.32
N PRO A 549 46.07 -4.17 27.57
CA PRO A 549 45.74 -5.20 28.57
C PRO A 549 44.30 -5.08 29.08
N PRO A 550 43.70 -6.21 29.49
CA PRO A 550 42.33 -6.24 30.01
C PRO A 550 42.16 -5.40 31.27
N LEU A 551 40.99 -4.76 31.40
CA LEU A 551 40.69 -3.92 32.55
C LEU A 551 39.64 -4.56 33.44
N ILE A 552 38.53 -4.98 32.82
CA ILE A 552 37.43 -5.61 33.56
C ILE A 552 37.55 -7.13 33.54
N THR A 553 36.98 -7.77 34.56
CA THR A 553 37.03 -9.22 34.67
C THR A 553 35.77 -9.87 34.10
N ASP A 554 34.63 -9.24 34.35
CA ASP A 554 33.35 -9.77 33.88
C ASP A 554 32.27 -8.69 33.91
N TYR A 555 31.19 -8.90 33.15
CA TYR A 555 30.07 -7.98 33.15
C TYR A 555 28.77 -8.71 32.80
N ARG A 556 27.65 -8.23 33.35
CA ARG A 556 26.36 -8.85 33.11
C ARG A 556 25.32 -7.83 32.65
N GLU A 557 24.39 -8.27 31.80
CA GLU A 557 23.37 -7.38 31.27
C GLU A 557 22.02 -7.61 31.92
N TYR A 558 21.42 -6.53 32.40
CA TYR A 558 20.09 -6.58 33.01
C TYR A 558 19.16 -5.55 32.37
N HIS A 559 19.18 -5.50 31.04
CA HIS A 559 18.45 -4.48 30.30
C HIS A 559 16.97 -4.82 30.10
N THR A 560 16.13 -3.80 30.22
CA THR A 560 14.76 -3.88 29.72
C THR A 560 14.73 -3.25 28.33
N ASP A 561 13.55 -3.06 27.78
CA ASP A 561 13.44 -2.45 26.47
C ASP A 561 13.53 -0.93 26.52
N THR A 562 13.48 -0.36 27.72
CA THR A 562 13.50 1.09 27.88
C THR A 562 14.59 1.58 28.85
N THR A 563 15.24 0.65 29.53
CA THR A 563 16.28 1.01 30.50
C THR A 563 17.58 0.24 30.28
N VAL A 564 18.67 0.78 30.80
CA VAL A 564 19.99 0.17 30.67
C VAL A 564 20.56 -0.15 32.04
N LYS A 565 21.11 -1.35 32.19
CA LYS A 565 21.76 -1.73 33.44
C LYS A 565 22.91 -2.69 33.21
N PHE A 566 24.13 -2.18 33.40
CA PHE A 566 25.33 -3.00 33.33
C PHE A 566 25.92 -3.19 34.72
N VAL A 567 26.31 -4.42 35.03
CA VAL A 567 27.03 -4.69 36.27
C VAL A 567 28.41 -5.21 35.93
N VAL A 568 29.45 -4.49 36.37
CA VAL A 568 30.81 -4.79 35.98
C VAL A 568 31.68 -5.26 37.14
N LYS A 569 32.42 -6.34 36.92
CA LYS A 569 33.33 -6.88 37.92
C LYS A 569 34.79 -6.56 37.59
N MET A 570 35.49 -5.96 38.54
CA MET A 570 36.91 -5.64 38.36
C MET A 570 37.70 -6.00 39.62
N THR A 571 39.02 -5.94 39.53
CA THR A 571 39.87 -6.13 40.69
C THR A 571 39.84 -4.86 41.52
N GLU A 572 40.26 -4.96 42.79
CA GLU A 572 40.25 -3.80 43.67
C GLU A 572 41.22 -2.73 43.21
N GLU A 573 42.34 -3.16 42.61
CA GLU A 573 43.33 -2.22 42.10
C GLU A 573 42.81 -1.47 40.87
N LYS A 574 42.18 -2.22 39.95
CA LYS A 574 41.66 -1.64 38.73
C LYS A 574 40.57 -0.60 39.02
N LEU A 575 39.69 -0.93 39.95
CA LEU A 575 38.59 -0.03 40.30
C LEU A 575 39.12 1.22 41.00
N ALA A 576 40.09 1.04 41.88
CA ALA A 576 40.73 2.15 42.56
C ALA A 576 41.39 3.08 41.56
N GLU A 577 41.97 2.50 40.52
CA GLU A 577 42.58 3.27 39.44
C GLU A 577 41.54 4.09 38.67
N ALA A 578 40.47 3.42 38.25
CA ALA A 578 39.41 4.08 37.50
C ALA A 578 38.68 5.13 38.34
N GLU A 579 38.66 4.91 39.65
CA GLU A 579 37.97 5.82 40.57
C GLU A 579 38.63 7.18 40.65
N ARG A 580 39.96 7.19 40.73
CA ARG A 580 40.71 8.46 40.82
C ARG A 580 40.77 9.14 39.46
N VAL A 581 40.84 8.37 38.40
CA VAL A 581 40.85 8.90 37.04
C VAL A 581 39.48 9.48 36.71
N GLY A 582 38.44 8.72 37.01
CA GLY A 582 37.08 9.13 36.71
C GLY A 582 36.32 8.07 35.94
N LEU A 583 35.33 7.46 36.60
CA LEU A 583 34.56 6.37 36.02
C LEU A 583 33.90 6.76 34.70
N HIS A 584 33.37 7.97 34.65
CA HIS A 584 32.72 8.47 33.44
C HIS A 584 33.73 8.56 32.30
N LYS A 585 34.94 8.99 32.63
CA LYS A 585 36.01 9.11 31.65
C LYS A 585 36.50 7.73 31.21
N VAL A 586 36.68 6.83 32.18
CA VAL A 586 37.21 5.50 31.91
C VAL A 586 36.29 4.67 31.02
N PHE A 587 35.02 4.62 31.37
CA PHE A 587 34.06 3.80 30.63
C PHE A 587 33.39 4.56 29.49
N LYS A 588 33.91 5.74 29.20
CA LYS A 588 33.45 6.55 28.07
C LYS A 588 31.94 6.80 28.14
N LEU A 589 31.47 7.21 29.32
CA LEU A 589 30.06 7.50 29.52
C LEU A 589 29.77 8.99 29.35
N GLN A 590 30.69 9.69 28.69
CA GLN A 590 30.51 11.10 28.40
C GLN A 590 30.64 11.37 26.91
N THR A 591 29.64 12.04 26.34
CA THR A 591 29.71 12.48 24.95
C THR A 591 29.48 13.97 24.87
N SER A 592 30.19 14.64 23.96
CA SER A 592 30.04 16.07 23.79
C SER A 592 29.01 16.38 22.70
N LEU A 593 28.35 17.52 22.84
CA LEU A 593 27.32 17.92 21.89
C LEU A 593 27.46 19.39 21.51
N THR A 594 27.99 19.64 20.32
CA THR A 594 28.16 21.00 19.82
C THR A 594 27.12 21.30 18.74
N CYS A 595 26.32 22.33 18.97
CA CYS A 595 25.26 22.69 18.03
C CYS A 595 25.40 24.14 17.55
N ASN A 596 26.23 24.34 16.54
CA ASN A 596 26.43 25.67 15.97
C ASN A 596 25.69 25.86 14.65
N SER A 597 25.41 24.76 13.97
CA SER A 597 24.73 24.81 12.67
C SER A 597 23.22 24.63 12.80
N MET A 598 22.60 25.50 13.58
CA MET A 598 21.15 25.45 13.75
C MET A 598 20.46 26.25 12.62
N VAL A 599 20.38 25.62 11.46
CA VAL A 599 19.87 26.28 10.25
C VAL A 599 18.42 25.87 9.96
N LEU A 600 17.55 26.87 9.86
CA LEU A 600 16.12 26.62 9.62
C LEU A 600 15.54 27.56 8.57
N PHE A 601 14.39 27.19 8.03
CA PHE A 601 13.61 28.07 7.15
C PHE A 601 12.69 28.94 7.99
N ASP A 602 12.69 30.24 7.74
CA ASP A 602 11.76 31.13 8.44
C ASP A 602 10.36 31.03 7.85
N HIS A 603 9.49 31.95 8.25
CA HIS A 603 8.08 31.89 7.85
C HIS A 603 7.85 32.37 6.42
N VAL A 604 8.92 32.71 5.70
CA VAL A 604 8.79 33.18 4.32
C VAL A 604 9.68 32.40 3.37
N GLY A 605 10.23 31.29 3.86
CA GLY A 605 11.01 30.39 3.03
C GLY A 605 12.45 30.81 2.82
N CYS A 606 12.97 31.64 3.71
CA CYS A 606 14.37 32.05 3.63
C CYS A 606 15.19 31.27 4.65
N LEU A 607 16.34 30.78 4.21
CA LEU A 607 17.20 29.98 5.06
C LEU A 607 17.95 30.85 6.06
N LYS A 608 17.51 30.82 7.31
CA LYS A 608 18.16 31.58 8.37
C LYS A 608 19.00 30.68 9.28
N LYS A 609 20.09 31.21 9.79
CA LYS A 609 20.93 30.48 10.74
C LYS A 609 20.82 31.07 12.14
N TYR A 610 20.08 30.39 13.01
CA TYR A 610 19.83 30.88 14.35
C TYR A 610 21.01 30.59 15.27
N ASP A 611 21.33 31.56 16.12
CA ASP A 611 22.50 31.48 16.99
C ASP A 611 22.20 30.75 18.29
N THR A 612 21.09 31.12 18.93
CA THR A 612 20.64 30.45 20.14
C THR A 612 19.20 29.97 20.01
N VAL A 613 18.80 29.04 20.86
CA VAL A 613 17.45 28.50 20.81
C VAL A 613 16.43 29.52 21.31
N LEU A 614 16.91 30.52 22.03
CA LEU A 614 16.04 31.59 22.51
C LEU A 614 15.64 32.51 21.35
N ASP A 615 16.50 32.59 20.35
CA ASP A 615 16.18 33.32 19.12
C ASP A 615 15.04 32.63 18.38
N ILE A 616 15.14 31.31 18.24
CA ILE A 616 14.08 30.51 17.64
C ILE A 616 12.78 30.67 18.42
N LEU A 617 12.90 30.60 19.74
CA LEU A 617 11.77 30.77 20.64
C LEU A 617 11.13 32.14 20.50
N ARG A 618 11.95 33.16 20.34
CA ARG A 618 11.47 34.54 20.25
C ARG A 618 10.74 34.81 18.94
N ASP A 619 11.38 34.47 17.83
CA ASP A 619 10.77 34.63 16.51
C ASP A 619 9.46 33.86 16.42
N PHE A 620 9.44 32.64 16.96
CA PHE A 620 8.23 31.84 17.02
C PHE A 620 7.12 32.57 17.77
N PHE A 621 7.47 33.14 18.92
CA PHE A 621 6.51 33.81 19.78
C PHE A 621 5.79 34.93 19.04
N GLU A 622 6.54 35.72 18.28
CA GLU A 622 5.97 36.79 17.48
C GLU A 622 4.95 36.26 16.49
N LEU A 623 5.35 35.28 15.70
CA LEU A 623 4.49 34.69 14.68
C LEU A 623 3.24 34.05 15.27
N ARG A 624 3.44 33.25 16.31
CA ARG A 624 2.33 32.54 16.95
C ARG A 624 1.31 33.51 17.56
N LEU A 625 1.80 34.55 18.20
CA LEU A 625 0.94 35.57 18.80
C LEU A 625 0.15 36.29 17.72
N LYS A 626 0.81 36.57 16.61
CA LYS A 626 0.17 37.19 15.46
C LYS A 626 -0.98 36.34 14.93
N TYR A 627 -0.73 35.03 14.84
CA TYR A 627 -1.71 34.11 14.28
C TYR A 627 -2.86 33.80 15.23
N TYR A 628 -2.66 34.05 16.52
CA TYR A 628 -3.76 33.95 17.47
C TYR A 628 -4.71 35.13 17.28
N GLY A 629 -4.15 36.29 16.93
CA GLY A 629 -4.94 37.44 16.55
C GLY A 629 -5.74 37.12 15.31
N LEU A 630 -5.07 36.55 14.32
CA LEU A 630 -5.70 36.15 13.06
C LEU A 630 -6.81 35.13 13.30
N ARG A 631 -6.57 34.17 14.20
CA ARG A 631 -7.56 33.16 14.51
C ARG A 631 -8.82 33.77 15.11
N LYS A 632 -8.64 34.72 16.02
CA LYS A 632 -9.78 35.38 16.65
C LYS A 632 -10.62 36.15 15.64
N GLU A 633 -9.95 36.87 14.75
CA GLU A 633 -10.61 37.65 13.72
C GLU A 633 -11.48 36.77 12.83
N TRP A 634 -10.93 35.65 12.38
CA TRP A 634 -11.67 34.70 11.54
C TRP A 634 -12.85 34.09 12.31
N LEU A 635 -12.61 33.69 13.55
CA LEU A 635 -13.64 33.10 14.40
C LEU A 635 -14.78 34.09 14.66
N LEU A 636 -14.44 35.36 14.78
CA LEU A 636 -15.46 36.40 14.96
C LEU A 636 -16.40 36.43 13.76
N GLY A 637 -15.82 36.41 12.56
CA GLY A 637 -16.60 36.38 11.34
C GLY A 637 -17.51 35.17 11.26
N MET A 638 -16.96 33.99 11.51
CA MET A 638 -17.71 32.75 11.43
C MET A 638 -18.82 32.68 12.47
N LEU A 639 -18.45 32.86 13.73
CA LEU A 639 -19.42 32.82 14.83
C LEU A 639 -20.48 33.89 14.68
N GLY A 640 -20.08 35.04 14.13
CA GLY A 640 -21.03 36.10 13.86
C GLY A 640 -22.08 35.63 12.87
N ALA A 641 -21.62 35.04 11.77
CA ALA A 641 -22.51 34.50 10.74
C ALA A 641 -23.39 33.40 11.30
N GLU A 642 -22.81 32.48 12.06
CA GLU A 642 -23.55 31.37 12.65
C GLU A 642 -24.62 31.87 13.61
N SER A 643 -24.30 32.94 14.36
CA SER A 643 -25.25 33.53 15.27
C SER A 643 -26.38 34.23 14.51
N ALA A 644 -26.02 34.92 13.43
CA ALA A 644 -27.01 35.59 12.59
C ALA A 644 -27.99 34.60 11.98
N LYS A 645 -27.46 33.49 11.47
CA LYS A 645 -28.28 32.44 10.89
C LYS A 645 -29.25 31.85 11.91
N LEU A 646 -28.74 31.60 13.12
CA LEU A 646 -29.57 31.07 14.19
C LEU A 646 -30.63 32.06 14.64
N ASN A 647 -30.29 33.35 14.62
CA ASN A 647 -31.26 34.39 14.96
C ASN A 647 -32.44 34.39 14.00
N ASN A 648 -32.15 34.32 12.70
CA ASN A 648 -33.20 34.29 11.69
C ASN A 648 -34.06 33.03 11.78
N GLN A 649 -33.41 31.88 11.97
CA GLN A 649 -34.12 30.61 12.08
C GLN A 649 -35.03 30.57 13.31
N ALA A 650 -34.55 31.10 14.42
CA ALA A 650 -35.33 31.14 15.65
C ALA A 650 -36.53 32.06 15.51
N ARG A 651 -36.28 33.25 14.96
CA ARG A 651 -37.33 34.24 14.72
C ARG A 651 -38.41 33.71 13.78
N PHE A 652 -37.98 33.01 12.74
CA PHE A 652 -38.90 32.43 11.76
C PHE A 652 -39.85 31.43 12.39
N ILE A 653 -39.30 30.52 13.19
CA ILE A 653 -40.10 29.51 13.88
C ILE A 653 -41.13 30.13 14.82
N LEU A 654 -40.69 31.08 15.64
CA LEU A 654 -41.55 31.71 16.62
C LEU A 654 -42.68 32.49 15.95
N GLU A 655 -42.36 33.16 14.85
CA GLU A 655 -43.36 33.91 14.10
C GLU A 655 -44.36 32.99 13.42
N LYS A 656 -43.89 31.82 12.99
CA LYS A 656 -44.76 30.82 12.39
C LYS A 656 -45.75 30.26 13.41
N ILE A 657 -45.25 29.96 14.60
CA ILE A 657 -46.09 29.44 15.69
C ILE A 657 -47.09 30.49 16.15
N ASP A 658 -46.63 31.73 16.30
CA ASP A 658 -47.49 32.84 16.68
C ASP A 658 -48.52 33.15 15.58
N GLY A 659 -48.26 32.66 14.39
CA GLY A 659 -49.17 32.83 13.27
C GLY A 659 -48.89 34.11 12.50
N LYS A 660 -47.69 34.64 12.68
CA LYS A 660 -47.29 35.86 11.99
C LYS A 660 -46.87 35.57 10.55
N ILE A 661 -46.60 34.30 10.27
CA ILE A 661 -46.22 33.89 8.92
C ILE A 661 -46.99 32.65 8.50
N ILE A 662 -47.61 32.71 7.32
CA ILE A 662 -48.32 31.56 6.76
C ILE A 662 -47.57 31.01 5.55
N ILE A 663 -47.25 29.72 5.59
CA ILE A 663 -46.49 29.10 4.51
C ILE A 663 -47.26 27.94 3.87
N GLU A 664 -48.37 27.55 4.49
CA GLU A 664 -49.18 26.44 4.01
C GLU A 664 -49.78 26.72 2.63
N ASN A 665 -49.42 25.89 1.65
CA ASN A 665 -49.94 25.97 0.28
C ASN A 665 -49.66 27.32 -0.40
N LYS A 666 -48.68 28.06 0.14
CA LYS A 666 -48.28 29.33 -0.46
C LYS A 666 -47.21 29.11 -1.50
N PRO A 667 -47.31 29.80 -2.65
CA PRO A 667 -46.30 29.71 -3.71
C PRO A 667 -44.93 30.18 -3.24
N LYS A 668 -43.88 29.64 -3.86
CA LYS A 668 -42.51 29.95 -3.46
C LYS A 668 -42.18 31.44 -3.61
N LYS A 669 -42.47 31.99 -4.78
CA LYS A 669 -42.14 33.38 -5.08
C LYS A 669 -42.84 34.36 -4.13
N GLU A 670 -44.11 34.06 -3.81
CA GLU A 670 -44.88 34.88 -2.89
C GLU A 670 -44.29 34.85 -1.48
N LEU A 671 -43.88 33.66 -1.04
CA LEU A 671 -43.35 33.48 0.30
C LEU A 671 -42.01 34.18 0.46
N ILE A 672 -41.23 34.22 -0.61
CA ILE A 672 -39.96 34.94 -0.63
C ILE A 672 -40.18 36.45 -0.42
N LYS A 673 -41.16 36.98 -1.12
CA LYS A 673 -41.52 38.40 -0.99
C LYS A 673 -41.91 38.73 0.44
N VAL A 674 -42.60 37.80 1.10
CA VAL A 674 -43.03 37.98 2.48
C VAL A 674 -41.82 38.12 3.42
N LEU A 675 -40.86 37.21 3.29
CA LEU A 675 -39.67 37.22 4.13
C LEU A 675 -38.85 38.50 3.97
N ILE A 676 -38.63 38.90 2.72
CA ILE A 676 -37.88 40.11 2.42
C ILE A 676 -38.57 41.33 3.01
N GLN A 677 -39.89 41.37 2.87
CA GLN A 677 -40.69 42.49 3.38
C GLN A 677 -40.73 42.48 4.92
N ARG A 678 -40.38 41.35 5.51
CA ARG A 678 -40.34 41.25 6.96
C ARG A 678 -38.92 41.44 7.49
N GLY A 679 -38.00 41.75 6.59
CA GLY A 679 -36.65 42.10 6.99
C GLY A 679 -35.76 40.92 7.33
N TYR A 680 -36.18 39.73 6.93
CA TYR A 680 -35.36 38.53 7.12
C TYR A 680 -34.08 38.63 6.30
N ASP A 681 -32.95 38.29 6.93
CA ASP A 681 -31.65 38.37 6.27
C ASP A 681 -31.39 37.16 5.38
N SER A 682 -30.63 37.37 4.31
CA SER A 682 -30.19 36.26 3.46
C SER A 682 -29.26 35.36 4.26
N ASP A 683 -29.02 34.16 3.74
CA ASP A 683 -28.17 33.17 4.41
C ASP A 683 -26.81 33.75 4.79
N PRO A 684 -26.60 33.99 6.10
CA PRO A 684 -25.39 34.65 6.60
C PRO A 684 -24.14 33.79 6.43
N VAL A 685 -24.29 32.49 6.63
CA VAL A 685 -23.18 31.54 6.46
C VAL A 685 -22.74 31.50 5.00
N LYS A 686 -23.72 31.43 4.10
CA LYS A 686 -23.47 31.45 2.67
C LYS A 686 -22.79 32.75 2.26
N ALA A 687 -23.33 33.86 2.76
CA ALA A 687 -22.78 35.19 2.45
C ALA A 687 -21.36 35.31 2.98
N TRP A 688 -21.13 34.74 4.15
CA TRP A 688 -19.80 34.79 4.77
C TRP A 688 -18.80 33.89 4.05
N LYS A 689 -19.24 32.71 3.64
CA LYS A 689 -18.39 31.79 2.90
C LYS A 689 -17.93 32.41 1.58
N GLU A 690 -18.86 33.06 0.90
CA GLU A 690 -18.59 33.71 -0.38
C GLU A 690 -17.68 34.93 -0.20
N ALA A 691 -17.68 35.49 1.01
CA ALA A 691 -16.85 36.65 1.31
C ALA A 691 -15.39 36.26 1.48
N GLN A 692 -15.11 34.96 1.43
CA GLN A 692 -13.76 34.45 1.60
C GLN A 692 -13.10 34.18 0.24
N GLN A 693 -12.83 35.25 -0.51
CA GLN A 693 -12.19 35.14 -1.81
C GLN A 693 -11.17 36.25 -2.01
N SER A 719 -29.73 33.51 -8.15
CA SER A 719 -29.38 34.92 -7.97
C SER A 719 -30.38 35.63 -7.06
N GLY A 720 -29.87 36.36 -6.08
CA GLY A 720 -30.70 37.09 -5.15
C GLY A 720 -30.62 36.51 -3.75
N PRO A 721 -31.57 36.91 -2.88
CA PRO A 721 -31.57 36.44 -1.49
C PRO A 721 -31.79 34.93 -1.36
N THR A 722 -31.12 34.32 -0.39
CA THR A 722 -31.25 32.88 -0.16
C THR A 722 -31.94 32.64 1.17
N PHE A 723 -33.11 32.02 1.13
CA PHE A 723 -33.86 31.75 2.36
C PHE A 723 -34.11 30.25 2.53
N ASN A 724 -33.34 29.45 1.80
CA ASN A 724 -33.48 28.01 1.85
C ASN A 724 -33.30 27.46 3.27
N TYR A 725 -32.34 28.03 3.99
CA TYR A 725 -32.00 27.58 5.34
C TYR A 725 -33.17 27.67 6.32
N LEU A 726 -34.12 28.55 6.01
CA LEU A 726 -35.31 28.71 6.84
C LEU A 726 -36.31 27.58 6.61
N LEU A 727 -36.55 27.26 5.34
CA LEU A 727 -37.53 26.25 4.99
C LEU A 727 -36.95 24.84 5.01
N ASP A 728 -35.62 24.75 5.04
CA ASP A 728 -34.95 23.45 5.11
C ASP A 728 -35.15 22.79 6.47
N MET A 729 -35.50 23.58 7.47
CA MET A 729 -35.73 23.07 8.81
C MET A 729 -36.94 22.12 8.84
N PRO A 730 -36.77 20.95 9.46
CA PRO A 730 -37.84 19.95 9.57
C PRO A 730 -39.05 20.47 10.31
N LEU A 731 -40.17 19.76 10.19
CA LEU A 731 -41.40 20.11 10.89
C LEU A 731 -41.24 19.93 12.41
N TRP A 732 -40.21 19.20 12.80
CA TRP A 732 -39.89 18.99 14.21
C TRP A 732 -39.76 20.30 14.98
N TYR A 733 -39.13 21.28 14.35
CA TYR A 733 -38.83 22.54 15.02
C TYR A 733 -40.06 23.44 15.22
N LEU A 734 -41.24 22.90 14.94
CA LEU A 734 -42.47 23.60 15.29
C LEU A 734 -43.00 23.05 16.62
N THR A 735 -42.54 21.85 16.96
CA THR A 735 -42.88 21.21 18.23
C THR A 735 -42.20 21.94 19.38
N LYS A 736 -42.78 21.83 20.57
CA LYS A 736 -42.28 22.52 21.76
C LYS A 736 -40.84 22.13 22.11
N GLU A 737 -40.56 20.83 22.17
CA GLU A 737 -39.25 20.35 22.58
C GLU A 737 -38.12 20.83 21.67
N LYS A 738 -38.39 20.89 20.37
CA LYS A 738 -37.37 21.29 19.40
C LYS A 738 -37.28 22.81 19.28
N LYS A 739 -38.38 23.49 19.57
CA LYS A 739 -38.38 24.95 19.59
C LYS A 739 -37.47 25.45 20.70
N ASP A 740 -37.59 24.84 21.88
CA ASP A 740 -36.74 25.15 23.00
C ASP A 740 -35.29 24.82 22.68
N GLU A 741 -35.10 23.73 21.93
CA GLU A 741 -33.77 23.31 21.51
C GLU A 741 -33.12 24.34 20.58
N LEU A 742 -33.93 24.90 19.69
CA LEU A 742 -33.44 25.91 18.75
C LEU A 742 -33.10 27.21 19.44
N CYS A 743 -33.96 27.63 20.36
CA CYS A 743 -33.73 28.86 21.14
C CYS A 743 -32.51 28.77 22.06
N ARG A 744 -32.21 27.58 22.55
CA ARG A 744 -31.03 27.38 23.39
C ARG A 744 -29.76 27.53 22.56
N LEU A 745 -29.77 26.94 21.38
CA LEU A 745 -28.63 26.97 20.48
C LEU A 745 -28.36 28.40 20.00
N ARG A 746 -29.43 29.17 19.79
CA ARG A 746 -29.29 30.55 19.37
C ARG A 746 -28.65 31.37 20.48
N ASN A 747 -29.10 31.13 21.70
CA ASN A 747 -28.55 31.79 22.88
C ASN A 747 -27.11 31.36 23.15
N GLU A 748 -26.85 30.06 22.98
CA GLU A 748 -25.53 29.51 23.22
C GLU A 748 -24.51 30.03 22.21
N LYS A 749 -24.90 30.14 20.95
CA LYS A 749 -24.00 30.66 19.92
C LYS A 749 -23.77 32.15 20.11
N GLU A 750 -24.82 32.86 20.50
CA GLU A 750 -24.70 34.28 20.81
C GLU A 750 -23.74 34.46 21.99
N GLN A 751 -23.84 33.56 22.96
CA GLN A 751 -22.96 33.57 24.12
C GLN A 751 -21.50 33.33 23.72
N GLU A 752 -21.30 32.34 22.85
CA GLU A 752 -19.97 31.99 22.38
C GLU A 752 -19.29 33.16 21.68
N LEU A 753 -20.06 33.90 20.88
CA LEU A 753 -19.53 35.08 20.18
C LEU A 753 -19.13 36.16 21.16
N ASP A 754 -20.00 36.44 22.12
CA ASP A 754 -19.72 37.46 23.13
C ASP A 754 -18.53 37.08 23.99
N THR A 755 -18.40 35.78 24.28
CA THR A 755 -17.30 35.28 25.10
C THR A 755 -15.96 35.45 24.39
N LEU A 756 -15.96 35.19 23.09
CA LEU A 756 -14.75 35.33 22.28
C LEU A 756 -14.30 36.79 22.20
N LYS A 757 -15.28 37.69 22.12
CA LYS A 757 -15.03 39.12 22.01
C LYS A 757 -14.18 39.64 23.17
N ARG A 758 -14.50 39.18 24.38
CA ARG A 758 -13.85 39.67 25.59
C ARG A 758 -12.59 38.87 25.90
N LYS A 759 -11.96 38.32 24.87
CA LYS A 759 -10.73 37.56 25.05
C LYS A 759 -9.60 38.06 24.15
N SER A 760 -8.45 38.35 24.75
CA SER A 760 -7.27 38.77 24.01
C SER A 760 -6.67 37.55 23.31
N PRO A 761 -5.86 37.79 22.25
CA PRO A 761 -5.16 36.68 21.59
C PRO A 761 -4.32 35.86 22.58
N SER A 762 -3.71 36.53 23.54
CA SER A 762 -2.91 35.87 24.57
C SER A 762 -3.76 34.96 25.45
N ASP A 763 -4.98 35.41 25.74
CA ASP A 763 -5.91 34.62 26.55
C ASP A 763 -6.24 33.29 25.87
N LEU A 764 -6.48 33.35 24.57
CA LEU A 764 -6.78 32.15 23.78
C LEU A 764 -5.59 31.19 23.78
N TRP A 765 -4.39 31.75 23.66
CA TRP A 765 -3.16 30.96 23.67
C TRP A 765 -3.01 30.21 24.99
N LYS A 766 -3.29 30.89 26.09
CA LYS A 766 -3.23 30.28 27.41
C LYS A 766 -4.19 29.10 27.52
N GLU A 767 -5.35 29.23 26.88
CA GLU A 767 -6.36 28.16 26.87
C GLU A 767 -5.84 26.90 26.22
N ASP A 768 -5.26 27.04 25.04
CA ASP A 768 -4.72 25.91 24.29
C ASP A 768 -3.58 25.25 25.06
N LEU A 769 -2.74 26.08 25.68
CA LEU A 769 -1.60 25.57 26.45
C LEU A 769 -2.09 24.79 27.67
N ALA A 770 -3.11 25.31 28.33
CA ALA A 770 -3.70 24.66 29.48
C ALA A 770 -4.31 23.30 29.10
N THR A 771 -5.10 23.29 28.02
CA THR A 771 -5.71 22.07 27.53
C THR A 771 -4.66 21.05 27.12
N PHE A 772 -3.56 21.55 26.57
CA PHE A 772 -2.46 20.69 26.13
C PHE A 772 -1.73 20.05 27.30
N ILE A 773 -1.40 20.87 28.30
CA ILE A 773 -0.66 20.39 29.47
C ILE A 773 -1.42 19.28 30.20
N GLU A 774 -2.73 19.47 30.35
CA GLU A 774 -3.57 18.48 31.04
C GLU A 774 -3.49 17.12 30.37
N GLU A 775 -3.66 17.09 29.05
CA GLU A 775 -3.58 15.85 28.30
C GLU A 775 -2.15 15.31 28.26
N LEU A 776 -1.18 16.22 28.25
CA LEU A 776 0.22 15.84 28.26
C LEU A 776 0.55 15.05 29.52
N GLU A 777 0.02 15.51 30.66
CA GLU A 777 0.20 14.81 31.93
C GLU A 777 -0.44 13.44 31.89
N ALA A 778 -1.67 13.39 31.39
CA ALA A 778 -2.41 12.13 31.29
C ALA A 778 -1.67 11.11 30.44
N VAL A 779 -1.19 11.55 29.28
CA VAL A 779 -0.47 10.69 28.36
C VAL A 779 0.82 10.14 28.98
N GLU A 780 1.66 11.04 29.45
CA GLU A 780 2.95 10.66 30.01
C GLU A 780 2.81 9.83 31.28
N ALA A 781 1.70 10.02 31.99
CA ALA A 781 1.41 9.20 33.16
C ALA A 781 1.15 7.75 32.74
N LYS A 782 0.32 7.58 31.72
CA LYS A 782 -0.01 6.26 31.19
C LYS A 782 1.22 5.56 30.61
N GLU A 783 2.12 6.34 30.02
CA GLU A 783 3.37 5.82 29.48
C GLU A 783 4.25 5.20 30.56
N LYS A 784 4.43 5.92 31.66
CA LYS A 784 5.28 5.46 32.75
C LYS A 784 4.73 4.17 33.36
N GLN A 785 3.41 4.04 33.40
CA GLN A 785 2.77 2.86 33.96
C GLN A 785 3.04 1.63 33.10
N LYS B 34 26.98 -22.14 10.95
CA LYS B 34 28.33 -22.56 10.59
C LYS B 34 28.72 -22.01 9.21
N GLY B 35 28.00 -21.00 8.76
CA GLY B 35 28.26 -20.38 7.48
C GLY B 35 26.98 -20.07 6.72
N ILE B 36 25.86 -20.10 7.45
CA ILE B 36 24.56 -19.84 6.87
C ILE B 36 23.91 -18.61 7.52
N PRO B 37 23.49 -17.64 6.69
CA PRO B 37 22.82 -16.44 7.21
C PRO B 37 21.44 -16.76 7.78
N LYS B 38 20.85 -15.80 8.48
CA LYS B 38 19.52 -15.97 9.09
C LYS B 38 19.46 -17.11 10.09
N LEU B 39 20.61 -17.53 10.61
CA LEU B 39 20.65 -18.69 11.51
C LEU B 39 21.03 -18.30 12.93
N ASP B 40 20.17 -18.66 13.88
CA ASP B 40 20.45 -18.50 15.29
C ASP B 40 20.74 -19.87 15.91
N ASP B 41 21.87 -20.46 15.52
CA ASP B 41 22.23 -21.81 15.93
C ASP B 41 22.39 -21.93 17.45
N ALA B 42 22.07 -23.10 17.98
CA ALA B 42 22.20 -23.35 19.41
C ALA B 42 23.68 -23.38 19.82
N ASN B 43 23.94 -23.16 21.11
CA ASN B 43 25.30 -23.12 21.61
C ASN B 43 25.80 -24.51 22.01
N ASP B 44 24.89 -25.37 22.43
CA ASP B 44 25.24 -26.72 22.85
C ASP B 44 25.12 -27.70 21.68
N ALA B 45 25.19 -27.17 20.46
CA ALA B 45 25.06 -27.98 19.26
C ALA B 45 26.43 -28.47 18.76
N GLY B 46 26.61 -29.79 18.75
CA GLY B 46 27.86 -30.38 18.29
C GLY B 46 28.79 -30.78 19.42
N GLY B 47 28.21 -31.18 20.55
CA GLY B 47 28.99 -31.60 21.69
C GLY B 47 28.52 -32.93 22.25
N ARG B 48 28.79 -33.18 23.52
CA ARG B 48 28.35 -34.41 24.17
C ARG B 48 26.83 -34.41 24.34
N ASN B 49 26.28 -33.25 24.69
CA ASN B 49 24.84 -33.09 24.84
C ASN B 49 24.21 -32.58 23.55
N SER B 50 24.62 -33.15 22.43
CA SER B 50 24.10 -32.77 21.11
C SER B 50 22.68 -33.27 20.89
N THR B 51 22.38 -34.45 21.42
CA THR B 51 21.05 -35.05 21.28
C THR B 51 20.02 -34.42 22.21
N GLU B 52 20.47 -33.52 23.07
CA GLU B 52 19.59 -32.84 24.01
C GLU B 52 19.19 -31.46 23.48
N CYS B 53 19.50 -31.20 22.22
CA CYS B 53 19.19 -29.90 21.61
C CYS B 53 17.96 -29.99 20.70
N THR B 54 17.32 -28.84 20.51
CA THR B 54 16.11 -28.77 19.68
C THR B 54 16.20 -27.64 18.66
N LEU B 55 15.85 -27.93 17.41
CA LEU B 55 15.84 -26.91 16.36
C LEU B 55 14.41 -26.51 15.99
N ILE B 56 14.14 -25.21 16.08
CA ILE B 56 12.82 -24.69 15.77
C ILE B 56 12.74 -24.11 14.36
N LEU B 57 12.05 -24.82 13.47
CA LEU B 57 11.81 -24.31 12.12
C LEU B 57 10.55 -23.46 12.11
N THR B 58 10.69 -22.20 11.72
CA THR B 58 9.59 -21.25 11.81
C THR B 58 9.06 -20.81 10.45
N GLU B 59 7.82 -20.33 10.44
CA GLU B 59 7.18 -19.84 9.23
C GLU B 59 7.57 -18.39 8.94
N GLY B 60 8.74 -18.20 8.34
CA GLY B 60 9.23 -16.89 7.99
C GLY B 60 10.16 -16.28 9.01
N ASP B 61 10.68 -15.10 8.72
CA ASP B 61 11.63 -14.43 9.59
C ASP B 61 10.94 -13.72 10.73
N SER B 62 9.71 -13.27 10.48
CA SER B 62 8.91 -12.64 11.53
C SER B 62 8.63 -13.65 12.64
N ALA B 63 8.37 -14.89 12.24
CA ALA B 63 8.15 -15.98 13.18
C ALA B 63 9.44 -16.30 13.96
N LYS B 64 10.57 -16.18 13.27
CA LYS B 64 11.87 -16.39 13.89
C LYS B 64 12.09 -15.42 15.05
N THR B 65 11.76 -14.16 14.82
CA THR B 65 11.89 -13.12 15.83
C THR B 65 11.03 -13.43 17.06
N LEU B 66 9.82 -13.93 16.81
CA LEU B 66 8.88 -14.28 17.87
C LEU B 66 9.40 -15.43 18.71
N ALA B 67 9.97 -16.43 18.05
CA ALA B 67 10.54 -17.59 18.72
C ALA B 67 11.75 -17.20 19.58
N VAL B 68 12.61 -16.35 19.02
CA VAL B 68 13.80 -15.88 19.72
C VAL B 68 13.47 -15.12 20.99
N SER B 69 12.50 -14.21 20.91
CA SER B 69 12.09 -13.44 22.08
C SER B 69 11.48 -14.33 23.15
N GLY B 70 10.75 -15.34 22.72
CA GLY B 70 10.10 -16.27 23.63
C GLY B 70 11.07 -17.18 24.35
N LEU B 71 12.12 -17.59 23.65
CA LEU B 71 13.09 -18.53 24.18
C LEU B 71 14.09 -17.91 25.17
N GLY B 72 14.18 -16.59 25.19
CA GLY B 72 15.15 -15.95 26.07
C GLY B 72 14.73 -15.91 27.52
N VAL B 73 15.67 -15.60 28.41
CA VAL B 73 17.06 -15.39 27.99
C VAL B 73 17.79 -16.73 28.05
N VAL B 74 17.33 -17.62 28.91
CA VAL B 74 17.96 -18.93 29.09
C VAL B 74 17.30 -19.95 28.17
N GLY B 75 18.11 -20.81 27.56
CA GLY B 75 17.59 -21.81 26.65
C GLY B 75 18.11 -21.69 25.24
N ARG B 76 19.06 -20.76 25.05
CA ARG B 76 19.69 -20.59 23.74
C ARG B 76 20.62 -21.76 23.46
N ASP B 77 21.04 -22.43 24.51
CA ASP B 77 21.92 -23.59 24.40
C ASP B 77 21.19 -24.81 23.85
N LYS B 78 20.02 -25.11 24.41
CA LYS B 78 19.27 -26.30 24.04
C LYS B 78 18.33 -26.07 22.85
N TYR B 79 18.01 -24.82 22.56
CA TYR B 79 17.05 -24.52 21.50
C TYR B 79 17.66 -23.66 20.39
N GLY B 80 17.50 -24.10 19.14
CA GLY B 80 17.95 -23.34 17.99
C GLY B 80 16.78 -22.92 17.11
N VAL B 81 16.96 -21.81 16.39
CA VAL B 81 15.90 -21.28 15.53
C VAL B 81 16.38 -21.03 14.10
N PHE B 82 15.60 -21.47 13.12
CA PHE B 82 15.89 -21.20 11.71
C PHE B 82 14.60 -20.99 10.92
N PRO B 83 14.50 -19.87 10.21
CA PRO B 83 13.29 -19.52 9.45
C PRO B 83 13.24 -20.18 8.08
N LEU B 84 12.07 -20.72 7.74
CA LEU B 84 11.83 -21.28 6.41
C LEU B 84 11.09 -20.26 5.54
N ARG B 85 11.64 -19.97 4.37
CA ARG B 85 11.07 -18.96 3.49
C ARG B 85 9.86 -19.47 2.72
N GLY B 86 8.79 -19.78 3.44
CA GLY B 86 7.56 -20.25 2.82
C GLY B 86 7.47 -21.76 2.70
N LYS B 87 6.65 -22.22 1.76
CA LYS B 87 6.46 -23.65 1.54
C LYS B 87 7.66 -24.26 0.82
N ILE B 88 8.13 -25.40 1.31
CA ILE B 88 9.34 -26.02 0.78
C ILE B 88 9.03 -26.98 -0.37
N LEU B 89 10.06 -27.72 -0.79
CA LEU B 89 9.97 -28.58 -1.96
C LEU B 89 9.45 -29.97 -1.61
N ASN B 90 8.52 -30.47 -2.42
CA ASN B 90 8.07 -31.86 -2.32
C ASN B 90 9.05 -32.76 -3.04
N VAL B 91 9.82 -33.53 -2.29
CA VAL B 91 10.92 -34.32 -2.84
C VAL B 91 10.57 -35.78 -3.09
N ARG B 92 9.28 -36.11 -3.04
CA ARG B 92 8.87 -37.50 -3.21
C ARG B 92 8.97 -37.96 -4.67
N GLU B 93 8.61 -37.08 -5.60
CA GLU B 93 8.75 -37.39 -7.02
C GLU B 93 9.54 -36.32 -7.75
N ALA B 94 10.28 -35.52 -6.98
CA ALA B 94 11.09 -34.45 -7.55
C ALA B 94 12.33 -35.01 -8.23
N SER B 95 12.77 -34.33 -9.29
CA SER B 95 13.95 -34.75 -10.03
C SER B 95 15.22 -34.56 -9.20
N HIS B 96 16.28 -35.25 -9.58
CA HIS B 96 17.56 -35.16 -8.89
C HIS B 96 18.12 -33.74 -8.98
N LYS B 97 17.93 -33.12 -10.15
CA LYS B 97 18.45 -31.78 -10.40
C LYS B 97 17.81 -30.74 -9.48
N GLN B 98 16.50 -30.84 -9.29
CA GLN B 98 15.77 -29.85 -8.50
C GLN B 98 16.06 -29.97 -7.00
N ILE B 99 16.17 -31.20 -6.51
CA ILE B 99 16.41 -31.45 -5.10
C ILE B 99 17.78 -30.96 -4.65
N MET B 100 18.80 -31.25 -5.45
CA MET B 100 20.16 -30.87 -5.12
C MET B 100 20.37 -29.37 -5.25
N GLU B 101 19.58 -28.73 -6.12
CA GLU B 101 19.69 -27.30 -6.34
C GLU B 101 18.65 -26.52 -5.54
N ASN B 102 18.24 -27.06 -4.41
CA ASN B 102 17.31 -26.37 -3.53
C ASN B 102 18.04 -25.82 -2.31
N ALA B 103 18.04 -24.50 -2.17
CA ALA B 103 18.79 -23.83 -1.12
C ALA B 103 18.21 -24.10 0.26
N GLU B 104 16.88 -24.16 0.33
CA GLU B 104 16.18 -24.34 1.60
C GLU B 104 16.57 -25.64 2.31
N ILE B 105 16.42 -26.77 1.62
CA ILE B 105 16.70 -28.06 2.22
C ILE B 105 18.19 -28.28 2.44
N ASN B 106 19.03 -27.67 1.61
CA ASN B 106 20.48 -27.79 1.77
C ASN B 106 20.95 -27.11 3.06
N ASN B 107 20.28 -26.02 3.42
CA ASN B 107 20.58 -25.33 4.66
C ASN B 107 20.19 -26.16 5.88
N ILE B 108 19.01 -26.78 5.81
CA ILE B 108 18.52 -27.64 6.88
C ILE B 108 19.44 -28.84 7.10
N ILE B 109 19.86 -29.47 6.01
CA ILE B 109 20.76 -30.63 6.07
C ILE B 109 22.08 -30.27 6.73
N LYS B 110 22.62 -29.11 6.38
CA LYS B 110 23.89 -28.64 6.93
C LYS B 110 23.78 -28.28 8.41
N ILE B 111 22.68 -27.65 8.80
CA ILE B 111 22.47 -27.21 10.17
C ILE B 111 22.25 -28.40 11.11
N VAL B 112 21.35 -29.29 10.73
CA VAL B 112 21.05 -30.48 11.54
C VAL B 112 22.22 -31.46 11.50
N GLY B 113 22.92 -31.51 10.38
CA GLY B 113 24.04 -32.42 10.20
C GLY B 113 23.58 -33.72 9.56
N LEU B 114 22.46 -33.66 8.85
CA LEU B 114 21.90 -34.83 8.18
C LEU B 114 22.81 -35.31 7.05
N GLN B 115 22.76 -36.61 6.78
CA GLN B 115 23.55 -37.19 5.70
C GLN B 115 22.62 -37.92 4.72
N TYR B 116 22.84 -37.70 3.44
CA TYR B 116 22.01 -38.31 2.40
C TYR B 116 22.14 -39.84 2.41
N LYS B 117 20.99 -40.51 2.35
CA LYS B 117 20.92 -41.97 2.25
C LYS B 117 21.63 -42.68 3.40
N LYS B 118 21.48 -42.15 4.62
CA LYS B 118 22.06 -42.80 5.79
C LYS B 118 20.97 -43.41 6.67
N ASN B 119 21.22 -44.62 7.14
CA ASN B 119 20.26 -45.32 8.00
C ASN B 119 20.43 -44.94 9.46
N TYR B 120 19.33 -44.60 10.12
CA TYR B 120 19.36 -44.18 11.51
C TYR B 120 18.56 -45.11 12.41
N GLU B 121 18.51 -46.40 12.05
CA GLU B 121 17.81 -47.40 12.85
C GLU B 121 18.53 -47.60 14.18
N ASP B 122 19.86 -47.69 14.11
CA ASP B 122 20.68 -47.80 15.31
C ASP B 122 20.69 -46.47 16.05
N GLU B 123 20.75 -46.53 17.38
CA GLU B 123 20.68 -45.34 18.21
C GLU B 123 21.99 -44.55 18.21
N ASP B 124 23.01 -45.08 17.53
CA ASP B 124 24.32 -44.46 17.47
C ASP B 124 24.43 -43.46 16.32
N SER B 125 23.68 -43.71 15.25
CA SER B 125 23.71 -42.84 14.08
C SER B 125 23.08 -41.48 14.35
N LEU B 126 22.18 -41.42 15.33
CA LEU B 126 21.52 -40.17 15.70
C LEU B 126 22.47 -39.23 16.43
N LYS B 127 23.58 -39.78 16.93
CA LYS B 127 24.57 -38.99 17.64
C LYS B 127 25.42 -38.17 16.66
N THR B 128 25.35 -38.52 15.39
CA THR B 128 26.11 -37.83 14.34
C THR B 128 25.55 -36.44 14.07
N LEU B 129 24.24 -36.29 14.23
CA LEU B 129 23.56 -35.02 13.97
C LEU B 129 23.93 -33.97 15.00
N ARG B 130 23.70 -32.70 14.65
CA ARG B 130 24.01 -31.59 15.54
C ARG B 130 22.82 -31.27 16.45
N TYR B 131 21.62 -31.55 15.96
CA TYR B 131 20.41 -31.34 16.75
C TYR B 131 19.70 -32.66 17.04
N GLY B 132 18.99 -32.72 18.17
CA GLY B 132 18.30 -33.92 18.57
C GLY B 132 16.89 -34.01 18.05
N LYS B 133 16.15 -32.91 18.16
CA LYS B 133 14.76 -32.88 17.70
C LYS B 133 14.46 -31.59 16.94
N ILE B 134 13.57 -31.68 15.95
CA ILE B 134 13.13 -30.51 15.21
C ILE B 134 11.68 -30.17 15.53
N MET B 135 11.45 -28.98 16.06
CA MET B 135 10.10 -28.55 16.40
C MET B 135 9.60 -27.53 15.37
N ILE B 136 8.51 -27.88 14.70
CA ILE B 136 7.96 -27.03 13.65
C ILE B 136 6.93 -26.05 14.20
N MET B 137 7.27 -24.76 14.15
CA MET B 137 6.39 -23.71 14.67
C MET B 137 5.88 -22.83 13.53
N THR B 138 4.63 -23.06 13.13
CA THR B 138 4.04 -22.28 12.05
C THR B 138 2.79 -21.55 12.53
N ASP B 139 2.10 -20.90 11.61
CA ASP B 139 0.81 -20.27 11.90
C ASP B 139 -0.21 -21.33 12.33
N GLN B 140 -1.32 -20.88 12.89
CA GLN B 140 -2.41 -21.79 13.24
C GLN B 140 -3.45 -21.84 12.12
N ASP B 141 -2.99 -21.66 10.88
CA ASP B 141 -3.88 -21.72 9.73
C ASP B 141 -3.62 -22.98 8.91
N GLN B 142 -4.45 -23.19 7.89
CA GLN B 142 -4.34 -24.37 7.04
C GLN B 142 -3.01 -24.43 6.32
N ASP B 143 -2.49 -23.26 5.94
CA ASP B 143 -1.21 -23.18 5.24
C ASP B 143 -0.07 -23.63 6.15
N GLY B 144 -0.17 -23.29 7.43
CA GLY B 144 0.80 -23.74 8.40
C GLY B 144 0.82 -25.25 8.48
N SER B 145 -0.36 -25.86 8.40
CA SER B 145 -0.49 -27.32 8.40
C SER B 145 0.20 -27.92 7.18
N HIS B 146 0.09 -27.26 6.04
CA HIS B 146 0.70 -27.72 4.80
C HIS B 146 2.22 -27.71 4.90
N ILE B 147 2.76 -26.70 5.58
CA ILE B 147 4.19 -26.58 5.77
C ILE B 147 4.72 -27.74 6.61
N LYS B 148 4.02 -28.02 7.72
CA LYS B 148 4.34 -29.16 8.56
C LYS B 148 4.38 -30.46 7.75
N GLY B 149 3.36 -30.64 6.91
CA GLY B 149 3.27 -31.82 6.07
C GLY B 149 4.42 -31.97 5.09
N LEU B 150 4.87 -30.86 4.52
CA LEU B 150 5.97 -30.88 3.57
C LEU B 150 7.28 -31.25 4.25
N LEU B 151 7.47 -30.75 5.47
CA LEU B 151 8.65 -31.10 6.27
C LEU B 151 8.63 -32.58 6.60
N ILE B 152 7.47 -33.08 7.03
CA ILE B 152 7.29 -34.48 7.34
C ILE B 152 7.56 -35.35 6.11
N ASN B 153 7.02 -34.92 4.96
CA ASN B 153 7.22 -35.62 3.70
C ASN B 153 8.69 -35.70 3.32
N PHE B 154 9.42 -34.61 3.59
CA PHE B 154 10.85 -34.54 3.33
C PHE B 154 11.61 -35.58 4.16
N ILE B 155 11.32 -35.62 5.45
CA ILE B 155 11.98 -36.55 6.37
C ILE B 155 11.59 -38.01 6.09
N HIS B 156 10.29 -38.25 5.94
CA HIS B 156 9.78 -39.60 5.73
C HIS B 156 10.34 -40.26 4.47
N HIS B 157 10.46 -39.49 3.40
CA HIS B 157 10.93 -40.03 2.13
C HIS B 157 12.44 -40.33 2.15
N ASN B 158 13.22 -39.40 2.67
CA ASN B 158 14.67 -39.53 2.68
C ASN B 158 15.18 -40.37 3.84
N TRP B 159 14.55 -40.22 5.00
CA TRP B 159 14.97 -40.96 6.20
C TRP B 159 13.77 -41.50 6.97
N PRO B 160 13.22 -42.63 6.52
CA PRO B 160 12.08 -43.30 7.17
C PRO B 160 12.41 -43.78 8.59
N SER B 161 13.68 -44.02 8.84
CA SER B 161 14.13 -44.50 10.15
C SER B 161 14.03 -43.42 11.22
N LEU B 162 14.26 -42.18 10.84
CA LEU B 162 14.22 -41.06 11.79
C LEU B 162 12.80 -40.78 12.27
N LEU B 163 11.81 -41.08 11.43
CA LEU B 163 10.42 -40.80 11.76
C LEU B 163 9.87 -41.73 12.84
N ARG B 164 10.52 -42.88 13.00
CA ARG B 164 10.08 -43.87 13.98
C ARG B 164 10.89 -43.76 15.27
N HIS B 165 11.44 -42.59 15.53
CA HIS B 165 12.25 -42.36 16.72
C HIS B 165 11.80 -41.11 17.47
N ARG B 166 10.60 -40.64 17.16
CA ARG B 166 10.05 -39.42 17.76
C ARG B 166 10.99 -38.25 17.56
N PHE B 167 11.28 -37.94 16.30
CA PHE B 167 12.25 -36.92 15.95
C PHE B 167 11.57 -35.57 15.69
N LEU B 168 10.33 -35.62 15.21
CA LEU B 168 9.61 -34.41 14.86
C LEU B 168 8.55 -34.05 15.92
N GLU B 169 8.38 -32.75 16.13
CA GLU B 169 7.34 -32.23 17.01
C GLU B 169 6.90 -30.87 16.50
N GLU B 170 5.86 -30.30 17.11
CA GLU B 170 5.34 -29.02 16.66
C GLU B 170 5.03 -28.09 17.83
N PHE B 171 5.30 -26.80 17.64
CA PHE B 171 4.95 -25.80 18.64
C PHE B 171 3.69 -25.07 18.20
N ILE B 172 2.64 -25.18 19.00
CA ILE B 172 1.34 -24.61 18.65
C ILE B 172 1.09 -23.29 19.36
N THR B 173 0.43 -22.37 18.66
CA THR B 173 0.09 -21.06 19.22
C THR B 173 -1.41 -20.84 19.08
N PRO B 174 -2.02 -20.10 20.01
CA PRO B 174 -3.46 -19.86 19.96
C PRO B 174 -3.88 -19.01 18.76
N ILE B 175 -5.16 -19.07 18.40
CA ILE B 175 -5.66 -18.31 17.26
C ILE B 175 -6.74 -17.33 17.72
N VAL B 176 -7.38 -17.62 18.85
CA VAL B 176 -8.37 -16.73 19.44
C VAL B 176 -8.14 -16.65 20.95
N LYS B 177 -8.24 -15.44 21.50
CA LYS B 177 -8.10 -15.25 22.94
C LYS B 177 -9.27 -14.44 23.52
N VAL B 178 -9.70 -14.79 24.72
CA VAL B 178 -10.78 -14.06 25.38
C VAL B 178 -10.40 -13.66 26.81
N SER B 179 -10.89 -12.51 27.24
CA SER B 179 -10.64 -12.03 28.60
C SER B 179 -11.67 -10.97 29.00
N LYS B 180 -12.27 -11.13 30.17
CA LYS B 180 -13.27 -10.19 30.65
C LYS B 180 -12.68 -9.25 31.70
N ASN B 181 -12.03 -9.82 32.71
CA ASN B 181 -11.39 -9.03 33.74
C ASN B 181 -9.88 -9.14 33.66
N LYS B 182 -9.28 -9.92 34.57
CA LYS B 182 -7.85 -10.18 34.53
C LYS B 182 -7.58 -11.67 34.31
N GLN B 183 -8.62 -12.39 33.93
CA GLN B 183 -8.51 -13.81 33.61
C GLN B 183 -8.48 -13.98 32.09
N GLU B 184 -7.67 -14.92 31.62
CA GLU B 184 -7.47 -15.10 30.19
C GLU B 184 -7.64 -16.55 29.75
N MET B 185 -8.26 -16.75 28.59
CA MET B 185 -8.46 -18.08 28.04
C MET B 185 -8.07 -18.12 26.56
N ALA B 186 -7.45 -19.22 26.14
CA ALA B 186 -6.97 -19.34 24.76
C ALA B 186 -7.60 -20.52 24.02
N PHE B 187 -7.84 -20.32 22.73
CA PHE B 187 -8.37 -21.39 21.87
C PHE B 187 -7.41 -21.65 20.71
N TYR B 188 -7.31 -22.90 20.27
CA TYR B 188 -6.32 -23.27 19.28
C TYR B 188 -6.96 -23.72 17.95
N SER B 189 -8.24 -23.45 17.80
CA SER B 189 -8.96 -23.71 16.55
C SER B 189 -10.30 -23.00 16.55
N LEU B 190 -10.77 -22.63 15.36
CA LEU B 190 -12.08 -21.98 15.23
C LEU B 190 -13.24 -22.85 15.73
N PRO B 191 -13.24 -24.16 15.43
CA PRO B 191 -14.32 -24.98 16.00
C PRO B 191 -14.31 -24.97 17.54
N GLU B 192 -13.13 -24.93 18.13
CA GLU B 192 -13.00 -24.88 19.59
C GLU B 192 -13.60 -23.58 20.15
N PHE B 193 -13.30 -22.47 19.50
CA PHE B 193 -13.81 -21.17 19.90
C PHE B 193 -15.33 -21.09 19.75
N GLU B 194 -15.85 -21.66 18.66
CA GLU B 194 -17.29 -21.68 18.42
C GLU B 194 -18.02 -22.54 19.43
N GLU B 195 -17.43 -23.67 19.79
CA GLU B 195 -17.99 -24.56 20.80
C GLU B 195 -18.04 -23.89 22.17
N TRP B 196 -17.05 -23.05 22.44
CA TRP B 196 -16.99 -22.31 23.70
C TRP B 196 -18.12 -21.30 23.81
N LYS B 197 -18.42 -20.62 22.71
CA LYS B 197 -19.49 -19.64 22.67
C LYS B 197 -20.85 -20.29 22.88
N SER B 198 -20.94 -21.57 22.52
CA SER B 198 -22.18 -22.33 22.72
C SER B 198 -22.37 -22.72 24.18
N SER B 199 -21.29 -23.15 24.83
CA SER B 199 -21.35 -23.59 26.22
C SER B 199 -21.44 -22.40 27.18
N THR B 200 -20.74 -21.32 26.86
CA THR B 200 -20.74 -20.13 27.70
C THR B 200 -21.81 -19.12 27.27
N PRO B 201 -22.77 -18.86 28.17
CA PRO B 201 -23.88 -17.93 27.93
C PRO B 201 -23.42 -16.50 27.64
N ASN B 202 -22.64 -15.93 28.55
CA ASN B 202 -22.19 -14.55 28.39
C ASN B 202 -20.89 -14.43 27.61
N HIS B 203 -20.89 -14.93 26.38
CA HIS B 203 -19.69 -14.92 25.55
C HIS B 203 -19.42 -13.53 24.97
N LYS B 204 -20.40 -12.64 25.08
CA LYS B 204 -20.27 -11.28 24.56
C LYS B 204 -19.62 -10.35 25.57
N LYS B 205 -19.46 -10.81 26.80
CA LYS B 205 -18.83 -10.02 27.85
C LYS B 205 -17.31 -10.16 27.84
N TRP B 206 -16.80 -10.88 26.85
CA TRP B 206 -15.36 -11.12 26.75
C TRP B 206 -14.77 -10.43 25.53
N LYS B 207 -13.54 -9.96 25.66
CA LYS B 207 -12.80 -9.41 24.52
C LYS B 207 -12.50 -10.54 23.54
N VAL B 208 -12.52 -10.23 22.25
CA VAL B 208 -12.19 -11.22 21.24
C VAL B 208 -11.01 -10.76 20.39
N LYS B 209 -9.90 -11.51 20.47
CA LYS B 209 -8.70 -11.17 19.71
C LYS B 209 -8.30 -12.27 18.74
N TYR B 210 -8.45 -12.01 17.45
CA TYR B 210 -8.03 -12.96 16.43
C TYR B 210 -6.54 -12.88 16.15
N TYR B 211 -5.92 -14.04 15.95
CA TYR B 211 -4.50 -14.12 15.64
C TYR B 211 -4.29 -14.60 14.21
N LYS B 212 -4.08 -13.64 13.30
CA LYS B 212 -3.90 -13.94 11.88
C LYS B 212 -2.68 -14.82 11.65
N GLY B 213 -1.67 -14.67 12.50
CA GLY B 213 -0.45 -15.44 12.39
C GLY B 213 0.46 -15.25 13.59
N LEU B 214 1.68 -15.78 13.49
CA LEU B 214 2.65 -15.67 14.58
C LEU B 214 3.10 -14.23 14.79
N GLY B 215 2.96 -13.41 13.77
CA GLY B 215 3.32 -12.00 13.85
C GLY B 215 2.42 -11.23 14.79
N THR B 216 1.20 -11.72 14.99
CA THR B 216 0.23 -11.06 15.85
C THR B 216 0.67 -11.09 17.32
N SER B 217 1.28 -12.20 17.72
CA SER B 217 1.73 -12.37 19.10
C SER B 217 2.91 -11.47 19.42
N THR B 218 2.88 -10.86 20.61
CA THR B 218 3.94 -9.96 21.02
C THR B 218 5.11 -10.71 21.65
N SER B 219 6.17 -9.98 21.98
CA SER B 219 7.35 -10.57 22.62
C SER B 219 6.99 -11.08 24.02
N LYS B 220 6.17 -10.31 24.72
CA LYS B 220 5.71 -10.68 26.06
C LYS B 220 4.88 -11.96 26.01
N GLU B 221 3.96 -12.04 25.05
CA GLU B 221 3.13 -13.22 24.86
C GLU B 221 3.97 -14.42 24.44
N ALA B 222 5.06 -14.16 23.72
CA ALA B 222 5.97 -15.22 23.29
C ALA B 222 6.64 -15.90 24.48
N LYS B 223 7.07 -15.11 25.46
CA LYS B 223 7.70 -15.64 26.66
C LYS B 223 6.72 -16.50 27.46
N GLU B 224 5.46 -16.08 27.51
CA GLU B 224 4.42 -16.81 28.24
C GLU B 224 4.10 -18.14 27.55
N TYR B 225 4.31 -18.18 26.23
CA TYR B 225 4.08 -19.39 25.45
C TYR B 225 5.07 -20.49 25.80
N PHE B 226 6.35 -20.14 25.79
CA PHE B 226 7.42 -21.11 26.07
C PHE B 226 7.50 -21.49 27.55
N ALA B 227 6.92 -20.65 28.39
CA ALA B 227 6.87 -20.92 29.83
C ALA B 227 5.97 -22.12 30.11
N ASP B 228 4.90 -22.25 29.32
CA ASP B 228 3.99 -23.39 29.43
C ASP B 228 4.21 -24.35 28.27
N MET B 229 5.40 -24.94 28.23
CA MET B 229 5.81 -25.81 27.13
C MET B 229 4.91 -27.04 27.00
N LYS B 230 4.36 -27.49 28.11
CA LYS B 230 3.53 -28.70 28.14
C LYS B 230 2.32 -28.58 27.22
N ARG B 231 1.71 -27.40 27.21
CA ARG B 231 0.49 -27.18 26.44
C ARG B 231 0.80 -27.01 24.95
N HIS B 232 1.91 -26.33 24.65
CA HIS B 232 2.21 -25.95 23.27
C HIS B 232 3.13 -26.93 22.56
N ARG B 233 3.48 -28.04 23.21
CA ARG B 233 4.33 -29.04 22.59
C ARG B 233 3.55 -30.31 22.25
N ILE B 234 3.57 -30.68 20.98
CA ILE B 234 2.93 -31.91 20.52
C ILE B 234 3.94 -32.77 19.78
N GLN B 235 4.10 -34.01 20.23
CA GLN B 235 5.09 -34.91 19.64
C GLN B 235 4.48 -35.79 18.56
N PHE B 236 5.15 -35.86 17.41
CA PHE B 236 4.69 -36.72 16.32
C PHE B 236 5.06 -38.16 16.61
N LYS B 237 4.09 -39.06 16.48
CA LYS B 237 4.30 -40.46 16.86
C LYS B 237 4.01 -41.40 15.68
N TYR B 238 4.94 -42.33 15.46
CA TYR B 238 4.77 -43.35 14.43
C TYR B 238 4.00 -44.55 14.99
N SER B 239 2.92 -44.93 14.31
CA SER B 239 2.07 -46.00 14.81
C SER B 239 2.10 -47.24 13.93
N GLY B 240 2.56 -47.10 12.69
CA GLY B 240 2.63 -48.23 11.79
C GLY B 240 2.66 -47.85 10.33
N PRO B 241 2.38 -48.82 9.45
CA PRO B 241 2.38 -48.65 7.99
C PRO B 241 1.25 -47.74 7.51
N GLU B 242 0.20 -47.61 8.31
CA GLU B 242 -0.93 -46.76 7.95
C GLU B 242 -0.52 -45.28 7.94
N ASP B 243 0.51 -44.96 8.71
CA ASP B 243 1.07 -43.61 8.70
C ASP B 243 1.76 -43.35 7.38
N ASP B 244 2.58 -44.30 6.95
CA ASP B 244 3.26 -44.21 5.66
C ASP B 244 2.26 -44.09 4.51
N ALA B 245 1.14 -44.81 4.63
CA ALA B 245 0.08 -44.76 3.63
C ALA B 245 -0.55 -43.38 3.60
N ALA B 246 -0.71 -42.77 4.78
CA ALA B 246 -1.29 -41.44 4.88
C ALA B 246 -0.37 -40.37 4.31
N ILE B 247 0.91 -40.45 4.67
CA ILE B 247 1.92 -39.51 4.18
C ILE B 247 2.07 -39.62 2.66
N SER B 248 2.15 -40.85 2.16
CA SER B 248 2.24 -41.08 0.72
C SER B 248 1.00 -40.58 0.00
N LEU B 249 -0.16 -40.74 0.64
CA LEU B 249 -1.42 -40.27 0.09
C LEU B 249 -1.40 -38.77 -0.24
N ALA B 250 -0.82 -37.99 0.67
CA ALA B 250 -0.87 -36.54 0.58
C ALA B 250 0.15 -35.94 -0.41
N PHE B 251 1.30 -36.60 -0.56
CA PHE B 251 2.41 -35.98 -1.28
C PHE B 251 2.98 -36.81 -2.42
N SER B 252 2.22 -37.77 -2.92
CA SER B 252 2.67 -38.55 -4.07
C SER B 252 1.85 -38.19 -5.30
N LYS B 253 2.55 -37.83 -6.39
CA LYS B 253 1.90 -37.52 -7.65
C LYS B 253 1.22 -38.74 -8.25
N LYS B 254 1.63 -39.92 -7.77
CA LYS B 254 1.08 -41.18 -8.25
C LYS B 254 -0.28 -41.49 -7.62
N GLN B 255 -0.62 -40.75 -6.58
CA GLN B 255 -1.87 -40.98 -5.86
C GLN B 255 -2.80 -39.78 -5.92
N ILE B 256 -3.23 -39.41 -7.11
CA ILE B 256 -4.14 -38.28 -7.29
C ILE B 256 -5.58 -38.75 -7.12
N ASP B 257 -5.94 -39.84 -7.79
CA ASP B 257 -7.27 -40.42 -7.68
C ASP B 257 -7.61 -40.79 -6.24
N ASP B 258 -6.59 -41.18 -5.49
CA ASP B 258 -6.76 -41.47 -4.07
C ASP B 258 -7.20 -40.23 -3.30
N ARG B 259 -6.53 -39.10 -3.55
CA ARG B 259 -6.84 -37.84 -2.88
C ARG B 259 -8.21 -37.30 -3.28
N LYS B 260 -8.65 -37.66 -4.48
CA LYS B 260 -9.97 -37.27 -4.96
C LYS B 260 -11.06 -37.91 -4.10
N GLU B 261 -10.99 -39.22 -3.93
CA GLU B 261 -11.94 -39.94 -3.08
C GLU B 261 -11.78 -39.49 -1.63
N TRP B 262 -10.53 -39.30 -1.22
CA TRP B 262 -10.19 -38.83 0.12
C TRP B 262 -10.88 -37.53 0.51
N LEU B 263 -10.83 -36.55 -0.39
CA LEU B 263 -11.46 -35.25 -0.14
C LEU B 263 -12.96 -35.30 -0.38
N THR B 264 -13.39 -36.18 -1.29
CA THR B 264 -14.81 -36.38 -1.57
C THR B 264 -15.54 -36.83 -0.30
N ASN B 265 -14.92 -37.76 0.41
CA ASN B 265 -15.47 -38.24 1.67
C ASN B 265 -15.55 -37.12 2.70
N PHE B 266 -14.50 -36.32 2.78
CA PHE B 266 -14.45 -35.20 3.72
C PHE B 266 -15.55 -34.19 3.46
N MET B 267 -15.71 -33.82 2.19
CA MET B 267 -16.72 -32.85 1.79
C MET B 267 -18.13 -33.33 2.10
N GLU B 268 -18.40 -34.59 1.77
CA GLU B 268 -19.72 -35.18 2.00
C GLU B 268 -20.05 -35.33 3.49
N ASP B 269 -19.07 -35.76 4.27
CA ASP B 269 -19.26 -35.98 5.70
C ASP B 269 -19.48 -34.66 6.44
N ARG B 270 -18.70 -33.64 6.10
CA ARG B 270 -18.82 -32.33 6.71
C ARG B 270 -20.17 -31.71 6.36
N ARG B 271 -20.60 -31.95 5.13
CA ARG B 271 -21.90 -31.48 4.66
C ARG B 271 -23.02 -32.10 5.50
N GLN B 272 -22.89 -33.40 5.77
CA GLN B 272 -23.89 -34.11 6.56
C GLN B 272 -23.89 -33.67 8.02
N ARG B 273 -22.70 -33.41 8.56
CA ARG B 273 -22.60 -32.91 9.93
C ARG B 273 -23.32 -31.58 10.07
N LYS B 274 -23.17 -30.73 9.06
CA LYS B 274 -23.86 -29.45 9.00
C LYS B 274 -25.37 -29.65 8.94
N LEU B 275 -25.82 -30.60 8.13
CA LEU B 275 -27.24 -30.89 7.97
C LEU B 275 -27.85 -31.46 9.24
N LEU B 276 -27.03 -32.14 10.05
CA LEU B 276 -27.50 -32.75 11.28
C LEU B 276 -27.30 -31.82 12.48
N GLY B 277 -26.82 -30.62 12.20
CA GLY B 277 -26.56 -29.64 13.25
C GLY B 277 -25.50 -30.12 14.23
N LEU B 278 -24.40 -30.62 13.68
CA LEU B 278 -23.32 -31.15 14.50
C LEU B 278 -22.05 -30.33 14.34
N PRO B 279 -21.35 -30.04 15.44
CA PRO B 279 -20.12 -29.25 15.43
C PRO B 279 -18.97 -30.03 14.81
N GLU B 280 -18.05 -29.32 14.15
CA GLU B 280 -16.88 -29.97 13.56
C GLU B 280 -15.93 -30.46 14.65
N ASP B 281 -15.31 -31.60 14.39
CA ASP B 281 -14.30 -32.15 15.30
C ASP B 281 -13.01 -31.36 15.15
N TYR B 282 -12.22 -31.31 16.22
CA TYR B 282 -10.98 -30.56 16.20
C TYR B 282 -9.93 -31.19 17.10
N LEU B 283 -8.69 -30.73 16.96
CA LEU B 283 -7.60 -31.21 17.79
C LEU B 283 -7.17 -30.13 18.77
N TYR B 284 -6.25 -30.50 19.66
CA TYR B 284 -5.60 -29.56 20.58
C TYR B 284 -6.61 -28.90 21.52
N GLY B 285 -7.71 -29.59 21.79
CA GLY B 285 -8.70 -29.11 22.74
C GLY B 285 -8.18 -29.24 24.15
N GLN B 286 -7.59 -30.39 24.45
CA GLN B 286 -6.93 -30.62 25.73
C GLN B 286 -5.43 -30.70 25.50
N THR B 287 -4.67 -30.90 26.57
CA THR B 287 -3.23 -31.07 26.44
C THR B 287 -2.92 -32.48 25.95
N THR B 288 -2.27 -32.58 24.79
CA THR B 288 -1.97 -33.87 24.19
C THR B 288 -0.47 -34.06 24.05
N THR B 289 -0.02 -35.29 24.31
CA THR B 289 1.40 -35.62 24.24
C THR B 289 1.80 -36.06 22.83
N TYR B 290 1.08 -37.04 22.30
CA TYR B 290 1.40 -37.59 20.99
C TYR B 290 0.37 -37.23 19.93
N LEU B 291 0.80 -37.25 18.67
CA LEU B 291 -0.08 -37.05 17.53
C LEU B 291 0.35 -37.97 16.40
N THR B 292 -0.53 -38.88 16.03
CA THR B 292 -0.24 -39.84 14.97
C THR B 292 -0.14 -39.16 13.61
N TYR B 293 0.74 -39.67 12.76
CA TYR B 293 0.88 -39.13 11.41
C TYR B 293 -0.39 -39.38 10.63
N ASN B 294 -1.04 -40.50 10.91
CA ASN B 294 -2.31 -40.82 10.28
C ASN B 294 -3.38 -39.81 10.67
N ASP B 295 -3.44 -39.50 11.96
CA ASP B 295 -4.39 -38.52 12.47
C ASP B 295 -4.08 -37.11 11.98
N PHE B 296 -2.80 -36.81 11.87
CA PHE B 296 -2.37 -35.48 11.40
C PHE B 296 -2.84 -35.23 9.98
N ILE B 297 -2.66 -36.22 9.11
CA ILE B 297 -3.06 -36.10 7.71
C ILE B 297 -4.58 -36.01 7.57
N ASN B 298 -5.30 -36.86 8.29
CA ASN B 298 -6.73 -36.98 8.11
C ASN B 298 -7.58 -36.08 9.02
N LYS B 299 -6.93 -35.23 9.81
CA LYS B 299 -7.68 -34.32 10.67
C LYS B 299 -7.16 -32.89 10.64
N GLU B 300 -5.94 -32.69 10.14
CA GLU B 300 -5.35 -31.35 10.09
C GLU B 300 -4.95 -30.94 8.68
N LEU B 301 -4.18 -31.80 8.00
CA LEU B 301 -3.72 -31.51 6.66
C LEU B 301 -4.88 -31.54 5.66
N ILE B 302 -5.88 -32.35 5.95
CA ILE B 302 -7.06 -32.45 5.09
C ILE B 302 -7.84 -31.14 5.10
N LEU B 303 -7.73 -30.39 6.18
CA LEU B 303 -8.36 -29.08 6.28
C LEU B 303 -7.74 -28.12 5.25
N PHE B 304 -6.43 -28.21 5.08
CA PHE B 304 -5.74 -27.38 4.11
C PHE B 304 -6.14 -27.71 2.67
N SER B 305 -6.05 -28.99 2.33
CA SER B 305 -6.33 -29.46 0.98
C SER B 305 -7.75 -29.07 0.54
N ASN B 306 -8.69 -29.11 1.47
CA ASN B 306 -10.05 -28.68 1.18
C ASN B 306 -10.15 -27.17 0.98
N SER B 307 -9.53 -26.42 1.88
CA SER B 307 -9.49 -24.96 1.78
C SER B 307 -8.78 -24.53 0.49
N ASP B 308 -7.77 -25.30 0.10
CA ASP B 308 -7.05 -25.05 -1.14
C ASP B 308 -8.00 -25.18 -2.33
N ASN B 309 -8.82 -26.23 -2.34
CA ASN B 309 -9.81 -26.41 -3.39
C ASN B 309 -10.87 -25.31 -3.38
N GLU B 310 -11.16 -24.80 -2.18
CA GLU B 310 -12.18 -23.76 -2.03
C GLU B 310 -11.67 -22.41 -2.53
N ARG B 311 -10.37 -22.20 -2.45
CA ARG B 311 -9.79 -20.91 -2.84
C ARG B 311 -9.19 -20.94 -4.24
N SER B 312 -9.05 -22.13 -4.82
CA SER B 312 -8.44 -22.27 -6.14
C SER B 312 -9.46 -22.62 -7.22
N ILE B 313 -10.53 -23.31 -6.84
CA ILE B 313 -11.56 -23.68 -7.80
C ILE B 313 -12.77 -22.73 -7.70
N PRO B 314 -13.11 -22.09 -8.82
CA PRO B 314 -14.18 -21.10 -8.87
C PRO B 314 -15.58 -21.70 -8.73
N SER B 315 -16.56 -20.83 -8.46
CA SER B 315 -17.95 -21.25 -8.41
C SER B 315 -18.61 -21.03 -9.76
N MET B 316 -19.47 -21.95 -10.17
CA MET B 316 -20.14 -21.84 -11.47
C MET B 316 -20.98 -20.58 -11.58
N VAL B 317 -21.49 -20.10 -10.45
CA VAL B 317 -22.48 -19.03 -10.45
C VAL B 317 -21.91 -17.69 -10.95
N ASP B 318 -20.83 -17.22 -10.35
CA ASP B 318 -20.24 -15.95 -10.75
C ASP B 318 -18.85 -16.12 -11.36
N GLY B 319 -18.38 -17.35 -11.45
CA GLY B 319 -17.07 -17.65 -12.01
C GLY B 319 -15.94 -17.06 -11.21
N LEU B 320 -16.23 -16.69 -9.96
CA LEU B 320 -15.23 -16.06 -9.11
C LEU B 320 -14.72 -17.03 -8.04
N LYS B 321 -13.50 -16.80 -7.61
CA LYS B 321 -12.94 -17.47 -6.45
C LYS B 321 -13.18 -16.57 -5.24
N PRO B 322 -13.06 -17.12 -4.01
CA PRO B 322 -13.23 -16.30 -2.81
C PRO B 322 -12.37 -15.04 -2.80
N GLY B 323 -11.10 -15.17 -3.20
CA GLY B 323 -10.21 -14.03 -3.27
C GLY B 323 -10.70 -12.98 -4.25
N GLN B 324 -11.01 -13.40 -5.47
CA GLN B 324 -11.54 -12.50 -6.49
C GLN B 324 -12.84 -11.84 -6.06
N ARG B 325 -13.72 -12.63 -5.46
CA ARG B 325 -15.03 -12.14 -5.05
C ARG B 325 -14.94 -11.06 -3.97
N LYS B 326 -13.94 -11.18 -3.10
CA LYS B 326 -13.71 -10.18 -2.06
C LYS B 326 -13.31 -8.85 -2.67
N VAL B 327 -12.47 -8.91 -3.71
CA VAL B 327 -12.05 -7.73 -4.44
C VAL B 327 -13.24 -7.04 -5.09
N LEU B 328 -14.08 -7.82 -5.75
CA LEU B 328 -15.26 -7.28 -6.41
C LEU B 328 -16.24 -6.71 -5.40
N PHE B 329 -16.43 -7.42 -4.29
CA PHE B 329 -17.31 -6.94 -3.23
C PHE B 329 -16.83 -5.60 -2.66
N THR B 330 -15.52 -5.47 -2.49
CA THR B 330 -14.93 -4.24 -1.96
C THR B 330 -15.13 -3.08 -2.93
N CYS B 331 -14.80 -3.31 -4.20
CA CYS B 331 -14.96 -2.28 -5.23
C CYS B 331 -16.41 -1.83 -5.37
N PHE B 332 -17.34 -2.76 -5.15
CA PHE B 332 -18.76 -2.43 -5.17
C PHE B 332 -19.13 -1.55 -3.98
N LYS B 333 -18.52 -1.82 -2.84
CA LYS B 333 -18.81 -1.10 -1.60
C LYS B 333 -18.18 0.29 -1.62
N ARG B 334 -17.01 0.39 -2.22
CA ARG B 334 -16.28 1.66 -2.31
C ARG B 334 -16.90 2.60 -3.34
N ASN B 335 -17.27 2.03 -4.49
CA ASN B 335 -17.86 2.79 -5.60
C ASN B 335 -16.97 3.97 -6.03
N ASP B 336 -15.71 3.67 -6.28
CA ASP B 336 -14.74 4.69 -6.67
C ASP B 336 -15.08 5.27 -8.03
N LYS B 337 -15.12 6.59 -8.12
CA LYS B 337 -15.40 7.26 -9.38
C LYS B 337 -14.10 7.59 -10.11
N ARG B 338 -13.00 7.52 -9.37
CA ARG B 338 -11.68 7.77 -9.96
C ARG B 338 -10.77 6.56 -9.75
N GLU B 339 -9.62 6.57 -10.41
CA GLU B 339 -8.68 5.46 -10.36
C GLU B 339 -8.11 5.26 -8.95
N VAL B 340 -7.64 4.06 -8.68
CA VAL B 340 -7.05 3.70 -7.39
C VAL B 340 -5.81 2.83 -7.61
N LYS B 341 -4.76 3.08 -6.84
CA LYS B 341 -3.58 2.23 -6.88
C LYS B 341 -3.93 0.79 -6.51
N VAL B 342 -3.32 -0.16 -7.22
CA VAL B 342 -3.56 -1.58 -6.97
C VAL B 342 -3.12 -1.95 -5.57
N ALA B 343 -1.97 -1.44 -5.15
CA ALA B 343 -1.47 -1.68 -3.80
C ALA B 343 -2.45 -1.15 -2.76
N GLN B 344 -2.89 0.09 -2.95
CA GLN B 344 -3.84 0.71 -2.04
C GLN B 344 -5.17 -0.03 -1.97
N LEU B 345 -5.68 -0.41 -3.14
CA LEU B 345 -6.96 -1.14 -3.22
C LEU B 345 -6.87 -2.47 -2.50
N ALA B 346 -5.74 -3.15 -2.65
CA ALA B 346 -5.52 -4.45 -2.01
C ALA B 346 -5.70 -4.35 -0.50
N GLY B 347 -5.06 -3.33 0.09
CA GLY B 347 -5.18 -3.06 1.52
C GLY B 347 -6.62 -2.78 1.91
N SER B 348 -7.34 -2.08 1.06
CA SER B 348 -8.75 -1.77 1.30
C SER B 348 -9.60 -3.05 1.29
N VAL B 349 -9.33 -3.92 0.32
CA VAL B 349 -10.03 -5.19 0.22
C VAL B 349 -9.79 -6.02 1.47
N ALA B 350 -8.54 -6.05 1.91
CA ALA B 350 -8.13 -6.84 3.06
C ALA B 350 -8.93 -6.48 4.31
N GLU B 351 -9.00 -5.19 4.62
CA GLU B 351 -9.65 -4.72 5.83
C GLU B 351 -11.18 -4.77 5.74
N MET B 352 -11.70 -4.63 4.52
CA MET B 352 -13.15 -4.50 4.35
C MET B 352 -13.82 -5.84 4.10
N SER B 353 -13.05 -6.83 3.70
CA SER B 353 -13.60 -8.15 3.38
C SER B 353 -13.03 -9.24 4.28
N SER B 354 -12.34 -8.84 5.35
CA SER B 354 -11.75 -9.79 6.30
C SER B 354 -10.86 -10.81 5.59
N TYR B 355 -9.95 -10.31 4.77
CA TYR B 355 -9.04 -11.17 4.02
C TYR B 355 -7.84 -11.54 4.88
N HIS B 356 -7.63 -12.83 5.08
CA HIS B 356 -6.62 -13.30 6.03
C HIS B 356 -5.43 -13.95 5.34
N HIS B 357 -4.97 -13.35 4.26
CA HIS B 357 -3.78 -13.83 3.56
C HIS B 357 -2.88 -12.67 3.16
N GLY B 358 -1.75 -12.98 2.54
CA GLY B 358 -0.81 -11.97 2.09
C GLY B 358 -1.39 -11.04 1.04
N GLU B 359 -1.18 -9.74 1.23
CA GLU B 359 -1.73 -8.72 0.34
C GLU B 359 -1.19 -8.83 -1.09
N MET B 360 -0.04 -9.47 -1.24
CA MET B 360 0.59 -9.64 -2.54
C MET B 360 -0.31 -10.48 -3.45
N SER B 361 -0.97 -11.46 -2.85
CA SER B 361 -1.92 -12.31 -3.57
C SER B 361 -3.12 -11.52 -4.09
N LEU B 362 -3.62 -10.61 -3.25
CA LEU B 362 -4.73 -9.74 -3.65
C LEU B 362 -4.31 -8.85 -4.81
N MET B 363 -3.08 -8.33 -4.74
CA MET B 363 -2.55 -7.46 -5.78
C MET B 363 -2.45 -8.20 -7.10
N MET B 364 -1.91 -9.41 -7.06
CA MET B 364 -1.79 -10.24 -8.26
C MET B 364 -3.16 -10.60 -8.83
N THR B 365 -4.11 -10.84 -7.92
CA THR B 365 -5.48 -11.14 -8.33
C THR B 365 -6.12 -9.95 -9.03
N ILE B 366 -5.92 -8.76 -8.47
CA ILE B 366 -6.45 -7.54 -9.04
C ILE B 366 -5.90 -7.30 -10.45
N ILE B 367 -4.59 -7.44 -10.60
CA ILE B 367 -3.93 -7.31 -11.89
C ILE B 367 -4.50 -8.32 -12.89
N ASN B 368 -4.65 -9.56 -12.46
CA ASN B 368 -5.19 -10.62 -13.31
C ASN B 368 -6.62 -10.34 -13.77
N LEU B 369 -7.41 -9.76 -12.88
CA LEU B 369 -8.81 -9.45 -13.18
C LEU B 369 -8.95 -8.28 -14.16
N ALA B 370 -7.90 -7.47 -14.25
CA ALA B 370 -7.95 -6.26 -15.06
C ALA B 370 -7.46 -6.47 -16.48
N GLN B 371 -6.57 -7.45 -16.67
CA GLN B 371 -5.95 -7.71 -17.96
C GLN B 371 -6.98 -7.90 -19.07
N ASN B 372 -6.70 -7.35 -20.24
CA ASN B 372 -7.63 -7.42 -21.36
C ASN B 372 -6.96 -7.60 -22.72
N PHE B 373 -5.77 -8.20 -22.73
CA PHE B 373 -5.10 -8.51 -23.99
C PHE B 373 -5.63 -9.84 -24.54
N VAL B 374 -5.24 -10.16 -25.77
CA VAL B 374 -5.74 -11.37 -26.43
C VAL B 374 -5.29 -12.63 -25.70
N GLY B 375 -6.25 -13.40 -25.21
CA GLY B 375 -5.95 -14.65 -24.53
C GLY B 375 -6.21 -14.59 -23.04
N SER B 376 -6.58 -13.42 -22.54
CA SER B 376 -6.85 -13.24 -21.12
C SER B 376 -8.36 -13.20 -20.86
N ASN B 377 -8.90 -12.00 -20.70
CA ASN B 377 -10.31 -11.83 -20.38
C ASN B 377 -11.13 -11.26 -21.53
N ASN B 378 -12.28 -11.88 -21.80
CA ASN B 378 -13.19 -11.35 -22.80
C ASN B 378 -13.92 -10.12 -22.28
N LEU B 379 -14.13 -10.08 -20.97
CA LEU B 379 -14.79 -8.95 -20.33
C LEU B 379 -14.19 -8.71 -18.95
N ASN B 380 -13.10 -7.95 -18.92
CA ASN B 380 -12.43 -7.62 -17.66
C ASN B 380 -13.31 -6.78 -16.74
N LEU B 381 -13.50 -7.25 -15.52
CA LEU B 381 -14.34 -6.57 -14.54
C LEU B 381 -13.66 -5.33 -13.97
N LEU B 382 -12.34 -5.28 -14.04
CA LEU B 382 -11.57 -4.14 -13.57
C LEU B 382 -10.80 -3.49 -14.72
N GLN B 383 -10.78 -2.16 -14.75
CA GLN B 383 -10.08 -1.44 -15.81
C GLN B 383 -8.57 -1.45 -15.60
N PRO B 384 -7.81 -1.86 -16.63
CA PRO B 384 -6.34 -1.85 -16.57
C PRO B 384 -5.77 -0.48 -16.89
N ILE B 385 -5.71 0.39 -15.89
CA ILE B 385 -5.23 1.75 -16.08
C ILE B 385 -3.74 1.84 -15.73
N GLY B 386 -2.89 1.62 -16.73
CA GLY B 386 -1.46 1.53 -16.52
C GLY B 386 -0.91 0.31 -17.21
N GLN B 387 0.30 -0.10 -16.84
CA GLN B 387 0.93 -1.28 -17.43
C GLN B 387 0.56 -2.55 -16.69
N PHE B 388 -0.47 -3.24 -17.16
CA PHE B 388 -0.92 -4.48 -16.54
C PHE B 388 -0.43 -5.71 -17.30
N GLY B 389 0.44 -5.49 -18.27
CA GLY B 389 0.98 -6.57 -19.08
C GLY B 389 0.36 -6.61 -20.46
N THR B 390 1.08 -7.22 -21.40
CA THR B 390 0.62 -7.32 -22.78
C THR B 390 0.73 -8.74 -23.31
N ARG B 391 0.31 -8.95 -24.55
CA ARG B 391 0.40 -10.26 -25.18
C ARG B 391 1.84 -10.59 -25.55
N LEU B 392 2.73 -9.61 -25.39
CA LEU B 392 4.15 -9.80 -25.68
C LEU B 392 4.75 -10.86 -24.75
N HIS B 393 4.56 -10.67 -23.45
CA HIS B 393 5.11 -11.59 -22.46
C HIS B 393 4.01 -12.26 -21.63
N GLY B 394 2.78 -12.20 -22.14
CA GLY B 394 1.66 -12.87 -21.49
C GLY B 394 1.31 -12.33 -20.12
N GLY B 395 1.44 -11.02 -19.94
CA GLY B 395 1.07 -10.38 -18.70
C GLY B 395 2.20 -10.32 -17.69
N LYS B 396 3.28 -11.05 -17.95
CA LYS B 396 4.41 -11.07 -17.04
C LYS B 396 5.19 -9.76 -17.08
N ASP B 397 4.94 -8.96 -18.12
CA ASP B 397 5.64 -7.70 -18.28
C ASP B 397 4.91 -6.57 -17.54
N SER B 398 4.00 -6.95 -16.66
CA SER B 398 3.23 -5.98 -15.89
C SER B 398 4.12 -5.19 -14.95
N ALA B 399 3.74 -3.95 -14.68
CA ALA B 399 4.51 -3.10 -13.78
C ALA B 399 4.16 -3.41 -12.33
N SER B 400 4.87 -2.76 -11.42
CA SER B 400 4.64 -2.91 -9.98
C SER B 400 3.23 -2.47 -9.60
N PRO B 401 2.59 -3.22 -8.69
CA PRO B 401 1.22 -2.92 -8.25
C PRO B 401 1.12 -1.57 -7.55
N ARG B 402 2.27 -1.04 -7.14
CA ARG B 402 2.33 0.24 -6.45
C ARG B 402 2.44 1.39 -7.46
N TYR B 403 2.60 1.03 -8.73
CA TYR B 403 2.75 2.01 -9.79
C TYR B 403 1.66 1.93 -10.86
N ILE B 404 0.63 1.13 -10.60
CA ILE B 404 -0.47 1.00 -11.55
C ILE B 404 -1.84 1.25 -10.89
N PHE B 405 -2.80 1.71 -11.68
CA PHE B 405 -4.08 2.11 -11.15
C PHE B 405 -5.21 1.27 -11.74
N THR B 406 -6.35 1.24 -11.06
CA THR B 406 -7.49 0.48 -11.56
C THR B 406 -8.80 0.96 -10.94
N MET B 407 -9.90 0.54 -11.55
CA MET B 407 -11.23 0.83 -11.04
C MET B 407 -12.23 -0.09 -11.74
N LEU B 408 -13.49 -0.03 -11.32
CA LEU B 408 -14.53 -0.87 -11.90
C LEU B 408 -14.79 -0.52 -13.36
N SER B 409 -14.96 -1.55 -14.19
CA SER B 409 -15.45 -1.36 -15.54
C SER B 409 -16.90 -0.91 -15.49
N SER B 410 -17.32 -0.13 -16.49
CA SER B 410 -18.70 0.34 -16.54
C SER B 410 -19.68 -0.82 -16.70
N LEU B 411 -19.15 -1.99 -17.06
CA LEU B 411 -19.97 -3.18 -17.28
C LEU B 411 -20.13 -4.02 -16.01
N ALA B 412 -19.32 -3.73 -14.99
CA ALA B 412 -19.29 -4.54 -13.77
C ALA B 412 -20.64 -4.57 -13.06
N ARG B 413 -21.18 -3.39 -12.76
CA ARG B 413 -22.45 -3.30 -12.05
C ARG B 413 -23.64 -3.55 -12.97
N LEU B 414 -23.37 -3.79 -14.24
CA LEU B 414 -24.41 -4.21 -15.18
C LEU B 414 -24.46 -5.73 -15.24
N LEU B 415 -23.29 -6.35 -15.19
CA LEU B 415 -23.18 -7.80 -15.11
C LEU B 415 -23.69 -8.28 -13.76
N PHE B 416 -23.31 -7.57 -12.70
CA PHE B 416 -23.76 -7.89 -11.35
C PHE B 416 -24.66 -6.78 -10.83
N PRO B 417 -25.94 -6.79 -11.20
CA PRO B 417 -26.87 -5.71 -10.86
C PRO B 417 -27.05 -5.53 -9.35
N PRO B 418 -27.03 -4.28 -8.89
CA PRO B 418 -27.18 -3.90 -7.47
C PRO B 418 -28.47 -4.41 -6.85
N LYS B 419 -29.53 -4.52 -7.63
CA LYS B 419 -30.82 -4.96 -7.12
C LYS B 419 -30.79 -6.40 -6.60
N ASP B 420 -29.85 -7.19 -7.10
CA ASP B 420 -29.75 -8.60 -6.70
C ASP B 420 -29.00 -8.80 -5.40
N ASP B 421 -28.33 -7.76 -4.92
CA ASP B 421 -27.56 -7.84 -3.68
C ASP B 421 -28.45 -8.12 -2.48
N HIS B 422 -29.73 -7.74 -2.59
CA HIS B 422 -30.67 -7.89 -1.48
C HIS B 422 -31.21 -9.31 -1.37
N THR B 423 -30.86 -10.16 -2.33
CA THR B 423 -31.32 -11.54 -2.32
C THR B 423 -30.15 -12.49 -2.05
N LEU B 424 -28.95 -11.92 -1.93
CA LEU B 424 -27.75 -12.73 -1.69
C LEU B 424 -27.57 -13.01 -0.21
N LYS B 425 -26.73 -14.00 0.10
CA LYS B 425 -26.41 -14.34 1.48
C LYS B 425 -24.98 -13.92 1.79
N PHE B 426 -24.84 -12.78 2.47
CA PHE B 426 -23.53 -12.25 2.81
C PHE B 426 -22.94 -12.96 4.02
N LEU B 427 -21.65 -13.28 3.94
CA LEU B 427 -20.96 -14.00 4.99
C LEU B 427 -20.55 -13.10 6.15
N TYR B 428 -20.30 -13.70 7.30
CA TYR B 428 -19.87 -12.97 8.49
C TYR B 428 -18.48 -13.41 8.92
N ASP B 429 -17.58 -12.45 9.09
CA ASP B 429 -16.20 -12.74 9.48
C ASP B 429 -15.58 -11.51 10.15
N ASP B 430 -14.82 -11.75 11.21
CA ASP B 430 -14.12 -10.69 11.94
C ASP B 430 -15.10 -9.64 12.44
N ASN B 431 -16.27 -10.10 12.90
CA ASN B 431 -17.31 -9.23 13.46
C ASN B 431 -17.85 -8.20 12.48
N GLN B 432 -17.79 -8.51 11.19
CA GLN B 432 -18.37 -7.63 10.17
C GLN B 432 -18.91 -8.45 8.99
N ARG B 433 -19.82 -7.85 8.23
CA ARG B 433 -20.33 -8.46 7.02
C ARG B 433 -19.30 -8.35 5.90
N VAL B 434 -19.25 -9.35 5.03
CA VAL B 434 -18.27 -9.37 3.95
C VAL B 434 -18.92 -9.85 2.65
N GLU B 435 -18.09 -10.33 1.73
CA GLU B 435 -18.58 -10.86 0.45
C GLU B 435 -19.61 -11.97 0.65
N PRO B 436 -20.54 -12.12 -0.31
CA PRO B 436 -21.51 -13.22 -0.27
C PRO B 436 -20.86 -14.55 -0.65
N GLU B 437 -21.60 -15.66 -0.51
CA GLU B 437 -21.09 -16.95 -0.92
C GLU B 437 -20.81 -16.94 -2.42
N TRP B 438 -21.69 -16.26 -3.16
CA TRP B 438 -21.47 -15.99 -4.57
C TRP B 438 -22.38 -14.86 -5.03
N TYR B 439 -21.94 -14.12 -6.04
CA TYR B 439 -22.79 -13.14 -6.70
C TYR B 439 -23.61 -13.85 -7.77
N ILE B 440 -24.68 -13.21 -8.24
CA ILE B 440 -25.53 -13.82 -9.25
C ILE B 440 -25.65 -12.92 -10.49
N PRO B 441 -24.69 -13.06 -11.41
CA PRO B 441 -24.65 -12.23 -12.63
C PRO B 441 -25.77 -12.57 -13.60
N ILE B 442 -26.02 -11.68 -14.57
CA ILE B 442 -27.10 -11.87 -15.52
C ILE B 442 -26.75 -12.92 -16.59
N ILE B 443 -25.46 -13.16 -16.77
CA ILE B 443 -24.99 -14.18 -17.69
C ILE B 443 -23.87 -14.99 -17.03
N PRO B 444 -23.74 -16.27 -17.40
CA PRO B 444 -22.73 -17.12 -16.75
C PRO B 444 -21.31 -16.61 -16.95
N MET B 445 -20.83 -15.86 -15.96
CA MET B 445 -19.52 -15.22 -16.03
C MET B 445 -18.39 -16.22 -16.14
N VAL B 446 -18.61 -17.42 -15.60
CA VAL B 446 -17.60 -18.48 -15.59
C VAL B 446 -17.20 -18.87 -17.02
N LEU B 447 -18.12 -18.68 -17.96
CA LEU B 447 -17.89 -19.06 -19.35
C LEU B 447 -17.26 -17.91 -20.15
N ILE B 448 -17.30 -16.70 -19.60
CA ILE B 448 -16.81 -15.52 -20.30
C ILE B 448 -15.29 -15.41 -20.26
N ASN B 449 -14.72 -15.19 -19.08
CA ASN B 449 -13.28 -15.06 -18.94
C ASN B 449 -12.59 -16.40 -18.70
N GLY B 450 -13.35 -17.47 -18.92
CA GLY B 450 -12.84 -18.81 -18.69
C GLY B 450 -12.68 -19.08 -17.21
N ALA B 451 -11.96 -20.15 -16.89
CA ALA B 451 -11.73 -20.52 -15.50
C ALA B 451 -10.49 -21.41 -15.37
N GLU B 452 -9.50 -20.93 -14.64
CA GLU B 452 -8.29 -21.71 -14.37
C GLU B 452 -8.00 -21.74 -12.87
N GLY B 453 -7.72 -22.94 -12.35
CA GLY B 453 -7.43 -23.09 -10.94
C GLY B 453 -6.78 -24.42 -10.62
N ILE B 454 -5.93 -24.42 -9.60
CA ILE B 454 -5.22 -25.63 -9.19
C ILE B 454 -5.30 -25.86 -7.68
N GLY B 455 -6.01 -26.91 -7.29
CA GLY B 455 -6.12 -27.26 -5.89
C GLY B 455 -5.57 -28.65 -5.62
N THR B 456 -6.05 -29.28 -4.55
CA THR B 456 -5.64 -30.65 -4.24
C THR B 456 -6.71 -31.63 -4.71
N GLY B 457 -6.30 -32.65 -5.45
CA GLY B 457 -7.23 -33.65 -5.95
C GLY B 457 -7.84 -33.25 -7.29
N TRP B 458 -8.28 -32.00 -7.40
CA TRP B 458 -8.87 -31.50 -8.64
C TRP B 458 -8.15 -30.28 -9.17
N SER B 459 -8.43 -29.95 -10.42
CA SER B 459 -7.99 -28.70 -11.03
C SER B 459 -8.99 -28.27 -12.10
N CYS B 460 -9.16 -26.97 -12.29
CA CYS B 460 -10.18 -26.47 -13.20
C CYS B 460 -9.58 -25.85 -14.44
N LYS B 461 -10.19 -26.12 -15.59
CA LYS B 461 -9.76 -25.53 -16.85
C LYS B 461 -10.95 -25.36 -17.80
N ILE B 462 -11.39 -24.11 -17.96
CA ILE B 462 -12.51 -23.79 -18.83
C ILE B 462 -12.12 -22.69 -19.81
N PRO B 463 -12.36 -22.91 -21.11
CA PRO B 463 -11.99 -21.91 -22.12
C PRO B 463 -12.94 -20.71 -22.11
N ASN B 464 -12.54 -19.64 -22.79
CA ASN B 464 -13.38 -18.45 -22.89
C ASN B 464 -14.42 -18.58 -23.98
N PHE B 465 -15.52 -17.85 -23.84
CA PHE B 465 -16.61 -17.88 -24.82
C PHE B 465 -17.09 -16.47 -25.14
N ASP B 466 -17.64 -16.29 -26.34
CA ASP B 466 -18.12 -14.99 -26.77
C ASP B 466 -19.29 -14.50 -25.93
N VAL B 467 -19.22 -13.26 -25.48
CA VAL B 467 -20.26 -12.70 -24.63
C VAL B 467 -21.61 -12.61 -25.33
N ARG B 468 -21.62 -11.99 -26.51
CA ARG B 468 -22.85 -11.81 -27.27
C ARG B 468 -23.53 -13.13 -27.60
N GLU B 469 -22.71 -14.15 -27.89
CA GLU B 469 -23.21 -15.48 -28.18
C GLU B 469 -23.86 -16.12 -26.95
N ILE B 470 -23.27 -15.88 -25.79
CA ILE B 470 -23.81 -16.39 -24.53
C ILE B 470 -25.12 -15.71 -24.19
N VAL B 471 -25.16 -14.40 -24.39
CA VAL B 471 -26.39 -13.61 -24.19
C VAL B 471 -27.50 -14.15 -25.07
N ASN B 472 -27.16 -14.52 -26.30
CA ASN B 472 -28.14 -15.07 -27.23
C ASN B 472 -28.71 -16.39 -26.74
N ASN B 473 -27.83 -17.29 -26.30
CA ASN B 473 -28.24 -18.59 -25.78
C ASN B 473 -29.13 -18.46 -24.54
N ILE B 474 -28.88 -17.42 -23.75
CA ILE B 474 -29.73 -17.12 -22.61
C ILE B 474 -31.14 -16.77 -23.09
N ARG B 475 -31.21 -15.90 -24.09
CA ARG B 475 -32.49 -15.49 -24.67
C ARG B 475 -33.26 -16.66 -25.28
N ARG B 476 -32.53 -17.57 -25.91
CA ARG B 476 -33.14 -18.76 -26.50
C ARG B 476 -33.74 -19.65 -25.43
N LEU B 477 -32.98 -19.91 -24.38
CA LEU B 477 -33.46 -20.71 -23.25
C LEU B 477 -34.66 -20.06 -22.58
N MET B 478 -34.69 -18.73 -22.61
CA MET B 478 -35.79 -17.99 -22.00
C MET B 478 -37.04 -18.05 -22.87
N ASP B 479 -36.84 -18.25 -24.18
CA ASP B 479 -37.96 -18.34 -25.11
C ASP B 479 -38.43 -19.77 -25.30
N GLY B 480 -37.86 -20.69 -24.53
CA GLY B 480 -38.24 -22.08 -24.60
C GLY B 480 -37.65 -22.76 -25.83
N GLU B 481 -36.62 -22.14 -26.40
CA GLU B 481 -35.96 -22.69 -27.58
C GLU B 481 -34.76 -23.53 -27.19
N GLU B 482 -34.16 -24.20 -28.18
CA GLU B 482 -32.97 -25.00 -27.95
C GLU B 482 -31.70 -24.15 -28.04
N PRO B 483 -30.79 -24.30 -27.06
CA PRO B 483 -29.54 -23.54 -27.06
C PRO B 483 -28.60 -23.98 -28.18
N LEU B 484 -28.03 -23.03 -28.90
CA LEU B 484 -27.11 -23.35 -29.99
C LEU B 484 -25.76 -23.80 -29.41
N PRO B 485 -25.09 -24.74 -30.10
CA PRO B 485 -23.75 -25.17 -29.68
C PRO B 485 -22.78 -24.00 -29.69
N MET B 486 -21.87 -23.95 -28.71
CA MET B 486 -20.95 -22.83 -28.60
C MET B 486 -19.50 -23.25 -28.74
N LEU B 487 -18.80 -22.63 -29.69
CA LEU B 487 -17.37 -22.81 -29.83
C LEU B 487 -16.63 -21.79 -28.97
N PRO B 488 -15.49 -22.19 -28.40
CA PRO B 488 -14.64 -21.26 -27.64
C PRO B 488 -14.28 -20.04 -28.47
N SER B 489 -14.53 -18.85 -27.93
CA SER B 489 -14.23 -17.61 -28.65
C SER B 489 -13.45 -16.65 -27.75
N TYR B 490 -12.38 -16.10 -28.29
CA TYR B 490 -11.55 -15.14 -27.57
C TYR B 490 -11.63 -13.77 -28.23
N LYS B 491 -11.71 -12.72 -27.43
CA LYS B 491 -11.87 -11.37 -27.95
C LYS B 491 -10.64 -10.92 -28.74
N ASN B 492 -10.90 -10.26 -29.87
CA ASN B 492 -9.85 -9.72 -30.74
C ASN B 492 -8.91 -10.80 -31.27
N PHE B 493 -9.41 -12.03 -31.39
CA PHE B 493 -8.62 -13.12 -31.93
C PHE B 493 -8.99 -13.38 -33.39
N LYS B 494 -8.05 -13.14 -34.28
CA LYS B 494 -8.32 -13.22 -35.72
C LYS B 494 -8.24 -14.65 -36.24
N GLY B 495 -7.75 -15.57 -35.42
CA GLY B 495 -7.57 -16.95 -35.83
C GLY B 495 -8.86 -17.73 -35.79
N THR B 496 -8.76 -19.06 -35.88
CA THR B 496 -9.94 -19.92 -35.87
C THR B 496 -9.82 -21.01 -34.82
N ILE B 497 -10.97 -21.48 -34.35
CA ILE B 497 -11.01 -22.56 -33.36
C ILE B 497 -12.03 -23.61 -33.76
N GLU B 498 -11.55 -24.79 -34.17
CA GLU B 498 -12.42 -25.88 -34.59
C GLU B 498 -12.56 -26.94 -33.50
N GLU B 499 -13.65 -27.69 -33.55
CA GLU B 499 -13.89 -28.77 -32.60
C GLU B 499 -13.76 -30.13 -33.29
N LEU B 500 -12.97 -31.01 -32.70
CA LEU B 500 -12.85 -32.37 -33.19
C LEU B 500 -13.77 -33.28 -32.38
N ALA B 501 -13.24 -33.79 -31.28
CA ALA B 501 -14.03 -34.55 -30.32
C ALA B 501 -14.65 -33.58 -29.31
N PRO B 502 -15.73 -34.00 -28.63
CA PRO B 502 -16.31 -33.17 -27.57
C PRO B 502 -15.28 -32.76 -26.52
N ASN B 503 -15.31 -31.48 -26.14
CA ASN B 503 -14.37 -30.91 -25.17
C ASN B 503 -12.92 -31.02 -25.60
N GLN B 504 -12.70 -31.13 -26.92
CA GLN B 504 -11.36 -31.14 -27.49
C GLN B 504 -11.32 -30.25 -28.72
N TYR B 505 -10.53 -29.18 -28.67
CA TYR B 505 -10.55 -28.17 -29.71
C TYR B 505 -9.17 -27.95 -30.34
N VAL B 506 -9.18 -27.37 -31.54
CA VAL B 506 -7.94 -27.00 -32.22
C VAL B 506 -7.89 -25.49 -32.47
N ILE B 507 -6.86 -24.85 -31.93
CA ILE B 507 -6.70 -23.41 -32.10
C ILE B 507 -5.61 -23.10 -33.12
N SER B 508 -5.99 -22.41 -34.18
CA SER B 508 -5.07 -22.12 -35.27
C SER B 508 -4.87 -20.62 -35.46
N GLY B 509 -3.62 -20.23 -35.70
CA GLY B 509 -3.31 -18.83 -35.99
C GLY B 509 -3.58 -18.53 -37.45
N GLU B 510 -3.11 -17.36 -37.90
CA GLU B 510 -3.32 -16.97 -39.29
C GLU B 510 -1.99 -16.82 -40.02
N VAL B 511 -1.91 -17.38 -41.21
CA VAL B 511 -0.72 -17.25 -42.06
C VAL B 511 -1.15 -16.97 -43.50
N ALA B 512 -0.37 -16.18 -44.22
CA ALA B 512 -0.69 -15.87 -45.61
C ALA B 512 0.55 -15.88 -46.49
N ILE B 513 0.39 -16.32 -47.74
CA ILE B 513 1.47 -16.30 -48.71
C ILE B 513 1.51 -14.97 -49.45
N LEU B 514 2.65 -14.29 -49.38
CA LEU B 514 2.82 -13.00 -50.06
C LEU B 514 3.38 -13.20 -51.46
N ASN B 515 4.46 -13.96 -51.56
CA ASN B 515 5.03 -14.33 -52.86
C ASN B 515 5.77 -15.67 -52.78
N SER B 516 6.67 -15.89 -53.73
CA SER B 516 7.41 -17.15 -53.80
C SER B 516 8.48 -17.26 -52.72
N THR B 517 8.75 -16.15 -52.03
CA THR B 517 9.82 -16.12 -51.03
C THR B 517 9.39 -15.48 -49.71
N THR B 518 8.15 -15.00 -49.65
CA THR B 518 7.70 -14.23 -48.48
C THR B 518 6.32 -14.66 -48.00
N ILE B 519 6.19 -14.80 -46.67
CA ILE B 519 4.90 -15.13 -46.06
C ILE B 519 4.58 -14.18 -44.91
N GLU B 520 3.29 -14.09 -44.57
CA GLU B 520 2.83 -13.19 -43.53
C GLU B 520 2.09 -13.93 -42.41
N ILE B 521 2.63 -13.84 -41.20
CA ILE B 521 1.96 -14.39 -40.02
C ILE B 521 1.16 -13.31 -39.32
N SER B 522 -0.16 -13.35 -39.45
CA SER B 522 -1.02 -12.28 -38.96
C SER B 522 -1.57 -12.55 -37.56
N GLU B 523 -1.54 -13.80 -37.12
CA GLU B 523 -2.08 -14.13 -35.81
C GLU B 523 -1.45 -15.38 -35.21
N LEU B 524 -1.13 -15.33 -33.92
CA LEU B 524 -0.66 -16.49 -33.18
C LEU B 524 -1.83 -17.12 -32.43
N PRO B 525 -1.77 -18.45 -32.20
CA PRO B 525 -2.85 -19.12 -31.46
C PRO B 525 -3.00 -18.57 -30.05
N VAL B 526 -4.17 -18.80 -29.45
CA VAL B 526 -4.49 -18.25 -28.14
C VAL B 526 -3.48 -18.68 -27.07
N ARG B 527 -3.09 -17.73 -26.23
CA ARG B 527 -2.13 -17.94 -25.15
C ARG B 527 -0.74 -18.35 -25.65
N THR B 528 -0.50 -18.15 -26.93
CA THR B 528 0.85 -18.29 -27.48
C THR B 528 1.46 -16.89 -27.61
N TRP B 529 2.36 -16.56 -26.68
CA TRP B 529 2.83 -15.19 -26.55
C TRP B 529 3.90 -14.84 -27.59
N THR B 530 3.95 -13.55 -27.94
CA THR B 530 4.79 -13.07 -29.05
C THR B 530 6.28 -13.26 -28.80
N GLN B 531 6.76 -12.85 -27.64
CA GLN B 531 8.17 -12.96 -27.30
C GLN B 531 8.65 -14.41 -27.25
N THR B 532 7.85 -15.27 -26.61
CA THR B 532 8.20 -16.68 -26.49
C THR B 532 8.24 -17.35 -27.85
N TYR B 533 7.32 -16.96 -28.73
CA TYR B 533 7.24 -17.53 -30.06
C TYR B 533 8.46 -17.18 -30.89
N LYS B 534 8.93 -15.95 -30.78
CA LYS B 534 10.11 -15.50 -31.51
C LYS B 534 11.34 -16.29 -31.08
N GLU B 535 11.44 -16.55 -29.78
CA GLU B 535 12.61 -17.24 -29.23
C GLU B 535 12.57 -18.75 -29.43
N GLN B 536 11.38 -19.34 -29.35
CA GLN B 536 11.26 -20.79 -29.35
C GLN B 536 10.96 -21.39 -30.74
N VAL B 537 10.56 -20.54 -31.68
CA VAL B 537 10.18 -21.02 -33.00
C VAL B 537 10.99 -20.41 -34.15
N LEU B 538 11.01 -19.09 -34.22
CA LEU B 538 11.65 -18.38 -35.33
C LEU B 538 13.17 -18.40 -35.26
N GLU B 539 13.72 -18.08 -34.09
CA GLU B 539 15.17 -18.08 -33.90
C GLU B 539 15.81 -19.45 -34.17
N PRO B 540 15.15 -20.56 -33.77
CA PRO B 540 15.71 -21.84 -34.22
C PRO B 540 15.66 -22.00 -35.74
N MET B 541 14.59 -21.51 -36.38
CA MET B 541 14.45 -21.61 -37.83
C MET B 541 15.50 -20.77 -38.56
N LEU B 542 16.04 -19.77 -37.88
CA LEU B 542 17.05 -18.90 -38.46
C LEU B 542 18.45 -19.49 -38.32
N ASN B 543 18.66 -20.30 -37.28
CA ASN B 543 19.97 -20.86 -37.01
C ASN B 543 20.00 -22.38 -37.13
N GLY B 544 20.54 -23.04 -36.10
CA GLY B 544 20.67 -24.48 -36.09
C GLY B 544 20.20 -25.13 -34.80
N THR B 548 19.91 -29.27 -36.61
CA THR B 548 19.04 -29.17 -37.77
C THR B 548 19.39 -27.95 -38.63
N PRO B 549 19.27 -28.09 -39.97
CA PRO B 549 19.59 -27.01 -40.91
C PRO B 549 18.59 -25.86 -40.88
N PRO B 550 19.04 -24.63 -41.19
CA PRO B 550 18.20 -23.43 -41.23
C PRO B 550 17.08 -23.52 -42.25
N LEU B 551 15.91 -22.97 -41.92
CA LEU B 551 14.78 -22.99 -42.82
C LEU B 551 14.48 -21.61 -43.39
N ILE B 552 14.39 -20.62 -42.51
CA ILE B 552 14.10 -19.25 -42.92
C ILE B 552 15.39 -18.45 -43.11
N THR B 553 15.33 -17.43 -43.95
CA THR B 553 16.49 -16.59 -44.23
C THR B 553 16.50 -15.34 -43.38
N ASP B 554 15.33 -14.73 -43.19
CA ASP B 554 15.20 -13.51 -42.41
C ASP B 554 13.76 -13.26 -41.97
N TYR B 555 13.57 -12.43 -40.96
CA TYR B 555 12.25 -12.06 -40.49
C TYR B 555 12.23 -10.68 -39.85
N ARG B 556 11.10 -9.99 -39.96
CA ARG B 556 10.93 -8.65 -39.41
C ARG B 556 9.68 -8.56 -38.55
N GLU B 557 9.74 -7.74 -37.51
CA GLU B 557 8.64 -7.59 -36.57
C GLU B 557 7.86 -6.29 -36.77
N TYR B 558 6.54 -6.40 -36.87
CA TYR B 558 5.67 -5.23 -37.01
C TYR B 558 4.57 -5.27 -35.96
N HIS B 559 4.95 -5.59 -34.73
CA HIS B 559 3.98 -5.78 -33.66
C HIS B 559 3.51 -4.48 -33.03
N THR B 560 2.23 -4.40 -32.73
CA THR B 560 1.72 -3.40 -31.81
C THR B 560 1.63 -4.05 -30.43
N ASP B 561 1.00 -3.36 -29.48
CA ASP B 561 0.86 -3.92 -28.14
C ASP B 561 -0.33 -4.88 -28.08
N THR B 562 -1.14 -4.89 -29.14
CA THR B 562 -2.35 -5.71 -29.16
C THR B 562 -2.45 -6.62 -30.39
N THR B 563 -1.54 -6.46 -31.34
CA THR B 563 -1.57 -7.27 -32.55
C THR B 563 -0.22 -7.89 -32.87
N VAL B 564 -0.24 -8.97 -33.64
CA VAL B 564 0.97 -9.67 -34.02
C VAL B 564 1.14 -9.67 -35.53
N LYS B 565 2.34 -9.36 -36.01
CA LYS B 565 2.61 -9.40 -37.45
C LYS B 565 4.06 -9.79 -37.73
N PHE B 566 4.24 -11.00 -38.25
CA PHE B 566 5.55 -11.47 -38.66
C PHE B 566 5.65 -11.56 -40.19
N VAL B 567 6.75 -11.08 -40.74
CA VAL B 567 7.04 -11.24 -42.16
C VAL B 567 8.29 -12.09 -42.33
N VAL B 568 8.16 -13.22 -43.00
CA VAL B 568 9.26 -14.18 -43.08
C VAL B 568 9.78 -14.34 -44.51
N LYS B 569 11.09 -14.29 -44.65
CA LYS B 569 11.74 -14.48 -45.95
C LYS B 569 12.37 -15.87 -46.04
N MET B 570 12.03 -16.60 -47.09
CA MET B 570 12.58 -17.93 -47.32
C MET B 570 12.97 -18.12 -48.78
N THR B 571 13.66 -19.21 -49.08
CA THR B 571 13.97 -19.56 -50.46
C THR B 571 12.71 -20.12 -51.11
N GLU B 572 12.70 -20.17 -52.43
CA GLU B 572 11.54 -20.66 -53.17
C GLU B 572 11.30 -22.15 -52.93
N GLU B 573 12.38 -22.89 -52.72
CA GLU B 573 12.30 -24.32 -52.45
C GLU B 573 11.71 -24.61 -51.06
N LYS B 574 12.18 -23.87 -50.07
CA LYS B 574 11.72 -24.06 -48.69
C LYS B 574 10.22 -23.80 -48.54
N LEU B 575 9.74 -22.74 -49.17
CA LEU B 575 8.33 -22.36 -49.09
C LEU B 575 7.43 -23.38 -49.79
N ALA B 576 7.87 -23.86 -50.96
CA ALA B 576 7.14 -24.87 -51.71
C ALA B 576 6.99 -26.15 -50.88
N GLU B 577 8.03 -26.46 -50.11
CA GLU B 577 8.02 -27.62 -49.23
C GLU B 577 6.99 -27.44 -48.12
N ALA B 578 7.03 -26.28 -47.46
CA ALA B 578 6.13 -25.96 -46.36
C ALA B 578 4.67 -25.89 -46.82
N GLU B 579 4.45 -25.53 -48.09
CA GLU B 579 3.11 -25.38 -48.62
C GLU B 579 2.36 -26.72 -48.70
N ARG B 580 3.04 -27.75 -49.16
CA ARG B 580 2.43 -29.07 -49.28
C ARG B 580 2.29 -29.73 -47.91
N VAL B 581 3.26 -29.49 -47.04
CA VAL B 581 3.23 -30.01 -45.68
C VAL B 581 2.14 -29.34 -44.85
N GLY B 582 2.08 -28.01 -44.92
CA GLY B 582 1.12 -27.23 -44.17
C GLY B 582 1.80 -26.14 -43.38
N LEU B 583 1.57 -24.89 -43.79
CA LEU B 583 2.21 -23.74 -43.17
C LEU B 583 1.94 -23.65 -41.66
N HIS B 584 0.70 -23.93 -41.27
CA HIS B 584 0.32 -23.91 -39.87
C HIS B 584 1.08 -24.94 -39.06
N LYS B 585 1.29 -26.12 -39.65
CA LYS B 585 2.01 -27.19 -39.00
C LYS B 585 3.51 -26.88 -38.90
N VAL B 586 4.07 -26.35 -39.99
CA VAL B 586 5.49 -26.06 -40.07
C VAL B 586 5.91 -24.97 -39.08
N PHE B 587 5.18 -23.87 -39.07
CA PHE B 587 5.52 -22.73 -38.22
C PHE B 587 4.85 -22.81 -36.85
N LYS B 588 4.27 -23.96 -36.54
CA LYS B 588 3.67 -24.23 -35.24
C LYS B 588 2.62 -23.20 -34.85
N LEU B 589 1.71 -22.91 -35.77
CA LEU B 589 0.65 -21.95 -35.51
C LEU B 589 -0.63 -22.65 -35.07
N GLN B 590 -0.46 -23.90 -34.62
CA GLN B 590 -1.59 -24.68 -34.11
C GLN B 590 -1.33 -25.20 -32.70
N THR B 591 -2.26 -24.93 -31.80
CA THR B 591 -2.21 -25.47 -30.45
C THR B 591 -3.50 -26.22 -30.15
N SER B 592 -3.40 -27.32 -29.43
CA SER B 592 -4.59 -28.11 -29.08
C SER B 592 -5.11 -27.67 -27.72
N LEU B 593 -6.42 -27.81 -27.53
CA LEU B 593 -7.06 -27.42 -26.27
C LEU B 593 -8.05 -28.47 -25.80
N THR B 594 -7.65 -29.24 -24.80
CA THR B 594 -8.53 -30.25 -24.23
C THR B 594 -9.03 -29.82 -22.86
N CYS B 595 -10.36 -29.75 -22.72
CA CYS B 595 -10.96 -29.32 -21.47
C CYS B 595 -11.94 -30.38 -20.95
N ASN B 596 -11.40 -31.37 -20.25
CA ASN B 596 -12.22 -32.42 -19.67
C ASN B 596 -12.42 -32.21 -18.17
N SER B 597 -11.50 -31.48 -17.56
CA SER B 597 -11.55 -31.24 -16.13
C SER B 597 -12.23 -29.92 -15.80
N MET B 598 -13.47 -29.76 -16.24
CA MET B 598 -14.22 -28.55 -15.94
C MET B 598 -14.91 -28.70 -14.58
N VAL B 599 -14.13 -28.51 -13.52
CA VAL B 599 -14.62 -28.72 -12.16
C VAL B 599 -14.95 -27.40 -11.46
N LEU B 600 -16.19 -27.29 -11.00
CA LEU B 600 -16.65 -26.06 -10.35
C LEU B 600 -17.45 -26.36 -9.09
N PHE B 601 -17.61 -25.35 -8.24
CA PHE B 601 -18.50 -25.44 -7.09
C PHE B 601 -19.90 -24.99 -7.51
N ASP B 602 -20.90 -25.79 -7.18
CA ASP B 602 -22.28 -25.42 -7.46
C ASP B 602 -22.76 -24.38 -6.45
N HIS B 603 -24.06 -24.12 -6.44
CA HIS B 603 -24.61 -23.07 -5.60
C HIS B 603 -24.73 -23.48 -4.14
N VAL B 604 -24.26 -24.69 -3.81
CA VAL B 604 -24.32 -25.17 -2.43
C VAL B 604 -22.96 -25.66 -1.93
N GLY B 605 -21.91 -25.35 -2.67
CA GLY B 605 -20.56 -25.66 -2.24
C GLY B 605 -20.14 -27.11 -2.50
N CYS B 606 -20.81 -27.76 -3.45
CA CYS B 606 -20.46 -29.12 -3.85
C CYS B 606 -19.65 -29.13 -5.15
N LEU B 607 -18.59 -29.92 -5.18
CA LEU B 607 -17.73 -29.99 -6.36
C LEU B 607 -18.33 -30.84 -7.47
N LYS B 608 -18.83 -30.17 -8.50
CA LYS B 608 -19.39 -30.86 -9.66
C LYS B 608 -18.43 -30.82 -10.84
N LYS B 609 -18.43 -31.88 -11.63
CA LYS B 609 -17.62 -31.94 -12.84
C LYS B 609 -18.53 -31.87 -14.05
N TYR B 610 -18.57 -30.71 -14.69
CA TYR B 610 -19.48 -30.49 -15.81
C TYR B 610 -18.89 -31.07 -17.09
N ASP B 611 -19.75 -31.69 -17.90
CA ASP B 611 -19.32 -32.39 -19.10
C ASP B 611 -19.23 -31.45 -20.29
N THR B 612 -20.27 -30.64 -20.50
CA THR B 612 -20.25 -29.64 -21.56
C THR B 612 -20.57 -28.27 -20.97
N VAL B 613 -20.25 -27.21 -21.71
CA VAL B 613 -20.49 -25.86 -21.22
C VAL B 613 -21.98 -25.53 -21.26
N LEU B 614 -22.75 -26.29 -22.04
CA LEU B 614 -24.19 -26.09 -22.10
C LEU B 614 -24.86 -26.60 -20.84
N ASP B 615 -24.20 -27.55 -20.17
CA ASP B 615 -24.67 -28.01 -18.86
C ASP B 615 -24.56 -26.88 -17.85
N ILE B 616 -23.40 -26.22 -17.85
CA ILE B 616 -23.17 -25.05 -17.02
C ILE B 616 -24.18 -23.95 -17.32
N LEU B 617 -24.42 -23.72 -18.61
CA LEU B 617 -25.37 -22.72 -19.06
C LEU B 617 -26.80 -23.02 -18.59
N ARG B 618 -27.17 -24.29 -18.62
CA ARG B 618 -28.52 -24.69 -18.23
C ARG B 618 -28.73 -24.55 -16.73
N ASP B 619 -27.83 -25.13 -15.94
CA ASP B 619 -27.89 -25.01 -14.48
C ASP B 619 -27.90 -23.55 -14.05
N PHE B 620 -27.05 -22.74 -14.67
CA PHE B 620 -27.03 -21.31 -14.38
C PHE B 620 -28.38 -20.67 -14.65
N PHE B 621 -28.97 -21.01 -15.80
CA PHE B 621 -30.24 -20.43 -16.23
C PHE B 621 -31.34 -20.66 -15.20
N GLU B 622 -31.41 -21.87 -14.67
CA GLU B 622 -32.38 -22.21 -13.63
C GLU B 622 -32.21 -21.31 -12.41
N LEU B 623 -30.98 -21.25 -11.91
CA LEU B 623 -30.68 -20.46 -10.71
C LEU B 623 -30.95 -18.98 -10.92
N ARG B 624 -30.49 -18.46 -12.05
CA ARG B 624 -30.64 -17.04 -12.36
C ARG B 624 -32.11 -16.65 -12.51
N LEU B 625 -32.89 -17.52 -13.16
CA LEU B 625 -34.31 -17.27 -13.33
C LEU B 625 -35.03 -17.26 -11.99
N LYS B 626 -34.64 -18.17 -11.10
CA LYS B 626 -35.18 -18.23 -9.75
C LYS B 626 -34.94 -16.93 -8.98
N TYR B 627 -33.72 -16.40 -9.09
CA TYR B 627 -33.34 -15.21 -8.33
C TYR B 627 -33.93 -13.94 -8.91
N TYR B 628 -34.37 -13.98 -10.15
CA TYR B 628 -35.11 -12.86 -10.73
C TYR B 628 -36.51 -12.85 -10.12
N GLY B 629 -37.04 -14.02 -9.84
CA GLY B 629 -38.29 -14.15 -9.11
C GLY B 629 -38.11 -13.59 -7.72
N LEU B 630 -37.03 -13.99 -7.07
CA LEU B 630 -36.70 -13.51 -5.73
C LEU B 630 -36.51 -12.00 -5.69
N ARG B 631 -35.85 -11.45 -6.71
CA ARG B 631 -35.62 -10.01 -6.78
C ARG B 631 -36.94 -9.27 -6.87
N LYS B 632 -37.85 -9.77 -7.69
CA LYS B 632 -39.16 -9.15 -7.85
C LYS B 632 -39.91 -9.16 -6.53
N GLU B 633 -39.86 -10.30 -5.84
CA GLU B 633 -40.53 -10.46 -4.56
C GLU B 633 -40.02 -9.43 -3.57
N TRP B 634 -38.70 -9.29 -3.48
CA TRP B 634 -38.09 -8.31 -2.60
C TRP B 634 -38.45 -6.88 -3.01
N LEU B 635 -38.37 -6.60 -4.31
CA LEU B 635 -38.68 -5.27 -4.82
C LEU B 635 -40.14 -4.89 -4.56
N LEU B 636 -41.03 -5.88 -4.63
CA LEU B 636 -42.44 -5.64 -4.31
C LEU B 636 -42.61 -5.17 -2.88
N GLY B 637 -41.93 -5.87 -1.96
CA GLY B 637 -41.93 -5.51 -0.56
C GLY B 637 -41.39 -4.12 -0.32
N MET B 638 -40.21 -3.85 -0.89
CA MET B 638 -39.54 -2.57 -0.71
C MET B 638 -40.35 -1.42 -1.30
N LEU B 639 -40.68 -1.53 -2.58
CA LEU B 639 -41.44 -0.48 -3.26
C LEU B 639 -42.80 -0.28 -2.60
N GLY B 640 -43.37 -1.37 -2.10
CA GLY B 640 -44.62 -1.31 -1.37
C GLY B 640 -44.51 -0.46 -0.11
N ALA B 641 -43.49 -0.73 0.68
CA ALA B 641 -43.24 0.03 1.91
C ALA B 641 -42.97 1.50 1.60
N GLU B 642 -42.14 1.73 0.59
CA GLU B 642 -41.79 3.09 0.18
C GLU B 642 -43.02 3.85 -0.30
N SER B 643 -43.93 3.16 -0.99
CA SER B 643 -45.16 3.78 -1.45
C SER B 643 -46.08 4.10 -0.28
N ALA B 644 -46.14 3.18 0.68
CA ALA B 644 -46.93 3.36 1.90
C ALA B 644 -46.43 4.55 2.69
N LYS B 645 -45.12 4.65 2.83
CA LYS B 645 -44.47 5.75 3.53
C LYS B 645 -44.78 7.09 2.86
N LEU B 646 -44.72 7.12 1.54
CA LEU B 646 -45.02 8.32 0.78
C LEU B 646 -46.49 8.70 0.91
N ASN B 647 -47.36 7.69 1.00
CA ASN B 647 -48.78 7.90 1.22
C ASN B 647 -49.04 8.63 2.53
N ASN B 648 -48.39 8.16 3.59
CA ASN B 648 -48.51 8.77 4.92
C ASN B 648 -47.97 10.19 4.94
N GLN B 649 -46.82 10.40 4.29
CA GLN B 649 -46.20 11.72 4.25
C GLN B 649 -47.07 12.72 3.48
N ALA B 650 -47.67 12.27 2.39
CA ALA B 650 -48.54 13.13 1.59
C ALA B 650 -49.81 13.50 2.37
N ARG B 651 -50.42 12.50 2.99
CA ARG B 651 -51.62 12.71 3.80
C ARG B 651 -51.35 13.67 4.96
N PHE B 652 -50.20 13.51 5.59
CA PHE B 652 -49.81 14.36 6.72
C PHE B 652 -49.71 15.82 6.29
N ILE B 653 -49.03 16.06 5.17
CA ILE B 653 -48.86 17.41 4.64
C ILE B 653 -50.21 18.05 4.31
N LEU B 654 -51.06 17.33 3.60
CA LEU B 654 -52.35 17.86 3.17
C LEU B 654 -53.27 18.17 4.35
N GLU B 655 -53.24 17.33 5.37
CA GLU B 655 -54.06 17.54 6.56
C GLU B 655 -53.56 18.73 7.37
N LYS B 656 -52.25 18.93 7.38
CA LYS B 656 -51.64 20.07 8.06
C LYS B 656 -52.04 21.39 7.40
N ILE B 657 -52.01 21.41 6.07
CA ILE B 657 -52.38 22.60 5.31
C ILE B 657 -53.87 22.89 5.47
N ASP B 658 -54.69 21.85 5.39
CA ASP B 658 -56.13 21.99 5.59
C ASP B 658 -56.47 22.41 7.01
N GLY B 659 -55.53 22.22 7.92
CA GLY B 659 -55.71 22.63 9.31
C GLY B 659 -56.34 21.57 10.18
N LYS B 660 -56.28 20.32 9.73
CA LYS B 660 -56.85 19.22 10.49
C LYS B 660 -55.91 18.78 11.61
N ILE B 661 -54.64 19.18 11.51
CA ILE B 661 -53.66 18.85 12.53
C ILE B 661 -52.85 20.10 12.91
N ILE B 662 -52.75 20.35 14.22
CA ILE B 662 -51.95 21.45 14.72
C ILE B 662 -50.72 20.91 15.46
N ILE B 663 -49.54 21.37 15.04
CA ILE B 663 -48.29 20.90 15.62
C ILE B 663 -47.48 22.05 16.21
N GLU B 664 -47.92 23.27 15.96
CA GLU B 664 -47.22 24.46 16.45
C GLU B 664 -47.21 24.51 17.97
N ASN B 665 -46.01 24.49 18.54
CA ASN B 665 -45.78 24.58 19.98
C ASN B 665 -46.46 23.45 20.77
N LYS B 666 -46.79 22.37 20.07
CA LYS B 666 -47.38 21.20 20.72
C LYS B 666 -46.29 20.25 21.20
N PRO B 667 -46.44 19.71 22.42
CA PRO B 667 -45.47 18.75 22.97
C PRO B 667 -45.39 17.48 22.13
N LYS B 668 -44.23 16.82 22.17
CA LYS B 668 -44.00 15.63 21.35
C LYS B 668 -44.95 14.50 21.69
N LYS B 669 -45.07 14.18 22.98
CA LYS B 669 -45.89 13.06 23.43
C LYS B 669 -47.36 13.24 23.07
N GLU B 670 -47.87 14.47 23.20
CA GLU B 670 -49.25 14.75 22.84
C GLU B 670 -49.46 14.57 21.34
N LEU B 671 -48.51 15.05 20.56
CA LEU B 671 -48.60 14.97 19.10
C LEU B 671 -48.54 13.55 18.58
N ILE B 672 -47.76 12.71 19.27
CA ILE B 672 -47.69 11.28 18.93
C ILE B 672 -49.05 10.63 19.14
N LYS B 673 -49.69 10.95 20.27
CA LYS B 673 -51.02 10.44 20.58
C LYS B 673 -52.02 10.87 19.51
N VAL B 674 -51.86 12.09 19.01
CA VAL B 674 -52.72 12.62 17.96
C VAL B 674 -52.62 11.78 16.69
N LEU B 675 -51.38 11.52 16.27
CA LEU B 675 -51.14 10.76 15.05
C LEU B 675 -51.68 9.34 15.14
N ILE B 676 -51.43 8.67 16.26
CA ILE B 676 -51.90 7.31 16.48
C ILE B 676 -53.43 7.26 16.46
N GLN B 677 -54.07 8.23 17.11
CA GLN B 677 -55.52 8.28 17.18
C GLN B 677 -56.13 8.66 15.84
N ARG B 678 -55.32 9.19 14.94
CA ARG B 678 -55.78 9.56 13.60
C ARG B 678 -55.44 8.45 12.60
N GLY B 679 -54.89 7.36 13.11
CA GLY B 679 -54.65 6.17 12.31
C GLY B 679 -53.43 6.20 11.40
N TYR B 680 -52.53 7.14 11.64
CA TYR B 680 -51.28 7.20 10.88
C TYR B 680 -50.43 5.96 11.16
N ASP B 681 -49.88 5.37 10.10
CA ASP B 681 -49.07 4.17 10.23
C ASP B 681 -47.65 4.51 10.65
N SER B 682 -47.02 3.60 11.39
CA SER B 682 -45.61 3.73 11.73
C SER B 682 -44.77 3.66 10.46
N ASP B 683 -43.50 4.07 10.55
CA ASP B 683 -42.60 4.09 9.40
C ASP B 683 -42.57 2.72 8.70
N PRO B 684 -43.19 2.65 7.51
CA PRO B 684 -43.35 1.38 6.78
C PRO B 684 -42.03 0.83 6.27
N VAL B 685 -41.14 1.71 5.82
CA VAL B 685 -39.82 1.28 5.35
C VAL B 685 -39.03 0.69 6.51
N LYS B 686 -39.06 1.39 7.64
CA LYS B 686 -38.40 0.91 8.85
C LYS B 686 -39.01 -0.41 9.32
N ALA B 687 -40.34 -0.48 9.34
CA ALA B 687 -41.05 -1.68 9.76
C ALA B 687 -40.80 -2.87 8.85
N TRP B 688 -40.71 -2.61 7.54
CA TRP B 688 -40.48 -3.68 6.58
C TRP B 688 -39.04 -4.17 6.66
N LYS B 689 -38.10 -3.24 6.84
CA LYS B 689 -36.70 -3.58 6.99
C LYS B 689 -36.45 -4.45 8.21
N GLU B 690 -37.10 -4.12 9.31
CA GLU B 690 -36.94 -4.87 10.56
C GLU B 690 -37.58 -6.26 10.43
N ALA B 691 -38.52 -6.40 9.51
CA ALA B 691 -39.19 -7.68 9.29
C ALA B 691 -38.27 -8.64 8.54
N GLN B 692 -37.10 -8.16 8.12
CA GLN B 692 -36.14 -8.96 7.38
C GLN B 692 -35.05 -9.52 8.31
N GLN B 693 -35.43 -10.43 9.19
CA GLN B 693 -34.48 -11.07 10.10
C GLN B 693 -34.79 -12.55 10.27
N SER B 719 -38.97 -0.31 21.79
CA SER B 719 -39.24 1.03 21.27
C SER B 719 -40.61 1.08 20.60
N GLY B 720 -41.40 2.09 20.96
CA GLY B 720 -42.72 2.30 20.41
C GLY B 720 -42.74 2.68 18.94
N PRO B 721 -43.89 3.19 18.47
CA PRO B 721 -44.10 3.58 17.07
C PRO B 721 -43.21 4.74 16.65
N THR B 722 -42.76 4.73 15.40
CA THR B 722 -41.89 5.77 14.88
C THR B 722 -42.58 6.64 13.83
N PHE B 723 -42.72 7.92 14.13
CA PHE B 723 -43.36 8.86 13.22
C PHE B 723 -42.41 9.98 12.83
N ASN B 724 -41.11 9.76 13.05
CA ASN B 724 -40.09 10.75 12.76
C ASN B 724 -40.08 11.18 11.29
N TYR B 725 -40.31 10.21 10.41
CA TYR B 725 -40.28 10.46 8.97
C TYR B 725 -41.30 11.51 8.54
N LEU B 726 -42.34 11.69 9.35
CA LEU B 726 -43.36 12.68 9.06
C LEU B 726 -42.85 14.08 9.42
N LEU B 727 -42.25 14.21 10.60
CA LEU B 727 -41.79 15.50 11.08
C LEU B 727 -40.39 15.84 10.56
N ASP B 728 -39.68 14.84 10.04
CA ASP B 728 -38.35 15.06 9.47
C ASP B 728 -38.43 15.86 8.19
N MET B 729 -39.61 15.87 7.57
CA MET B 729 -39.82 16.62 6.34
C MET B 729 -39.66 18.11 6.58
N PRO B 730 -38.88 18.77 5.73
CA PRO B 730 -38.63 20.22 5.81
C PRO B 730 -39.91 21.04 5.69
N LEU B 731 -39.84 22.31 6.06
CA LEU B 731 -40.98 23.23 5.93
C LEU B 731 -41.31 23.47 4.46
N TRP B 732 -40.37 23.12 3.59
CA TRP B 732 -40.56 23.25 2.15
C TRP B 732 -41.82 22.54 1.66
N TYR B 733 -42.10 21.36 2.20
CA TYR B 733 -43.21 20.55 1.71
C TYR B 733 -44.57 21.11 2.14
N LEU B 734 -44.56 22.32 2.70
CA LEU B 734 -45.79 23.06 2.97
C LEU B 734 -46.03 24.07 1.85
N THR B 735 -44.96 24.39 1.12
CA THR B 735 -45.05 25.28 -0.03
C THR B 735 -45.82 24.59 -1.16
N LYS B 736 -46.45 25.38 -2.03
CA LYS B 736 -47.26 24.84 -3.13
C LYS B 736 -46.45 23.97 -4.08
N GLU B 737 -45.32 24.49 -4.54
CA GLU B 737 -44.48 23.81 -5.52
C GLU B 737 -43.97 22.46 -5.00
N LYS B 738 -43.64 22.40 -3.72
CA LYS B 738 -43.09 21.19 -3.13
C LYS B 738 -44.20 20.22 -2.73
N LYS B 739 -45.38 20.76 -2.41
CA LYS B 739 -46.54 19.92 -2.11
C LYS B 739 -46.96 19.12 -3.34
N ASP B 740 -47.00 19.80 -4.49
CA ASP B 740 -47.32 19.15 -5.75
C ASP B 740 -46.26 18.11 -6.10
N GLU B 741 -45.01 18.41 -5.76
CA GLU B 741 -43.90 17.48 -5.99
C GLU B 741 -44.07 16.21 -5.16
N LEU B 742 -44.52 16.36 -3.93
CA LEU B 742 -44.72 15.22 -3.05
C LEU B 742 -45.88 14.37 -3.54
N CYS B 743 -46.97 15.02 -3.94
CA CYS B 743 -48.12 14.31 -4.49
C CYS B 743 -47.75 13.64 -5.80
N ARG B 744 -46.81 14.26 -6.53
CA ARG B 744 -46.32 13.68 -7.76
C ARG B 744 -45.48 12.44 -7.50
N LEU B 745 -44.60 12.53 -6.51
CA LEU B 745 -43.72 11.42 -6.16
C LEU B 745 -44.46 10.20 -5.62
N ARG B 746 -45.52 10.43 -4.85
CA ARG B 746 -46.31 9.33 -4.31
C ARG B 746 -47.04 8.59 -5.43
N ASN B 747 -47.60 9.34 -6.37
CA ASN B 747 -48.29 8.75 -7.52
C ASN B 747 -47.31 8.02 -8.42
N GLU B 748 -46.14 8.62 -8.63
CA GLU B 748 -45.11 8.04 -9.47
C GLU B 748 -44.56 6.76 -8.86
N LYS B 749 -44.38 6.77 -7.54
CA LYS B 749 -43.87 5.61 -6.82
C LYS B 749 -44.91 4.50 -6.79
N GLU B 750 -46.17 4.90 -6.62
CA GLU B 750 -47.29 3.97 -6.67
C GLU B 750 -47.35 3.30 -8.05
N GLN B 751 -47.06 4.08 -9.08
CA GLN B 751 -47.02 3.60 -10.45
C GLN B 751 -45.92 2.57 -10.67
N GLU B 752 -44.74 2.85 -10.14
CA GLU B 752 -43.59 1.96 -10.28
C GLU B 752 -43.88 0.58 -9.70
N LEU B 753 -44.56 0.55 -8.56
CA LEU B 753 -44.94 -0.69 -7.91
C LEU B 753 -45.91 -1.48 -8.78
N ASP B 754 -46.92 -0.80 -9.31
CA ASP B 754 -47.91 -1.43 -10.18
C ASP B 754 -47.28 -1.95 -11.47
N THR B 755 -46.31 -1.21 -11.99
CA THR B 755 -45.62 -1.59 -13.22
C THR B 755 -44.82 -2.87 -13.01
N LEU B 756 -44.18 -2.98 -11.85
CA LEU B 756 -43.39 -4.15 -11.51
C LEU B 756 -44.23 -5.42 -11.37
N LYS B 757 -45.44 -5.29 -10.83
CA LYS B 757 -46.32 -6.44 -10.62
C LYS B 757 -46.62 -7.18 -11.91
N ARG B 758 -46.87 -6.45 -12.98
CA ARG B 758 -47.26 -7.03 -14.27
C ARG B 758 -46.06 -7.38 -15.14
N LYS B 759 -44.93 -7.68 -14.50
CA LYS B 759 -43.73 -8.06 -15.21
C LYS B 759 -43.21 -9.40 -14.69
N SER B 760 -42.98 -10.33 -15.62
CA SER B 760 -42.42 -11.63 -15.27
C SER B 760 -40.94 -11.50 -14.97
N PRO B 761 -40.37 -12.47 -14.23
CA PRO B 761 -38.93 -12.50 -13.99
C PRO B 761 -38.14 -12.44 -15.29
N SER B 762 -38.62 -13.12 -16.32
CA SER B 762 -37.98 -13.11 -17.63
C SER B 762 -37.97 -11.71 -18.24
N ASP B 763 -39.05 -10.97 -18.03
CA ASP B 763 -39.14 -9.60 -18.54
C ASP B 763 -38.06 -8.72 -17.92
N LEU B 764 -37.88 -8.86 -16.60
CA LEU B 764 -36.86 -8.11 -15.88
C LEU B 764 -35.47 -8.48 -16.38
N TRP B 765 -35.26 -9.78 -16.61
CA TRP B 765 -34.00 -10.29 -17.12
C TRP B 765 -33.67 -9.67 -18.49
N LYS B 766 -34.69 -9.60 -19.34
CA LYS B 766 -34.54 -9.00 -20.67
C LYS B 766 -34.10 -7.54 -20.57
N GLU B 767 -34.61 -6.84 -19.56
CA GLU B 767 -34.24 -5.45 -19.33
C GLU B 767 -32.76 -5.31 -19.04
N ASP B 768 -32.25 -6.12 -18.12
CA ASP B 768 -30.85 -6.10 -17.76
C ASP B 768 -29.95 -6.47 -18.94
N LEU B 769 -30.36 -7.47 -19.71
CA LEU B 769 -29.59 -7.91 -20.87
C LEU B 769 -29.53 -6.81 -21.92
N ALA B 770 -30.65 -6.15 -22.14
CA ALA B 770 -30.72 -5.04 -23.09
C ALA B 770 -29.81 -3.90 -22.64
N THR B 771 -29.92 -3.52 -21.37
CA THR B 771 -29.10 -2.46 -20.80
C THR B 771 -27.63 -2.82 -20.85
N PHE B 772 -27.33 -4.10 -20.65
CA PHE B 772 -25.95 -4.57 -20.67
C PHE B 772 -25.37 -4.51 -22.09
N ILE B 773 -26.11 -5.01 -23.06
CA ILE B 773 -25.65 -5.07 -24.45
C ILE B 773 -25.34 -3.68 -25.00
N GLU B 774 -26.22 -2.73 -24.71
CA GLU B 774 -26.04 -1.36 -25.19
C GLU B 774 -24.71 -0.79 -24.72
N GLU B 775 -24.43 -0.91 -23.44
CA GLU B 775 -23.17 -0.42 -22.88
C GLU B 775 -22.00 -1.28 -23.35
N LEU B 776 -22.25 -2.57 -23.55
CA LEU B 776 -21.21 -3.47 -24.05
C LEU B 776 -20.72 -3.05 -25.42
N GLU B 777 -21.66 -2.66 -26.28
CA GLU B 777 -21.33 -2.18 -27.61
C GLU B 777 -20.53 -0.88 -27.50
N ALA B 778 -21.01 0.03 -26.66
CA ALA B 778 -20.37 1.32 -26.43
C ALA B 778 -18.94 1.16 -25.94
N VAL B 779 -18.76 0.28 -24.96
CA VAL B 779 -17.43 0.03 -24.39
C VAL B 779 -16.48 -0.52 -25.44
N GLU B 780 -16.88 -1.61 -26.09
CA GLU B 780 -16.02 -2.27 -27.06
C GLU B 780 -15.79 -1.39 -28.30
N ALA B 781 -16.72 -0.49 -28.56
CA ALA B 781 -16.55 0.49 -29.64
C ALA B 781 -15.41 1.44 -29.28
N LYS B 782 -15.44 1.94 -28.06
CA LYS B 782 -14.40 2.84 -27.56
C LYS B 782 -13.05 2.13 -27.56
N GLU B 783 -13.07 0.84 -27.27
CA GLU B 783 -11.85 0.03 -27.30
C GLU B 783 -11.25 0.00 -28.70
N LYS B 784 -12.10 -0.26 -29.71
CA LYS B 784 -11.65 -0.34 -31.09
C LYS B 784 -11.08 0.99 -31.57
N GLN B 785 -11.66 2.09 -31.08
CA GLN B 785 -11.24 3.42 -31.46
C GLN B 785 -9.84 3.71 -30.93
#